data_8ADJ
#
_entry.id   8ADJ
#
_cell.length_a   93.392
_cell.length_b   115.919
_cell.length_c   123.267
_cell.angle_alpha   90.000
_cell.angle_beta   112.205
_cell.angle_gamma   90.000
#
_symmetry.space_group_name_H-M   'P 1 21 1'
#
loop_
_entity.id
_entity.type
_entity.pdbx_description
1 polymer 'Poly(ADP-ribose) glycohydrolase'
2 non-polymer 1-[(2,5-dimethylpyrazol-3-yl)methyl]-N-(1-methylcyclopropyl)-3-[(2-methyl-1,3-thiazol-5-yl)methyl]-2,4-bis(oxidanylidene)quinazoline-6-sulfonamide
3 non-polymer GLYCEROL
4 non-polymer 'SULFATE ION'
5 non-polymer 'CHLORIDE ION'
6 water water
#
_entity_poly.entity_id   1
_entity_poly.type   'polypeptide(L)'
_entity_poly.pdbx_seq_one_letter_code
;MGSSHHHHHHSSGLVPRGSHMSKSPDGGISEIETEEEPENLANSLDDSWRGVSMEAIHRNRQPFELENLPPVTAGNLHRV
MYQLPIRETPPRPYKSPGKWDSEHVRLPCAPESKYPRENPDGSTTIDFRWEMIERALLQPIKTCEELQAAIISYNTTYRD
QWHFRALHQLLDEELDESETRVFFEDLLPRIIRLALRLPDLIQSPVPLLKHHKNASLSLSQQQISCLLANAFLCTFPRRN
TLKRKSEYSTFPDINFNRLYQSTGPAVLEKLKCIMHYFRRVCPTERDASNVPTGVVTFVRRSGLPEHLIDWSQSAAPLGD
VPLHVDAEGTIEDEGIGLLQVDFANKYLGGGVLGHGCVQEEIRFVICPELLVGKLFTECLRPFEALVMLGAERYSNYTGY
AGSFEWSGNFEDSTPRDSSGRRQTAIVAIDALHFAQSHHQYREDLMERELNKAYIGFVHWMVTPPPGVATGNWGCGAFGG
DSYLKALLQLMVCAQLGRPLAYYTFGNVEFRDDFHEMWLLFRNDGTTVQQLWSILRSYSRLIKEKSSKEPRENKASKKKL
YDFIKEELKKVRDVPGEG
;
_entity_poly.pdbx_strand_id   A,B,C
#
loop_
_chem_comp.id
_chem_comp.type
_chem_comp.name
_chem_comp.formula
CL non-polymer 'CHLORIDE ION' 'Cl -1'
GOL non-polymer GLYCEROL 'C3 H8 O3'
LQX non-polymer 1-[(2,5-dimethylpyrazol-3-yl)methyl]-N-(1-methylcyclopropyl)-3-[(2-methyl-1,3-thiazol-5-yl)methyl]-2,4-bis(oxidanylidene)quinazoline-6-sulfonamide 'C23 H26 N6 O4 S2'
SO4 non-polymer 'SULFATE ION' 'O4 S -2'
#
# COMPACT_ATOMS: atom_id res chain seq x y z
N ASP A 46 -15.61 33.57 39.35
CA ASP A 46 -16.00 32.80 40.56
C ASP A 46 -16.44 31.40 40.12
N ASP A 47 -17.58 31.32 39.41
CA ASP A 47 -17.94 30.16 38.60
C ASP A 47 -17.20 30.19 37.25
N SER A 48 -16.99 29.01 36.67
CA SER A 48 -16.39 28.86 35.34
C SER A 48 -17.28 29.42 34.24
N TRP A 49 -18.60 29.50 34.47
CA TRP A 49 -19.60 29.75 33.44
C TRP A 49 -20.41 31.04 33.64
N ARG A 50 -20.90 31.60 32.52
CA ARG A 50 -21.80 32.73 32.47
C ARG A 50 -23.05 32.35 31.68
N GLY A 51 -24.15 33.09 31.89
CA GLY A 51 -25.43 32.87 31.22
C GLY A 51 -26.36 32.08 32.13
N VAL A 52 -27.17 31.16 31.57
CA VAL A 52 -28.04 30.33 32.39
C VAL A 52 -27.30 29.09 32.85
N SER A 53 -27.85 28.41 33.86
CA SER A 53 -27.21 27.26 34.49
C SER A 53 -27.44 26.02 33.64
N MET A 54 -26.74 24.93 34.01
CA MET A 54 -26.86 23.69 33.26
C MET A 54 -28.24 23.08 33.50
N GLU A 55 -28.81 23.26 34.71
CA GLU A 55 -30.17 22.81 34.98
C GLU A 55 -31.11 23.40 33.92
N ALA A 56 -30.86 24.68 33.58
CA ALA A 56 -31.69 25.44 32.68
C ALA A 56 -31.64 24.87 31.26
N ILE A 57 -30.41 24.55 30.82
CA ILE A 57 -30.13 23.99 29.50
C ILE A 57 -30.87 22.68 29.27
N HIS A 58 -31.17 21.95 30.36
CA HIS A 58 -31.96 20.73 30.28
C HIS A 58 -33.47 20.98 30.45
N ARG A 59 -33.90 22.25 30.40
CA ARG A 59 -35.26 22.67 30.66
C ARG A 59 -35.71 22.20 32.04
N ASN A 60 -34.79 22.21 33.03
CA ASN A 60 -35.10 21.88 34.42
C ASN A 60 -35.52 20.41 34.57
N ARG A 61 -35.40 19.60 33.52
CA ARG A 61 -35.57 18.16 33.61
C ARG A 61 -34.18 17.51 33.59
N GLN A 62 -34.11 16.25 34.03
CA GLN A 62 -32.84 15.56 34.19
C GLN A 62 -32.24 15.26 32.82
N PRO A 63 -30.89 15.18 32.69
CA PRO A 63 -30.28 14.90 31.40
C PRO A 63 -30.77 13.53 30.96
N PHE A 64 -30.90 13.34 29.64
CA PHE A 64 -31.33 12.05 29.13
C PHE A 64 -32.85 11.85 29.22
N GLU A 65 -33.64 12.82 29.70
CA GLU A 65 -35.08 12.60 29.62
C GLU A 65 -35.55 12.94 28.20
N LEU A 66 -34.93 13.98 27.62
CA LEU A 66 -35.12 14.34 26.23
C LEU A 66 -34.13 13.59 25.33
N GLU A 67 -34.67 12.98 24.28
CA GLU A 67 -33.93 12.16 23.32
C GLU A 67 -33.66 12.94 22.02
N ASN A 68 -32.58 12.54 21.33
CA ASN A 68 -32.08 13.22 20.14
C ASN A 68 -32.51 12.52 18.85
N LEU A 69 -33.04 11.28 18.96
CA LEU A 69 -33.39 10.48 17.81
C LEU A 69 -34.58 9.59 18.18
N PRO A 70 -35.50 9.29 17.25
CA PRO A 70 -36.55 8.32 17.54
C PRO A 70 -35.97 6.93 17.72
N PRO A 71 -36.73 6.01 18.32
CA PRO A 71 -36.30 4.61 18.45
C PRO A 71 -36.04 3.94 17.11
N VAL A 72 -35.14 2.96 17.15
CA VAL A 72 -34.79 2.19 15.96
C VAL A 72 -36.03 1.42 15.55
N THR A 73 -36.47 1.57 14.29
CA THR A 73 -37.35 0.58 13.67
C THR A 73 -36.92 0.41 12.21
N ALA A 74 -37.05 -0.81 11.64
CA ALA A 74 -36.66 -1.11 10.27
C ALA A 74 -37.68 -0.52 9.29
N GLY A 75 -37.18 0.01 8.16
CA GLY A 75 -38.04 0.64 7.17
C GLY A 75 -37.30 0.85 5.85
N ASN A 76 -38.04 1.42 4.89
CA ASN A 76 -37.51 1.94 3.63
C ASN A 76 -36.28 2.79 3.89
N LEU A 77 -36.26 3.63 4.95
CA LEU A 77 -35.22 4.63 5.19
C LEU A 77 -34.35 4.31 6.42
N HIS A 78 -34.41 3.09 6.93
CA HIS A 78 -33.67 2.72 8.12
C HIS A 78 -33.33 1.24 8.03
N ARG A 79 -32.08 0.93 7.67
CA ARG A 79 -31.62 -0.43 7.59
C ARG A 79 -31.04 -0.83 8.95
N VAL A 80 -31.36 -2.06 9.38
CA VAL A 80 -30.99 -2.51 10.72
C VAL A 80 -30.31 -3.87 10.56
N MET A 81 -29.07 -3.99 11.07
CA MET A 81 -28.19 -5.12 10.75
C MET A 81 -28.38 -6.30 11.70
N TYR A 82 -29.22 -6.11 12.72
CA TYR A 82 -29.54 -7.07 13.77
C TYR A 82 -31.06 -7.21 13.85
N GLN A 83 -31.49 -8.29 14.52
CA GLN A 83 -32.88 -8.70 14.61
C GLN A 83 -33.63 -7.84 15.62
N LEU A 84 -34.82 -7.42 15.20
CA LEU A 84 -35.71 -6.67 16.07
C LEU A 84 -36.89 -7.56 16.52
N PRO A 85 -37.32 -7.49 17.81
CA PRO A 85 -36.66 -6.66 18.83
C PRO A 85 -35.49 -7.43 19.43
N ILE A 86 -34.67 -6.73 20.22
CA ILE A 86 -33.47 -7.32 20.80
C ILE A 86 -33.92 -8.17 21.98
N ARG A 87 -33.66 -9.48 21.95
CA ARG A 87 -33.96 -10.36 23.07
C ARG A 87 -32.65 -10.69 23.79
N GLU A 88 -31.89 -11.66 23.26
CA GLU A 88 -30.51 -11.93 23.67
C GLU A 88 -29.63 -10.70 23.44
N THR A 89 -28.57 -10.57 24.24
CA THR A 89 -27.44 -9.70 23.90
C THR A 89 -26.15 -10.54 23.80
N PRO A 90 -25.22 -10.17 22.91
CA PRO A 90 -25.38 -9.00 22.03
C PRO A 90 -26.46 -9.29 20.99
N PRO A 91 -27.02 -8.29 20.29
CA PRO A 91 -28.09 -8.53 19.30
C PRO A 91 -27.79 -9.63 18.30
N ARG A 92 -28.80 -10.38 17.83
CA ARG A 92 -28.55 -11.44 16.88
C ARG A 92 -28.52 -10.81 15.48
N PRO A 93 -27.49 -11.08 14.64
CA PRO A 93 -27.46 -10.57 13.27
C PRO A 93 -28.69 -10.91 12.42
N TYR A 94 -29.09 -9.97 11.57
CA TYR A 94 -30.15 -10.14 10.60
C TYR A 94 -29.59 -10.80 9.34
N LYS A 95 -30.39 -11.72 8.77
CA LYS A 95 -30.01 -12.51 7.58
C LYS A 95 -30.84 -12.11 6.38
N SER A 96 -30.16 -11.63 5.32
CA SER A 96 -30.75 -11.44 4.00
C SER A 96 -29.63 -11.61 2.97
N PRO A 97 -29.96 -11.87 1.68
CA PRO A 97 -28.93 -12.07 0.66
C PRO A 97 -27.90 -10.94 0.56
N GLY A 98 -26.63 -11.33 0.48
CA GLY A 98 -25.53 -10.38 0.37
C GLY A 98 -25.56 -9.61 -0.94
N LYS A 99 -24.89 -8.46 -0.97
CA LYS A 99 -24.88 -7.63 -2.16
C LYS A 99 -23.48 -7.13 -2.41
N TRP A 100 -23.04 -7.30 -3.66
CA TRP A 100 -21.79 -6.80 -4.18
C TRP A 100 -22.14 -5.93 -5.38
N ASP A 101 -22.35 -4.65 -5.06
CA ASP A 101 -22.83 -3.70 -6.04
C ASP A 101 -22.43 -2.29 -5.59
N SER A 102 -22.89 -1.32 -6.39
CA SER A 102 -22.49 0.07 -6.23
C SER A 102 -23.28 0.72 -5.10
N GLU A 103 -24.22 -0.01 -4.46
CA GLU A 103 -25.13 0.59 -3.47
C GLU A 103 -24.81 0.13 -2.05
N HIS A 104 -23.88 -0.82 -1.93
CA HIS A 104 -23.57 -1.45 -0.65
C HIS A 104 -22.05 -1.56 -0.49
N VAL A 105 -21.66 -1.69 0.78
CA VAL A 105 -20.28 -1.93 1.14
C VAL A 105 -19.85 -3.22 0.46
N ARG A 106 -18.64 -3.18 -0.15
CA ARG A 106 -17.94 -4.35 -0.65
C ARG A 106 -17.15 -4.95 0.52
N LEU A 107 -17.76 -6.00 1.03
CA LEU A 107 -17.33 -6.73 2.20
C LEU A 107 -16.21 -7.66 1.77
N PRO A 108 -15.17 -7.78 2.62
CA PRO A 108 -13.98 -8.57 2.28
C PRO A 108 -14.31 -10.06 2.13
N CYS A 109 -15.41 -10.49 2.79
CA CYS A 109 -15.80 -11.90 2.78
C CYS A 109 -16.79 -12.24 1.66
N ALA A 110 -17.08 -11.30 0.73
CA ALA A 110 -17.98 -11.61 -0.39
C ALA A 110 -17.37 -12.72 -1.27
N PRO A 111 -18.16 -13.74 -1.67
CA PRO A 111 -17.70 -14.71 -2.66
C PRO A 111 -17.32 -14.09 -4.01
N GLU A 112 -17.84 -12.89 -4.33
CA GLU A 112 -17.53 -12.17 -5.56
C GLU A 112 -16.13 -11.52 -5.51
N SER A 113 -15.51 -11.45 -4.30
CA SER A 113 -14.21 -10.82 -4.17
C SER A 113 -13.15 -11.83 -4.60
N LYS A 114 -12.57 -11.61 -5.79
CA LYS A 114 -11.52 -12.44 -6.38
C LYS A 114 -10.19 -11.66 -6.38
N TYR A 115 -9.05 -12.34 -6.42
CA TYR A 115 -7.76 -11.67 -6.30
C TYR A 115 -6.69 -12.50 -6.97
N PRO A 116 -5.80 -11.91 -7.79
CA PRO A 116 -4.61 -12.61 -8.31
C PRO A 116 -3.50 -12.78 -7.27
N ARG A 117 -2.87 -13.95 -7.30
CA ARG A 117 -1.72 -14.26 -6.48
C ARG A 117 -0.62 -14.72 -7.42
N GLU A 118 0.61 -14.21 -7.23
CA GLU A 118 1.80 -14.86 -7.77
C GLU A 118 2.18 -16.01 -6.84
N ASN A 119 2.91 -16.99 -7.36
CA ASN A 119 3.10 -18.23 -6.63
C ASN A 119 4.57 -18.44 -6.28
N PRO A 120 4.90 -19.40 -5.37
CA PRO A 120 6.26 -19.97 -5.33
C PRO A 120 6.97 -19.82 -6.69
N ASP A 121 6.39 -20.40 -7.74
CA ASP A 121 7.07 -20.66 -9.01
C ASP A 121 6.91 -19.53 -10.04
N GLY A 122 6.20 -18.43 -9.73
CA GLY A 122 6.13 -17.28 -10.63
C GLY A 122 4.90 -17.23 -11.56
N SER A 123 3.99 -18.23 -11.52
CA SER A 123 2.74 -18.20 -12.28
C SER A 123 1.61 -17.55 -11.46
N THR A 124 0.46 -17.34 -12.12
CA THR A 124 -0.68 -16.64 -11.52
C THR A 124 -1.82 -17.60 -11.19
N THR A 125 -2.38 -17.48 -9.98
CA THR A 125 -3.67 -18.07 -9.66
C THR A 125 -4.65 -16.96 -9.28
N ILE A 126 -5.84 -16.97 -9.88
CA ILE A 126 -6.95 -16.16 -9.45
C ILE A 126 -7.72 -16.91 -8.35
N ASP A 127 -7.79 -16.37 -7.12
CA ASP A 127 -8.40 -17.05 -6.00
C ASP A 127 -9.49 -16.15 -5.39
N PHE A 128 -10.28 -16.71 -4.44
CA PHE A 128 -11.14 -15.92 -3.57
C PHE A 128 -10.34 -15.22 -2.47
N ARG A 129 -10.42 -13.88 -2.47
CA ARG A 129 -9.61 -13.02 -1.62
C ARG A 129 -9.89 -13.33 -0.15
N TRP A 130 -11.16 -13.65 0.23
CA TRP A 130 -11.45 -13.93 1.63
C TRP A 130 -10.68 -15.17 2.09
N GLU A 131 -10.59 -16.19 1.21
CA GLU A 131 -9.81 -17.40 1.47
C GLU A 131 -8.32 -17.07 1.64
N MET A 132 -7.80 -16.12 0.85
CA MET A 132 -6.40 -15.70 0.93
C MET A 132 -6.14 -14.95 2.23
N ILE A 133 -7.09 -14.10 2.61
CA ILE A 133 -7.02 -13.33 3.86
C ILE A 133 -6.98 -14.29 5.07
N GLU A 134 -7.86 -15.29 5.09
CA GLU A 134 -7.88 -16.30 6.13
C GLU A 134 -6.51 -16.99 6.20
N ARG A 135 -6.01 -17.49 5.07
CA ARG A 135 -4.73 -18.21 5.06
C ARG A 135 -3.60 -17.33 5.59
N ALA A 136 -3.54 -16.05 5.19
CA ALA A 136 -2.49 -15.15 5.63
C ALA A 136 -2.49 -14.90 7.14
N LEU A 137 -3.68 -14.69 7.71
CA LEU A 137 -3.86 -14.23 9.08
C LEU A 137 -3.86 -15.40 10.09
N LEU A 138 -3.93 -16.63 9.58
CA LEU A 138 -3.83 -17.80 10.43
C LEU A 138 -2.42 -18.43 10.35
N GLN A 139 -1.52 -17.96 9.49
CA GLN A 139 -0.09 -18.19 9.67
C GLN A 139 0.33 -17.56 11.00
N PRO A 140 1.34 -18.10 11.72
CA PRO A 140 1.82 -17.41 12.94
C PRO A 140 2.49 -16.08 12.62
N ILE A 141 2.23 -15.08 13.47
CA ILE A 141 2.72 -13.72 13.28
C ILE A 141 3.32 -13.22 14.58
N LYS A 142 4.65 -13.05 14.62
CA LYS A 142 5.38 -12.89 15.87
C LYS A 142 6.05 -11.51 15.93
N THR A 143 6.17 -10.84 14.77
CA THR A 143 6.87 -9.58 14.67
C THR A 143 6.06 -8.58 13.83
N CYS A 144 6.45 -7.31 13.94
CA CYS A 144 5.80 -6.25 13.19
C CYS A 144 6.00 -6.43 11.69
N GLU A 145 7.16 -6.96 11.27
CA GLU A 145 7.44 -7.14 9.85
C GLU A 145 6.54 -8.23 9.24
N GLU A 146 6.30 -9.31 10.00
CA GLU A 146 5.46 -10.43 9.54
C GLU A 146 3.98 -10.05 9.47
N LEU A 147 3.55 -9.16 10.39
CA LEU A 147 2.22 -8.57 10.30
C LEU A 147 2.05 -7.75 9.03
N GLN A 148 3.00 -6.84 8.77
CA GLN A 148 2.98 -6.07 7.55
C GLN A 148 2.96 -7.00 6.33
N ALA A 149 3.75 -8.07 6.32
CA ALA A 149 3.82 -8.89 5.10
C ALA A 149 2.52 -9.66 4.89
N ALA A 150 1.85 -10.02 6.00
CA ALA A 150 0.57 -10.73 5.93
C ALA A 150 -0.51 -9.83 5.32
N ILE A 151 -0.60 -8.60 5.85
CA ILE A 151 -1.56 -7.64 5.33
C ILE A 151 -1.25 -7.32 3.86
N ILE A 152 0.03 -7.20 3.51
CA ILE A 152 0.44 -6.88 2.13
C ILE A 152 0.15 -8.04 1.20
N SER A 153 0.07 -9.27 1.71
CA SER A 153 -0.14 -10.45 0.88
C SER A 153 -1.51 -10.44 0.20
N TYR A 154 -2.48 -9.66 0.72
CA TYR A 154 -3.74 -9.45 0.02
C TYR A 154 -3.93 -7.99 -0.42
N ASN A 155 -2.81 -7.27 -0.50
CA ASN A 155 -2.78 -5.88 -0.92
C ASN A 155 -1.48 -5.64 -1.70
N THR A 156 -1.16 -6.51 -2.66
CA THR A 156 0.20 -6.61 -3.19
C THR A 156 0.58 -5.41 -4.06
N THR A 157 -0.43 -4.75 -4.67
CA THR A 157 -0.28 -3.47 -5.35
C THR A 157 0.46 -2.43 -4.50
N TYR A 158 0.33 -2.54 -3.16
CA TYR A 158 0.81 -1.52 -2.24
C TYR A 158 2.10 -2.01 -1.59
N ARG A 159 2.68 -3.12 -2.06
CA ARG A 159 3.91 -3.65 -1.48
C ARG A 159 4.97 -2.57 -1.22
N ASP A 160 5.23 -1.71 -2.20
CA ASP A 160 6.37 -0.81 -2.09
C ASP A 160 5.94 0.63 -1.77
N GLN A 161 4.66 0.83 -1.45
CA GLN A 161 4.11 2.13 -1.03
C GLN A 161 3.82 2.16 0.47
N TRP A 162 3.30 1.06 1.02
CA TRP A 162 2.92 0.98 2.42
C TRP A 162 4.12 0.54 3.25
N HIS A 163 4.43 1.37 4.24
CA HIS A 163 5.31 0.94 5.31
C HIS A 163 4.67 1.40 6.61
N PHE A 164 4.49 0.44 7.55
CA PHE A 164 3.68 0.68 8.74
C PHE A 164 4.56 1.20 9.88
N ARG A 165 5.25 2.31 9.58
CA ARG A 165 6.21 2.94 10.46
C ARG A 165 5.67 3.27 11.85
N ALA A 166 4.40 3.68 12.00
CA ALA A 166 3.88 4.02 13.31
C ALA A 166 3.70 2.74 14.15
N LEU A 167 3.47 1.62 13.48
CA LEU A 167 3.30 0.36 14.17
C LEU A 167 4.67 -0.18 14.59
N HIS A 168 5.66 -0.10 13.70
CA HIS A 168 7.05 -0.37 14.05
C HIS A 168 7.49 0.52 15.22
N GLN A 169 7.13 1.81 15.22
CA GLN A 169 7.57 2.69 16.28
C GLN A 169 6.90 2.29 17.61
N LEU A 170 5.61 1.91 17.56
CA LEU A 170 4.88 1.56 18.77
C LEU A 170 5.41 0.26 19.34
N LEU A 171 5.63 -0.77 18.51
CA LEU A 171 5.95 -2.10 19.00
C LEU A 171 7.44 -2.30 19.28
N ASP A 172 8.30 -1.67 18.47
CA ASP A 172 9.74 -1.87 18.53
C ASP A 172 10.36 -0.87 19.52
N GLU A 173 9.82 0.36 19.60
CA GLU A 173 10.48 1.44 20.33
C GLU A 173 9.69 1.96 21.52
N GLU A 174 8.37 1.90 21.50
CA GLU A 174 7.55 2.56 22.52
C GLU A 174 7.20 1.61 23.66
N LEU A 175 6.87 0.35 23.34
CA LEU A 175 6.57 -0.67 24.33
C LEU A 175 7.85 -1.44 24.67
N ASP A 176 7.94 -1.99 25.89
CA ASP A 176 9.09 -2.81 26.24
C ASP A 176 8.82 -4.20 25.69
N GLU A 177 9.80 -5.10 25.80
CA GLU A 177 9.77 -6.39 25.15
C GLU A 177 8.52 -7.20 25.53
N SER A 178 8.00 -6.98 26.73
CA SER A 178 6.99 -7.88 27.29
C SER A 178 5.58 -7.40 26.92
N GLU A 179 5.41 -6.07 26.82
CA GLU A 179 4.16 -5.49 26.35
C GLU A 179 3.96 -5.83 24.87
N THR A 180 5.07 -5.96 24.12
CA THR A 180 5.11 -6.34 22.71
C THR A 180 4.80 -7.84 22.53
N ARG A 181 5.32 -8.69 23.41
CA ARG A 181 5.02 -10.12 23.41
C ARG A 181 3.51 -10.29 23.67
N VAL A 182 2.97 -9.47 24.57
CA VAL A 182 1.55 -9.53 24.89
C VAL A 182 0.70 -9.08 23.70
N PHE A 183 1.18 -8.13 22.90
CA PHE A 183 0.54 -7.76 21.65
C PHE A 183 0.41 -8.98 20.73
N PHE A 184 1.49 -9.73 20.49
CA PHE A 184 1.46 -10.82 19.53
C PHE A 184 0.88 -12.10 20.12
N GLU A 185 0.89 -12.28 21.44
CA GLU A 185 0.40 -13.52 22.04
C GLU A 185 -1.07 -13.37 22.40
N ASP A 186 -1.50 -12.17 22.81
CA ASP A 186 -2.87 -11.93 23.23
C ASP A 186 -3.65 -11.11 22.19
N LEU A 187 -3.30 -9.82 22.01
CA LEU A 187 -4.18 -8.85 21.36
C LEU A 187 -4.36 -9.15 19.87
N LEU A 188 -3.26 -9.28 19.14
CA LEU A 188 -3.39 -9.45 17.71
C LEU A 188 -4.18 -10.72 17.39
N PRO A 189 -3.96 -11.87 18.05
CA PRO A 189 -4.81 -13.05 17.77
C PRO A 189 -6.30 -12.82 18.01
N ARG A 190 -6.66 -11.99 19.01
CA ARG A 190 -8.05 -11.66 19.27
C ARG A 190 -8.64 -10.79 18.16
N ILE A 191 -7.84 -9.84 17.63
CA ILE A 191 -8.27 -8.95 16.56
C ILE A 191 -8.50 -9.77 15.31
N ILE A 192 -7.61 -10.72 15.02
CA ILE A 192 -7.75 -11.56 13.84
C ILE A 192 -8.99 -12.44 13.96
N ARG A 193 -9.18 -13.04 15.13
CA ARG A 193 -10.27 -13.98 15.35
C ARG A 193 -11.59 -13.25 15.19
N LEU A 194 -11.64 -12.00 15.67
CA LEU A 194 -12.82 -11.16 15.52
C LEU A 194 -13.05 -10.77 14.06
N ALA A 195 -11.98 -10.31 13.36
CA ALA A 195 -12.11 -9.98 11.96
C ALA A 195 -12.64 -11.17 11.15
N LEU A 196 -12.15 -12.38 11.44
CA LEU A 196 -12.52 -13.55 10.66
C LEU A 196 -13.93 -14.07 10.97
N ARG A 197 -14.64 -13.49 11.95
CA ARG A 197 -16.03 -13.84 12.21
C ARG A 197 -17.01 -12.95 11.43
N LEU A 198 -16.52 -12.18 10.47
CA LEU A 198 -17.36 -11.22 9.75
C LEU A 198 -18.54 -11.92 9.06
N PRO A 199 -18.39 -13.09 8.39
CA PRO A 199 -19.53 -13.75 7.75
C PRO A 199 -20.60 -14.22 8.74
N ASP A 200 -20.20 -14.41 10.02
CA ASP A 200 -21.12 -14.77 11.09
C ASP A 200 -21.84 -13.54 11.69
N LEU A 201 -21.17 -12.38 11.75
CA LEU A 201 -21.67 -11.20 12.47
C LEU A 201 -22.38 -10.20 11.55
N ILE A 202 -22.06 -10.23 10.27
CA ILE A 202 -22.67 -9.42 9.24
C ILE A 202 -23.28 -10.40 8.24
N GLN A 203 -24.60 -10.58 8.28
CA GLN A 203 -25.26 -11.63 7.50
C GLN A 203 -26.32 -11.04 6.59
N SER A 204 -26.07 -9.80 6.26
CA SER A 204 -27.02 -8.82 5.77
C SER A 204 -26.16 -7.79 5.02
N PRO A 205 -26.55 -7.27 3.83
CA PRO A 205 -25.74 -6.26 3.16
C PRO A 205 -25.63 -4.98 3.99
N VAL A 206 -24.47 -4.33 3.94
CA VAL A 206 -24.31 -3.03 4.59
C VAL A 206 -24.49 -1.93 3.54
N PRO A 207 -25.59 -1.13 3.62
CA PRO A 207 -25.86 -0.11 2.62
C PRO A 207 -24.95 1.09 2.81
N LEU A 208 -24.64 1.77 1.70
CA LEU A 208 -23.93 3.03 1.76
C LEU A 208 -24.94 4.13 2.02
N LEU A 209 -24.58 5.15 2.80
CA LEU A 209 -25.37 6.37 2.99
C LEU A 209 -24.89 7.43 2.01
N LYS A 210 -25.54 7.52 0.85
CA LYS A 210 -25.12 8.43 -0.20
C LYS A 210 -25.76 9.81 -0.13
N HIS A 211 -25.12 10.75 -0.86
CA HIS A 211 -25.56 12.12 -1.12
C HIS A 211 -27.07 12.16 -1.32
N HIS A 212 -27.73 13.02 -0.56
CA HIS A 212 -29.03 13.56 -0.87
C HIS A 212 -30.10 12.55 -0.55
N LYS A 213 -29.79 11.58 0.32
CA LYS A 213 -30.78 10.63 0.80
C LYS A 213 -30.81 10.71 2.32
N ASN A 214 -32.00 11.00 2.89
CA ASN A 214 -32.22 10.81 4.31
C ASN A 214 -32.34 9.33 4.58
N ALA A 215 -31.37 8.78 5.32
CA ALA A 215 -31.35 7.36 5.63
C ALA A 215 -30.68 7.17 6.98
N SER A 216 -30.95 6.03 7.61
CA SER A 216 -30.37 5.64 8.88
C SER A 216 -29.84 4.24 8.71
N LEU A 217 -28.77 3.93 9.47
CA LEU A 217 -28.26 2.57 9.55
C LEU A 217 -27.95 2.29 11.00
N SER A 218 -28.41 1.15 11.50
CA SER A 218 -28.16 0.75 12.87
C SER A 218 -27.46 -0.60 12.89
N LEU A 219 -26.39 -0.67 13.70
CA LEU A 219 -25.57 -1.87 13.86
C LEU A 219 -25.34 -2.11 15.35
N SER A 220 -25.03 -3.36 15.72
CA SER A 220 -24.60 -3.62 17.09
C SER A 220 -23.19 -3.10 17.26
N GLN A 221 -22.84 -2.72 18.48
CA GLN A 221 -21.47 -2.42 18.85
C GLN A 221 -20.55 -3.60 18.54
N GLN A 222 -21.08 -4.81 18.69
CA GLN A 222 -20.34 -6.04 18.41
C GLN A 222 -20.05 -6.15 16.90
N GLN A 223 -21.07 -5.99 16.07
CA GLN A 223 -20.88 -5.90 14.62
C GLN A 223 -19.82 -4.86 14.27
N ILE A 224 -19.85 -3.70 14.93
CA ILE A 224 -18.90 -2.64 14.61
C ILE A 224 -17.48 -3.06 14.97
N SER A 225 -17.29 -3.77 16.09
CA SER A 225 -15.96 -4.19 16.50
C SER A 225 -15.35 -5.10 15.45
N CYS A 226 -16.21 -5.91 14.81
CA CYS A 226 -15.79 -6.83 13.76
C CYS A 226 -15.37 -6.07 12.48
N LEU A 227 -16.21 -5.10 12.06
CA LEU A 227 -15.90 -4.31 10.88
C LEU A 227 -14.61 -3.52 11.11
N LEU A 228 -14.41 -3.00 12.33
CA LEU A 228 -13.22 -2.25 12.65
C LEU A 228 -11.99 -3.17 12.74
N ALA A 229 -12.16 -4.41 13.17
CA ALA A 229 -11.02 -5.33 13.20
C ALA A 229 -10.52 -5.56 11.77
N ASN A 230 -11.45 -5.73 10.82
CA ASN A 230 -11.15 -5.83 9.40
C ASN A 230 -10.42 -4.58 8.88
N ALA A 231 -10.88 -3.39 9.27
CA ALA A 231 -10.21 -2.16 8.91
C ALA A 231 -8.77 -2.13 9.43
N PHE A 232 -8.57 -2.57 10.68
CA PHE A 232 -7.27 -2.61 11.32
C PHE A 232 -6.30 -3.44 10.48
N LEU A 233 -6.83 -4.53 9.90
CA LEU A 233 -6.07 -5.48 9.10
C LEU A 233 -6.18 -5.18 7.60
N CYS A 234 -6.78 -4.02 7.27
CA CYS A 234 -6.80 -3.49 5.92
C CYS A 234 -7.43 -4.45 4.94
N THR A 235 -8.59 -5.05 5.33
CA THR A 235 -9.21 -6.05 4.47
C THR A 235 -10.24 -5.50 3.50
N PHE A 236 -10.73 -4.28 3.68
CA PHE A 236 -11.82 -3.80 2.83
C PHE A 236 -11.33 -3.60 1.38
N PRO A 237 -11.95 -4.32 0.43
CA PRO A 237 -11.68 -4.17 -0.99
C PRO A 237 -12.19 -2.87 -1.61
N ARG A 238 -11.30 -2.31 -2.49
CA ARG A 238 -11.55 -1.27 -3.47
C ARG A 238 -11.49 0.11 -2.82
N ARG A 239 -10.85 0.15 -1.66
CA ARG A 239 -10.89 1.27 -0.74
C ARG A 239 -9.49 1.77 -0.42
N ASN A 240 -8.48 1.36 -1.25
CA ASN A 240 -7.09 1.70 -1.05
C ASN A 240 -6.54 2.66 -2.11
N THR A 241 -7.06 2.63 -3.32
CA THR A 241 -6.49 3.40 -4.41
C THR A 241 -6.49 4.89 -4.04
N LEU A 242 -5.38 5.58 -4.33
CA LEU A 242 -5.26 7.03 -4.20
C LEU A 242 -5.57 7.77 -5.51
N LYS A 243 -5.94 7.04 -6.59
CA LYS A 243 -6.22 7.62 -7.91
C LYS A 243 -7.40 8.59 -7.85
N ARG A 244 -7.29 9.78 -8.50
CA ARG A 244 -8.13 10.95 -8.27
C ARG A 244 -9.61 10.66 -8.54
N LYS A 245 -9.94 10.06 -9.70
CA LYS A 245 -11.32 9.71 -10.02
C LYS A 245 -11.41 8.19 -9.97
N SER A 246 -12.04 7.72 -8.90
CA SER A 246 -12.17 6.30 -8.68
C SER A 246 -13.49 6.02 -7.96
N GLU A 247 -13.89 4.73 -7.89
CA GLU A 247 -15.21 4.33 -7.43
C GLU A 247 -15.59 4.99 -6.09
N TYR A 248 -14.64 5.07 -5.14
CA TYR A 248 -14.90 5.36 -3.74
C TYR A 248 -14.25 6.68 -3.36
N SER A 249 -14.09 7.59 -4.32
CA SER A 249 -13.29 8.78 -4.04
C SER A 249 -14.10 9.85 -3.31
N THR A 250 -15.44 9.72 -3.34
CA THR A 250 -16.29 10.57 -2.52
C THR A 250 -16.54 9.94 -1.15
N PHE A 251 -15.84 8.81 -0.84
CA PHE A 251 -15.91 8.22 0.47
C PHE A 251 -14.61 8.38 1.25
N PRO A 252 -14.70 8.40 2.60
CA PRO A 252 -13.50 8.42 3.45
C PRO A 252 -12.67 7.14 3.33
N ASP A 253 -11.41 7.20 3.79
CA ASP A 253 -10.65 5.97 3.92
C ASP A 253 -11.16 5.22 5.14
N ILE A 254 -10.98 3.90 5.17
CA ILE A 254 -11.47 3.04 6.23
C ILE A 254 -10.37 2.07 6.66
N ASN A 255 -9.67 1.40 5.72
CA ASN A 255 -8.50 0.60 6.07
C ASN A 255 -7.52 1.51 6.83
N PHE A 256 -6.83 0.94 7.83
CA PHE A 256 -6.08 1.74 8.79
C PHE A 256 -4.64 1.99 8.32
N ASN A 257 -4.29 1.58 7.10
CA ASN A 257 -2.95 1.77 6.57
C ASN A 257 -2.46 3.23 6.71
N ARG A 258 -3.27 4.25 6.43
CA ARG A 258 -2.77 5.63 6.40
C ARG A 258 -2.38 6.11 7.80
N LEU A 259 -3.01 5.52 8.84
CA LEU A 259 -2.62 5.79 10.23
C LEU A 259 -1.24 5.21 10.51
N TYR A 260 -1.00 3.99 10.00
CA TYR A 260 0.23 3.25 10.25
C TYR A 260 1.39 3.92 9.50
N GLN A 261 1.11 4.58 8.36
CA GLN A 261 2.10 5.26 7.53
C GLN A 261 2.49 6.61 8.14
N SER A 262 1.75 7.14 9.12
CA SER A 262 1.99 8.46 9.69
C SER A 262 3.06 8.44 10.81
N THR A 263 3.37 9.65 11.33
CA THR A 263 4.46 9.87 12.26
C THR A 263 4.10 10.89 13.35
N GLY A 264 4.92 10.80 14.41
CA GLY A 264 4.92 11.76 15.49
C GLY A 264 4.15 11.24 16.70
N PRO A 265 4.28 11.89 17.86
CA PRO A 265 3.68 11.37 19.10
C PRO A 265 2.16 11.29 19.07
N ALA A 266 1.47 12.24 18.43
CA ALA A 266 0.00 12.21 18.48
C ALA A 266 -0.53 10.97 17.76
N VAL A 267 0.14 10.57 16.67
CA VAL A 267 -0.24 9.38 15.93
C VAL A 267 -0.09 8.12 16.80
N LEU A 268 1.00 8.00 17.60
CA LEU A 268 1.17 6.83 18.46
C LEU A 268 0.05 6.77 19.52
N GLU A 269 -0.32 7.93 20.06
CA GLU A 269 -1.34 8.01 21.08
C GLU A 269 -2.69 7.59 20.52
N LYS A 270 -2.93 7.87 19.22
CA LYS A 270 -4.15 7.41 18.59
C LYS A 270 -4.08 5.89 18.44
N LEU A 271 -2.92 5.34 18.06
CA LEU A 271 -2.76 3.89 18.01
C LEU A 271 -3.01 3.24 19.36
N LYS A 272 -2.57 3.89 20.45
CA LYS A 272 -2.79 3.34 21.76
C LYS A 272 -4.27 3.28 22.10
N CYS A 273 -5.03 4.31 21.69
CA CYS A 273 -6.48 4.35 21.88
C CYS A 273 -7.21 3.19 21.21
N ILE A 274 -6.74 2.86 20.01
CA ILE A 274 -7.31 1.84 19.15
C ILE A 274 -7.01 0.45 19.70
N MET A 275 -5.74 0.22 20.09
CA MET A 275 -5.33 -1.00 20.76
C MET A 275 -6.25 -1.27 21.95
N HIS A 276 -6.42 -0.21 22.77
CA HIS A 276 -7.16 -0.26 24.00
C HIS A 276 -8.62 -0.66 23.72
N TYR A 277 -9.23 -0.06 22.68
CA TYR A 277 -10.58 -0.36 22.25
C TYR A 277 -10.69 -1.87 22.02
N PHE A 278 -9.71 -2.46 21.32
CA PHE A 278 -9.82 -3.86 20.98
C PHE A 278 -9.61 -4.75 22.20
N ARG A 279 -8.76 -4.32 23.16
CA ARG A 279 -8.67 -5.02 24.44
C ARG A 279 -10.03 -4.99 25.14
N ARG A 280 -10.74 -3.86 25.08
CA ARG A 280 -12.01 -3.70 25.78
C ARG A 280 -13.11 -4.58 25.18
N VAL A 281 -13.18 -4.68 23.84
CA VAL A 281 -14.36 -5.22 23.17
C VAL A 281 -14.12 -6.60 22.51
N CYS A 282 -12.87 -7.01 22.29
CA CYS A 282 -12.62 -8.37 21.84
C CYS A 282 -12.89 -9.40 22.94
N PRO A 283 -13.53 -10.53 22.61
CA PRO A 283 -13.62 -11.63 23.57
C PRO A 283 -12.20 -12.04 24.00
N THR A 284 -12.03 -12.40 25.29
CA THR A 284 -10.79 -13.01 25.77
C THR A 284 -10.85 -14.52 25.52
N GLU A 285 -9.72 -15.23 25.72
CA GLU A 285 -9.67 -16.66 25.47
C GLU A 285 -10.74 -17.36 26.32
N ARG A 286 -10.92 -16.88 27.56
CA ARG A 286 -11.89 -17.46 28.50
C ARG A 286 -13.30 -17.23 27.93
N ASP A 287 -13.75 -15.98 27.95
CA ASP A 287 -15.17 -15.72 27.76
C ASP A 287 -15.36 -14.44 26.95
N ALA A 288 -16.64 -14.14 26.72
CA ALA A 288 -17.07 -13.06 25.86
C ALA A 288 -17.99 -12.10 26.60
N SER A 289 -17.79 -11.97 27.92
CA SER A 289 -18.68 -11.18 28.76
C SER A 289 -18.31 -9.69 28.70
N ASN A 290 -17.16 -9.34 28.12
CA ASN A 290 -16.68 -7.97 28.03
C ASN A 290 -17.17 -7.32 26.73
N VAL A 291 -17.74 -8.14 25.82
CA VAL A 291 -18.22 -7.71 24.52
C VAL A 291 -19.39 -6.73 24.74
N PRO A 292 -19.40 -5.55 24.07
CA PRO A 292 -20.48 -4.59 24.23
C PRO A 292 -21.83 -5.06 23.68
N THR A 293 -22.88 -4.62 24.39
CA THR A 293 -24.17 -5.29 24.38
C THR A 293 -25.15 -4.53 23.49
N GLY A 294 -24.80 -3.33 23.07
CA GLY A 294 -25.80 -2.40 22.55
C GLY A 294 -25.65 -2.13 21.06
N VAL A 295 -26.06 -0.89 20.71
CA VAL A 295 -26.35 -0.49 19.35
C VAL A 295 -25.85 0.93 19.14
N VAL A 296 -25.53 1.21 17.86
CA VAL A 296 -25.16 2.52 17.35
C VAL A 296 -25.95 2.78 16.07
N THR A 297 -26.42 4.03 15.92
CA THR A 297 -27.23 4.46 14.78
C THR A 297 -26.53 5.63 14.08
N PHE A 298 -26.54 5.58 12.74
CA PHE A 298 -25.96 6.63 11.92
C PHE A 298 -27.07 7.19 11.02
N VAL A 299 -27.31 8.51 11.09
CA VAL A 299 -28.39 9.13 10.34
C VAL A 299 -27.83 10.21 9.43
N ARG A 300 -27.94 10.01 8.12
CA ARG A 300 -27.69 11.10 7.18
C ARG A 300 -28.93 11.98 7.13
N ARG A 301 -28.74 13.24 7.53
CA ARG A 301 -29.73 14.27 7.36
C ARG A 301 -29.41 15.01 6.06
N SER A 302 -30.38 15.08 5.15
CA SER A 302 -30.18 15.77 3.89
C SER A 302 -31.37 16.69 3.65
N GLY A 303 -31.08 17.99 3.70
CA GLY A 303 -32.13 19.00 3.60
C GLY A 303 -32.60 19.21 2.17
N LEU A 304 -33.92 19.36 2.01
CA LEU A 304 -34.56 19.73 0.75
C LEU A 304 -34.61 21.27 0.63
N PRO A 305 -34.78 21.85 -0.59
CA PRO A 305 -34.98 23.31 -0.72
C PRO A 305 -36.13 23.87 0.12
N GLU A 306 -37.20 23.08 0.26
CA GLU A 306 -38.27 23.27 1.23
C GLU A 306 -37.80 23.62 2.64
N HIS A 307 -36.62 23.14 3.09
CA HIS A 307 -36.23 23.28 4.49
C HIS A 307 -35.38 24.52 4.74
N LEU A 308 -34.91 25.17 3.64
CA LEU A 308 -34.02 26.31 3.73
C LEU A 308 -34.73 27.47 4.39
N ILE A 309 -34.16 27.95 5.47
CA ILE A 309 -34.61 29.17 6.14
C ILE A 309 -34.17 30.38 5.31
N ASP A 310 -35.12 31.31 5.11
CA ASP A 310 -34.82 32.69 4.76
C ASP A 310 -34.57 33.43 6.08
N TRP A 311 -33.31 33.82 6.29
CA TRP A 311 -32.80 34.28 7.57
C TRP A 311 -33.30 35.69 7.90
N SER A 312 -33.65 36.46 6.85
CA SER A 312 -34.20 37.82 7.00
C SER A 312 -35.68 37.79 7.42
N GLN A 313 -36.35 36.62 7.38
CA GLN A 313 -37.73 36.47 7.84
C GLN A 313 -37.84 35.85 9.24
N SER A 314 -36.71 35.53 9.88
CA SER A 314 -36.75 34.93 11.21
C SER A 314 -37.01 35.98 12.27
N ALA A 315 -38.20 35.90 12.87
CA ALA A 315 -38.58 36.78 13.95
C ALA A 315 -38.12 36.22 15.30
N ALA A 316 -37.21 35.24 15.32
CA ALA A 316 -36.88 34.58 16.58
C ALA A 316 -36.05 35.52 17.46
N PRO A 317 -36.49 35.78 18.70
CA PRO A 317 -35.67 36.51 19.66
C PRO A 317 -34.44 35.69 20.09
N LEU A 318 -33.26 36.30 19.88
CA LEU A 318 -31.95 35.76 20.22
C LEU A 318 -31.74 35.62 21.72
N GLY A 319 -32.39 36.48 22.52
CA GLY A 319 -32.16 36.48 23.95
C GLY A 319 -32.97 35.40 24.67
N ASP A 320 -33.98 34.84 23.95
CA ASP A 320 -34.83 33.79 24.46
C ASP A 320 -34.17 32.42 24.38
N VAL A 321 -33.01 32.35 23.70
CA VAL A 321 -32.16 31.17 23.72
C VAL A 321 -31.52 31.04 25.11
N PRO A 322 -31.83 29.95 25.85
CA PRO A 322 -31.10 29.68 27.10
C PRO A 322 -29.63 29.40 26.78
N LEU A 323 -28.74 30.37 27.05
CA LEU A 323 -27.33 30.26 26.69
C LEU A 323 -26.44 30.08 27.94
N HIS A 324 -25.60 29.03 27.89
CA HIS A 324 -24.65 28.71 28.94
C HIS A 324 -23.24 28.64 28.34
N VAL A 325 -22.35 29.56 28.75
CA VAL A 325 -21.03 29.72 28.15
C VAL A 325 -19.99 29.40 29.22
N ASP A 326 -19.26 28.28 29.06
CA ASP A 326 -18.35 27.78 30.08
C ASP A 326 -16.91 27.86 29.57
N ALA A 327 -16.00 28.33 30.44
CA ALA A 327 -14.62 28.55 30.03
C ALA A 327 -13.77 27.37 30.50
N GLU A 328 -14.35 26.55 31.38
CA GLU A 328 -13.81 25.23 31.65
C GLU A 328 -14.71 24.22 30.99
N GLY A 329 -14.37 22.94 31.17
CA GLY A 329 -15.20 21.86 30.68
C GLY A 329 -15.06 21.55 29.17
N THR A 330 -15.56 20.35 28.83
CA THR A 330 -15.60 19.76 27.51
C THR A 330 -17.01 19.29 27.17
N ILE A 331 -17.28 19.23 25.87
CA ILE A 331 -18.52 18.74 25.32
C ILE A 331 -18.81 17.28 25.74
N GLU A 332 -17.81 16.41 25.71
CA GLU A 332 -18.08 14.99 25.98
C GLU A 332 -18.43 14.72 27.45
N ASP A 333 -18.02 15.61 28.37
CA ASP A 333 -18.17 15.40 29.82
C ASP A 333 -19.31 16.25 30.36
N GLU A 334 -19.21 17.57 30.17
CA GLU A 334 -20.17 18.51 30.70
C GLU A 334 -21.42 18.58 29.80
N GLY A 335 -21.31 18.19 28.51
CA GLY A 335 -22.41 18.24 27.57
C GLY A 335 -23.22 16.93 27.53
N ILE A 336 -23.18 16.15 28.63
CA ILE A 336 -23.87 14.87 28.70
C ILE A 336 -25.38 15.12 28.59
N GLY A 337 -26.05 14.38 27.69
CA GLY A 337 -27.49 14.49 27.46
C GLY A 337 -27.84 15.41 26.28
N LEU A 338 -26.85 16.15 25.77
CA LEU A 338 -27.13 17.16 24.76
C LEU A 338 -26.71 16.62 23.38
N LEU A 339 -27.18 17.31 22.34
CA LEU A 339 -26.60 17.09 21.02
C LEU A 339 -25.21 17.72 21.00
N GLN A 340 -24.19 16.85 21.10
CA GLN A 340 -22.78 17.23 21.07
C GLN A 340 -22.31 17.39 19.63
N VAL A 341 -21.50 18.41 19.37
CA VAL A 341 -21.02 18.71 18.02
C VAL A 341 -19.61 18.12 17.78
N ASP A 342 -19.48 17.63 16.54
CA ASP A 342 -18.25 17.20 15.93
C ASP A 342 -17.91 18.24 14.87
N PHE A 343 -16.77 18.93 15.06
CA PHE A 343 -16.26 19.92 14.12
C PHE A 343 -15.62 19.15 12.98
N ALA A 344 -16.48 18.67 12.08
CA ALA A 344 -16.17 17.60 11.14
C ALA A 344 -15.51 18.18 9.89
N ASN A 345 -14.84 17.27 9.15
CA ASN A 345 -14.47 17.43 7.76
C ASN A 345 -15.60 16.79 6.95
N LYS A 346 -15.76 17.18 5.68
CA LYS A 346 -16.86 16.68 4.89
C LYS A 346 -16.68 15.18 4.69
N TYR A 347 -15.42 14.72 4.63
CA TYR A 347 -15.10 13.31 4.79
C TYR A 347 -15.11 12.96 6.29
N LEU A 348 -16.10 12.18 6.72
CA LEU A 348 -16.29 11.89 8.13
C LEU A 348 -14.99 11.39 8.74
N GLY A 349 -14.67 11.91 9.92
CA GLY A 349 -13.49 11.47 10.66
C GLY A 349 -12.24 12.30 10.38
N GLY A 350 -12.23 13.02 9.27
CA GLY A 350 -11.10 13.90 8.96
C GLY A 350 -9.82 13.10 8.74
N GLY A 351 -8.75 13.48 9.45
CA GLY A 351 -7.47 12.80 9.32
C GLY A 351 -7.20 11.84 10.47
N VAL A 352 -8.25 11.26 11.08
CA VAL A 352 -8.04 10.34 12.19
C VAL A 352 -7.15 9.15 11.74
N LEU A 353 -7.30 8.65 10.51
CA LEU A 353 -6.36 7.71 9.93
C LEU A 353 -5.41 8.50 9.05
N GLY A 354 -4.37 9.02 9.70
CA GLY A 354 -3.53 10.08 9.20
C GLY A 354 -2.91 10.82 10.38
N HIS A 355 -2.52 12.08 10.16
CA HIS A 355 -1.79 12.89 11.13
C HIS A 355 -2.75 13.67 12.01
N GLY A 356 -4.06 13.70 11.66
CA GLY A 356 -5.04 14.55 12.33
C GLY A 356 -5.21 14.22 13.81
N CYS A 357 -5.32 15.26 14.65
CA CYS A 357 -5.47 14.99 16.08
CA CYS A 357 -5.24 15.12 16.09
C CYS A 357 -6.02 16.21 16.83
N VAL A 358 -7.03 16.84 16.20
CA VAL A 358 -7.78 17.90 16.84
C VAL A 358 -9.20 17.38 17.16
N GLN A 359 -10.22 18.27 17.19
CA GLN A 359 -11.48 17.95 17.88
C GLN A 359 -12.12 16.67 17.33
N GLU A 360 -12.29 16.58 16.01
CA GLU A 360 -12.93 15.42 15.39
C GLU A 360 -12.13 14.15 15.65
N GLU A 361 -10.83 14.19 15.33
CA GLU A 361 -10.00 13.00 15.38
C GLU A 361 -9.98 12.39 16.77
N ILE A 362 -9.94 13.24 17.80
CA ILE A 362 -9.83 12.78 19.18
C ILE A 362 -11.09 12.02 19.56
N ARG A 363 -12.26 12.54 19.15
CA ARG A 363 -13.53 11.93 19.50
C ARG A 363 -13.65 10.54 18.88
N PHE A 364 -13.10 10.39 17.67
CA PHE A 364 -13.15 9.15 16.92
C PHE A 364 -12.19 8.09 17.45
N VAL A 365 -11.20 8.43 18.31
CA VAL A 365 -10.32 7.41 18.90
C VAL A 365 -10.69 7.07 20.36
N ILE A 366 -11.33 8.02 21.07
CA ILE A 366 -11.84 7.75 22.40
C ILE A 366 -13.23 7.10 22.34
N CYS A 367 -13.98 7.33 21.25
CA CYS A 367 -15.24 6.65 20.96
C CYS A 367 -15.13 6.00 19.59
N PRO A 368 -14.29 4.95 19.45
CA PRO A 368 -13.91 4.43 18.14
C PRO A 368 -15.03 3.80 17.30
N GLU A 369 -16.19 3.51 17.92
CA GLU A 369 -17.30 3.00 17.13
C GLU A 369 -17.71 3.99 16.05
N LEU A 370 -17.45 5.29 16.25
CA LEU A 370 -17.70 6.31 15.23
C LEU A 370 -16.95 5.99 13.94
N LEU A 371 -15.75 5.39 14.06
CA LEU A 371 -14.89 5.16 12.91
C LEU A 371 -15.62 4.40 11.82
N VAL A 372 -16.57 3.53 12.18
CA VAL A 372 -17.20 2.69 11.18
C VAL A 372 -18.04 3.56 10.25
N GLY A 373 -18.41 4.79 10.65
CA GLY A 373 -19.09 5.71 9.77
C GLY A 373 -18.35 5.92 8.44
N LYS A 374 -17.02 5.87 8.50
CA LYS A 374 -16.12 6.03 7.36
C LYS A 374 -16.37 4.98 6.29
N LEU A 375 -16.87 3.85 6.72
CA LEU A 375 -17.04 2.72 5.84
C LEU A 375 -18.22 2.99 4.91
N PHE A 376 -19.26 3.74 5.34
CA PHE A 376 -20.46 3.77 4.52
C PHE A 376 -21.01 5.18 4.32
N THR A 377 -20.30 6.22 4.80
CA THR A 377 -20.84 7.57 4.72
C THR A 377 -20.11 8.39 3.63
N GLU A 378 -20.83 8.61 2.50
CA GLU A 378 -20.39 9.51 1.44
C GLU A 378 -20.15 10.90 2.02
N CYS A 379 -19.20 11.64 1.46
CA CYS A 379 -18.90 12.97 2.02
C CYS A 379 -20.12 13.90 1.93
N LEU A 380 -20.19 14.80 2.92
CA LEU A 380 -21.32 15.69 3.15
C LEU A 380 -21.32 16.82 2.13
N ARG A 381 -22.50 17.02 1.52
CA ARG A 381 -22.76 18.17 0.67
C ARG A 381 -23.16 19.32 1.60
N PRO A 382 -23.24 20.57 1.10
CA PRO A 382 -23.49 21.74 1.97
C PRO A 382 -24.76 21.75 2.81
N PHE A 383 -25.83 21.08 2.35
CA PHE A 383 -27.04 21.05 3.16
C PHE A 383 -27.27 19.67 3.79
N GLU A 384 -26.19 19.04 4.28
CA GLU A 384 -26.28 17.73 4.92
C GLU A 384 -25.49 17.67 6.23
N ALA A 385 -25.87 16.69 7.07
CA ALA A 385 -25.24 16.41 8.35
C ALA A 385 -25.37 14.92 8.65
N LEU A 386 -24.62 14.46 9.65
CA LEU A 386 -24.62 13.07 10.06
C LEU A 386 -24.72 13.01 11.57
N VAL A 387 -25.76 12.36 12.08
CA VAL A 387 -25.99 12.20 13.51
C VAL A 387 -25.62 10.76 13.86
N MET A 388 -24.91 10.64 14.97
CA MET A 388 -24.34 9.37 15.37
C MET A 388 -24.70 9.15 16.84
N LEU A 389 -25.54 8.16 17.13
CA LEU A 389 -26.05 7.98 18.48
C LEU A 389 -25.69 6.58 18.97
N GLY A 390 -24.99 6.48 20.11
CA GLY A 390 -24.76 5.17 20.72
C GLY A 390 -23.30 4.80 20.97
N ALA A 391 -22.38 5.67 20.49
CA ALA A 391 -20.94 5.41 20.52
C ALA A 391 -20.42 5.49 21.95
N GLU A 392 -19.85 4.37 22.40
CA GLU A 392 -19.32 4.24 23.75
C GLU A 392 -17.90 4.80 23.79
N ARG A 393 -17.60 5.40 24.94
CA ARG A 393 -16.29 5.92 25.24
C ARG A 393 -15.48 4.90 26.02
N TYR A 394 -14.26 4.65 25.53
CA TYR A 394 -13.42 3.59 26.06
C TYR A 394 -12.14 4.17 26.64
N SER A 395 -11.79 5.40 26.27
CA SER A 395 -10.51 5.98 26.66
C SER A 395 -10.68 7.35 27.29
N ASN A 396 -9.77 7.62 28.22
CA ASN A 396 -9.51 8.94 28.73
C ASN A 396 -8.36 9.52 27.94
N TYR A 397 -8.24 10.86 27.99
CA TYR A 397 -7.17 11.51 27.27
C TYR A 397 -6.78 12.82 27.94
N THR A 398 -5.55 13.25 27.61
CA THR A 398 -5.03 14.54 27.99
C THR A 398 -4.55 15.25 26.73
N GLY A 399 -4.55 16.59 26.84
CA GLY A 399 -4.02 17.44 25.80
C GLY A 399 -4.97 17.57 24.62
N TYR A 400 -4.36 17.93 23.48
CA TYR A 400 -5.03 18.37 22.28
C TYR A 400 -3.91 18.53 21.24
N ALA A 401 -4.24 18.33 19.95
CA ALA A 401 -3.28 18.51 18.88
C ALA A 401 -2.02 17.70 19.19
N GLY A 402 -0.81 18.31 19.11
CA GLY A 402 0.43 17.56 19.25
C GLY A 402 0.67 16.95 20.64
N SER A 403 -0.03 17.49 21.66
CA SER A 403 0.11 17.05 23.05
C SER A 403 -0.95 16.01 23.47
N PHE A 404 -1.77 15.54 22.52
CA PHE A 404 -2.80 14.56 22.79
C PHE A 404 -2.15 13.26 23.27
N GLU A 405 -2.66 12.73 24.39
CA GLU A 405 -2.20 11.44 24.90
C GLU A 405 -3.36 10.62 25.45
N TRP A 406 -3.27 9.30 25.20
CA TRP A 406 -4.08 8.34 25.93
C TRP A 406 -3.69 8.43 27.40
N SER A 407 -4.68 8.52 28.29
CA SER A 407 -4.42 8.60 29.71
C SER A 407 -5.29 7.62 30.50
N GLY A 408 -5.76 6.52 29.90
CA GLY A 408 -6.28 5.43 30.69
C GLY A 408 -7.66 4.96 30.26
N ASN A 409 -8.09 3.84 30.88
CA ASN A 409 -9.39 3.23 30.64
C ASN A 409 -10.49 4.21 31.03
N PHE A 410 -11.62 4.16 30.32
CA PHE A 410 -12.83 4.87 30.68
C PHE A 410 -13.99 3.87 30.65
N GLU A 411 -14.71 3.77 31.77
CA GLU A 411 -15.88 2.92 31.86
C GLU A 411 -17.11 3.79 31.65
N ASP A 412 -17.78 3.60 30.51
CA ASP A 412 -18.90 4.43 30.13
C ASP A 412 -20.12 3.88 30.87
N SER A 413 -20.76 4.71 31.71
CA SER A 413 -21.96 4.26 32.43
C SER A 413 -23.20 4.97 31.88
N THR A 414 -23.02 5.87 30.89
CA THR A 414 -24.07 6.54 30.11
C THR A 414 -25.24 5.60 29.82
N PRO A 415 -26.49 5.94 30.19
CA PRO A 415 -27.61 5.00 30.04
C PRO A 415 -28.00 4.77 28.59
N ARG A 416 -28.48 3.56 28.33
CA ARG A 416 -28.96 3.14 27.03
C ARG A 416 -30.44 3.48 26.89
N ASP A 417 -30.83 3.94 25.71
CA ASP A 417 -32.22 4.20 25.36
C ASP A 417 -32.97 2.88 25.14
N SER A 418 -34.24 2.98 24.74
CA SER A 418 -35.08 1.82 24.48
C SER A 418 -34.51 0.95 23.36
N SER A 419 -33.69 1.54 22.45
CA SER A 419 -33.19 0.85 21.26
C SER A 419 -31.84 0.15 21.49
N GLY A 420 -31.30 0.32 22.71
CA GLY A 420 -30.06 -0.32 23.13
C GLY A 420 -28.80 0.55 22.88
N ARG A 421 -29.02 1.85 22.59
CA ARG A 421 -27.98 2.81 22.29
C ARG A 421 -27.64 3.63 23.53
N ARG A 422 -26.36 3.68 23.88
CA ARG A 422 -25.92 4.73 24.79
C ARG A 422 -26.44 6.08 24.32
N GLN A 423 -26.97 6.88 25.26
CA GLN A 423 -27.49 8.20 24.91
C GLN A 423 -26.37 9.23 24.82
N THR A 424 -25.43 8.93 23.91
CA THR A 424 -24.44 9.89 23.45
C THR A 424 -24.72 10.20 21.98
N ALA A 425 -25.15 11.45 21.75
CA ALA A 425 -25.60 11.91 20.45
C ALA A 425 -24.63 12.95 19.94
N ILE A 426 -24.05 12.70 18.76
CA ILE A 426 -23.05 13.56 18.16
C ILE A 426 -23.54 13.96 16.78
N VAL A 427 -23.40 15.24 16.43
CA VAL A 427 -23.67 15.60 15.05
C VAL A 427 -22.39 16.08 14.35
N ALA A 428 -22.08 15.46 13.22
CA ALA A 428 -21.01 15.91 12.33
C ALA A 428 -21.52 17.00 11.38
N ILE A 429 -20.95 18.21 11.55
CA ILE A 429 -21.12 19.32 10.62
C ILE A 429 -19.75 19.91 10.30
N ASP A 430 -19.52 20.10 9.00
CA ASP A 430 -18.25 20.52 8.45
C ASP A 430 -18.25 22.01 8.17
N ALA A 431 -17.46 22.77 8.96
CA ALA A 431 -17.20 24.15 8.65
C ALA A 431 -16.40 24.30 7.36
N LEU A 432 -16.46 25.51 6.79
CA LEU A 432 -15.54 25.92 5.76
C LEU A 432 -14.21 26.26 6.41
N HIS A 433 -13.15 25.96 5.61
CA HIS A 433 -11.78 26.41 5.86
C HIS A 433 -11.51 27.66 5.02
N PHE A 434 -10.80 28.61 5.63
CA PHE A 434 -10.42 29.87 5.00
C PHE A 434 -8.91 30.03 5.01
N ALA A 435 -8.33 30.15 3.80
CA ALA A 435 -7.01 30.73 3.60
C ALA A 435 -6.97 32.16 4.14
N GLN A 436 -8.07 32.89 3.89
CA GLN A 436 -8.21 34.32 4.18
C GLN A 436 -9.39 34.54 5.11
N SER A 437 -9.14 34.95 6.36
CA SER A 437 -10.20 35.21 7.33
C SER A 437 -11.30 36.15 6.80
N HIS A 438 -10.92 37.19 6.04
CA HIS A 438 -11.84 38.21 5.58
C HIS A 438 -12.94 37.59 4.70
N HIS A 439 -12.61 36.49 3.99
CA HIS A 439 -13.50 35.83 3.05
C HIS A 439 -14.79 35.32 3.70
N GLN A 440 -14.79 35.11 5.03
CA GLN A 440 -15.84 34.35 5.71
C GLN A 440 -17.05 35.23 5.99
N TYR A 441 -16.82 36.53 5.76
CA TYR A 441 -17.82 37.56 6.03
C TYR A 441 -18.62 37.86 4.78
N ARG A 442 -18.24 37.27 3.64
CA ARG A 442 -19.13 37.23 2.49
C ARG A 442 -20.50 36.69 2.91
N GLU A 443 -21.57 37.28 2.34
CA GLU A 443 -22.94 37.01 2.73
C GLU A 443 -23.29 35.53 2.46
N ASP A 444 -22.78 35.01 1.33
CA ASP A 444 -23.15 33.68 0.83
C ASP A 444 -22.55 32.59 1.73
N LEU A 445 -21.37 32.87 2.32
CA LEU A 445 -20.63 31.93 3.15
C LEU A 445 -20.97 32.05 4.63
N MET A 446 -21.73 33.09 4.99
CA MET A 446 -22.30 33.16 6.32
C MET A 446 -23.60 32.35 6.29
N GLU A 447 -24.28 32.45 5.15
CA GLU A 447 -25.54 31.77 4.93
C GLU A 447 -25.27 30.25 4.85
N ARG A 448 -24.15 29.90 4.20
CA ARG A 448 -23.75 28.51 4.03
C ARG A 448 -23.61 27.82 5.39
N GLU A 449 -22.93 28.51 6.30
CA GLU A 449 -22.63 28.01 7.65
C GLU A 449 -23.88 28.01 8.52
N LEU A 450 -24.75 29.00 8.32
CA LEU A 450 -26.03 29.01 9.00
C LEU A 450 -26.83 27.77 8.60
N ASN A 451 -26.85 27.47 7.30
CA ASN A 451 -27.64 26.36 6.79
C ASN A 451 -27.00 25.01 7.13
N LYS A 452 -25.67 24.95 7.22
CA LYS A 452 -24.97 23.74 7.60
C LYS A 452 -25.31 23.41 9.05
N ALA A 453 -25.20 24.40 9.93
CA ALA A 453 -25.54 24.18 11.34
C ALA A 453 -27.05 23.93 11.48
N TYR A 454 -27.87 24.56 10.63
CA TYR A 454 -29.32 24.37 10.70
C TYR A 454 -29.63 22.89 10.51
N ILE A 455 -29.08 22.26 9.45
CA ILE A 455 -29.44 20.88 9.12
C ILE A 455 -28.85 19.93 10.18
N GLY A 456 -27.74 20.34 10.81
CA GLY A 456 -27.16 19.54 11.88
C GLY A 456 -28.04 19.55 13.13
N PHE A 457 -28.69 20.69 13.38
CA PHE A 457 -29.34 20.93 14.66
C PHE A 457 -30.85 20.74 14.59
N VAL A 458 -31.45 20.51 13.41
CA VAL A 458 -32.88 20.26 13.34
C VAL A 458 -33.21 19.05 14.20
N HIS A 459 -34.48 19.01 14.61
CA HIS A 459 -34.94 17.98 15.51
C HIS A 459 -35.87 16.99 14.78
N TRP A 460 -36.99 17.47 14.23
CA TRP A 460 -37.88 16.63 13.42
C TRP A 460 -38.41 15.46 14.23
N MET A 461 -38.73 15.68 15.52
CA MET A 461 -39.41 14.70 16.36
C MET A 461 -40.55 15.39 17.09
N VAL A 462 -41.48 14.61 17.67
CA VAL A 462 -42.62 15.23 18.35
C VAL A 462 -42.20 15.78 19.74
N THR A 463 -41.25 15.13 20.42
CA THR A 463 -40.80 15.51 21.75
C THR A 463 -39.89 16.72 21.60
N PRO A 464 -39.67 17.53 22.67
CA PRO A 464 -38.87 18.74 22.56
C PRO A 464 -37.37 18.43 22.46
N PRO A 465 -36.64 19.25 21.66
CA PRO A 465 -35.20 19.05 21.47
C PRO A 465 -34.40 19.46 22.71
N PRO A 466 -33.44 18.61 23.16
CA PRO A 466 -32.45 19.01 24.15
C PRO A 466 -31.53 20.08 23.60
N GLY A 467 -30.72 20.64 24.50
CA GLY A 467 -29.78 21.67 24.09
C GLY A 467 -28.72 21.06 23.19
N VAL A 468 -27.98 21.96 22.54
CA VAL A 468 -26.78 21.65 21.78
C VAL A 468 -25.55 21.96 22.63
N ALA A 469 -24.51 21.11 22.59
CA ALA A 469 -23.22 21.41 23.21
C ALA A 469 -22.18 21.57 22.11
N THR A 470 -21.58 22.77 22.00
CA THR A 470 -20.70 23.12 20.90
C THR A 470 -19.60 24.06 21.44
N GLY A 471 -18.95 24.75 20.50
CA GLY A 471 -17.83 25.63 20.78
C GLY A 471 -17.33 26.32 19.51
N ASN A 472 -16.02 26.62 19.46
CA ASN A 472 -15.45 27.47 18.43
C ASN A 472 -15.30 26.70 17.13
N TRP A 473 -16.44 26.38 16.50
CA TRP A 473 -16.55 25.50 15.34
C TRP A 473 -15.86 26.08 14.12
N GLY A 474 -14.78 25.40 13.65
CA GLY A 474 -14.08 25.73 12.42
C GLY A 474 -13.16 26.95 12.55
N CYS A 475 -12.80 27.27 13.81
CA CYS A 475 -11.96 28.40 14.18
C CYS A 475 -10.56 27.88 14.53
N GLY A 476 -9.77 28.72 15.23
CA GLY A 476 -8.34 28.50 15.30
C GLY A 476 -7.74 28.41 13.89
N ALA A 477 -6.80 27.47 13.70
CA ALA A 477 -5.96 27.44 12.52
C ALA A 477 -6.75 27.14 11.21
N PHE A 478 -8.04 26.79 11.30
CA PHE A 478 -8.83 26.53 10.09
C PHE A 478 -9.44 27.81 9.50
N GLY A 479 -9.24 28.95 10.19
CA GLY A 479 -9.49 30.26 9.60
C GLY A 479 -10.71 30.98 10.16
N GLY A 480 -11.57 30.31 10.92
CA GLY A 480 -12.86 30.87 11.28
C GLY A 480 -12.75 31.86 12.42
N ASP A 481 -13.68 32.84 12.43
CA ASP A 481 -13.72 33.87 13.47
C ASP A 481 -14.63 33.36 14.59
N SER A 482 -14.06 33.13 15.79
CA SER A 482 -14.80 32.68 16.97
C SER A 482 -16.05 33.52 17.19
N TYR A 483 -15.90 34.85 17.01
CA TYR A 483 -16.90 35.83 17.38
C TYR A 483 -18.12 35.67 16.48
N LEU A 484 -17.87 35.42 15.20
CA LEU A 484 -18.93 35.27 14.21
C LEU A 484 -19.59 33.89 14.32
N LYS A 485 -18.78 32.83 14.47
CA LYS A 485 -19.25 31.44 14.48
C LYS A 485 -20.13 31.22 15.71
N ALA A 486 -19.83 31.91 16.82
CA ALA A 486 -20.71 31.90 17.99
C ALA A 486 -22.08 32.52 17.70
N LEU A 487 -22.17 33.59 16.90
CA LEU A 487 -23.44 34.25 16.63
C LEU A 487 -24.27 33.41 15.67
N LEU A 488 -23.60 32.83 14.68
CA LEU A 488 -24.28 32.01 13.68
C LEU A 488 -24.95 30.84 14.39
N GLN A 489 -24.29 30.31 15.42
CA GLN A 489 -24.80 29.15 16.13
C GLN A 489 -25.96 29.56 17.04
N LEU A 490 -25.90 30.78 17.57
CA LEU A 490 -26.98 31.33 18.39
C LEU A 490 -28.22 31.54 17.53
N MET A 491 -28.01 32.12 16.34
CA MET A 491 -29.10 32.35 15.40
C MET A 491 -29.83 31.05 15.12
N VAL A 492 -29.07 29.99 14.84
CA VAL A 492 -29.63 28.71 14.47
C VAL A 492 -30.42 28.12 15.65
N CYS A 493 -29.89 28.29 16.87
CA CYS A 493 -30.56 27.72 18.02
C CYS A 493 -31.84 28.48 18.34
N ALA A 494 -31.79 29.82 18.18
CA ALA A 494 -32.93 30.69 18.40
C ALA A 494 -34.08 30.24 17.50
N GLN A 495 -33.74 30.12 16.21
CA GLN A 495 -34.64 29.71 15.14
C GLN A 495 -35.26 28.33 15.40
N LEU A 496 -34.49 27.38 15.96
CA LEU A 496 -34.98 26.01 16.13
C LEU A 496 -35.56 25.80 17.54
N GLY A 497 -35.27 26.71 18.45
CA GLY A 497 -35.79 26.59 19.81
C GLY A 497 -34.99 25.62 20.69
N ARG A 498 -33.65 25.61 20.51
CA ARG A 498 -32.78 24.75 21.29
C ARG A 498 -31.96 25.62 22.24
N PRO A 499 -31.84 25.22 23.52
CA PRO A 499 -30.79 25.75 24.38
C PRO A 499 -29.40 25.55 23.75
N LEU A 500 -28.44 26.38 24.17
CA LEU A 500 -27.10 26.33 23.62
C LEU A 500 -26.06 26.39 24.75
N ALA A 501 -25.28 25.31 24.89
CA ALA A 501 -24.18 25.24 25.85
C ALA A 501 -22.86 25.33 25.11
N TYR A 502 -22.11 26.42 25.30
CA TYR A 502 -21.01 26.80 24.42
C TYR A 502 -19.72 26.76 25.24
N TYR A 503 -18.67 26.07 24.74
CA TYR A 503 -17.41 25.88 25.46
C TYR A 503 -16.28 26.66 24.77
N THR A 504 -15.51 27.38 25.60
CA THR A 504 -14.50 28.31 25.11
C THR A 504 -13.10 27.78 25.39
N PHE A 505 -13.01 26.74 26.25
CA PHE A 505 -11.81 25.95 26.46
C PHE A 505 -10.66 26.83 26.93
N GLY A 506 -10.87 27.41 28.13
CA GLY A 506 -9.84 28.20 28.79
C GLY A 506 -9.87 29.68 28.44
N ASN A 507 -10.75 30.10 27.51
CA ASN A 507 -10.79 31.49 27.06
C ASN A 507 -11.91 32.24 27.78
N VAL A 508 -11.57 32.89 28.90
CA VAL A 508 -12.48 33.64 29.77
C VAL A 508 -12.93 34.93 29.06
N GLU A 509 -12.01 35.51 28.28
CA GLU A 509 -12.25 36.77 27.60
C GLU A 509 -13.40 36.58 26.64
N PHE A 510 -13.31 35.55 25.78
CA PHE A 510 -14.35 35.25 24.81
C PHE A 510 -15.68 34.89 25.47
N ARG A 511 -15.65 34.10 26.56
CA ARG A 511 -16.83 33.76 27.34
C ARG A 511 -17.62 35.04 27.66
N ASP A 512 -16.90 36.08 28.11
CA ASP A 512 -17.53 37.30 28.59
C ASP A 512 -18.08 38.11 27.41
N ASP A 513 -17.31 38.26 26.33
CA ASP A 513 -17.72 39.04 25.18
C ASP A 513 -19.00 38.50 24.56
N PHE A 514 -19.15 37.17 24.59
CA PHE A 514 -20.31 36.48 24.05
C PHE A 514 -21.49 36.55 25.03
N HIS A 515 -21.26 36.33 26.35
CA HIS A 515 -22.30 36.51 27.37
C HIS A 515 -22.87 37.93 27.32
N GLU A 516 -21.99 38.93 27.28
CA GLU A 516 -22.37 40.34 27.32
C GLU A 516 -23.19 40.69 26.08
N MET A 517 -22.86 40.06 24.94
CA MET A 517 -23.54 40.32 23.68
C MET A 517 -24.91 39.64 23.64
N TRP A 518 -25.08 38.55 24.40
CA TRP A 518 -26.40 37.93 24.52
C TRP A 518 -27.29 38.75 25.45
N LEU A 519 -26.69 39.47 26.42
CA LEU A 519 -27.42 40.36 27.32
C LEU A 519 -27.93 41.60 26.56
N LEU A 520 -27.09 42.19 25.69
CA LEU A 520 -27.53 43.28 24.82
C LEU A 520 -28.69 42.85 23.91
N PHE A 521 -28.72 41.58 23.50
CA PHE A 521 -29.80 41.06 22.66
C PHE A 521 -31.07 40.87 23.47
N ARG A 522 -30.91 40.47 24.74
CA ARG A 522 -32.02 40.01 25.55
C ARG A 522 -32.90 41.20 25.90
N ASN A 523 -32.29 42.31 26.31
CA ASN A 523 -33.03 43.45 26.81
C ASN A 523 -33.30 44.46 25.68
N ASP A 524 -32.63 44.35 24.51
CA ASP A 524 -33.08 45.04 23.29
C ASP A 524 -34.09 44.21 22.49
N GLY A 525 -34.39 42.98 22.95
CA GLY A 525 -35.18 42.00 22.20
C GLY A 525 -34.73 41.86 20.75
N THR A 526 -33.42 41.79 20.51
CA THR A 526 -32.90 41.62 19.15
C THR A 526 -33.34 40.28 18.58
N THR A 527 -33.41 40.26 17.25
CA THR A 527 -34.12 39.23 16.51
C THR A 527 -33.14 38.65 15.48
N VAL A 528 -33.41 37.43 15.02
CA VAL A 528 -32.49 36.78 14.08
C VAL A 528 -32.34 37.63 12.81
N GLN A 529 -33.48 38.02 12.20
CA GLN A 529 -33.47 38.75 10.93
C GLN A 529 -32.75 40.11 11.05
N GLN A 530 -32.76 40.66 12.29
CA GLN A 530 -32.24 41.98 12.60
C GLN A 530 -30.74 41.87 12.78
N LEU A 531 -30.30 40.76 13.38
CA LEU A 531 -28.87 40.49 13.51
C LEU A 531 -28.30 40.12 12.14
N TRP A 532 -29.13 39.45 11.32
CA TRP A 532 -28.74 39.12 9.97
C TRP A 532 -28.47 40.41 9.19
N SER A 533 -29.37 41.38 9.35
CA SER A 533 -29.30 42.66 8.67
C SER A 533 -28.01 43.40 9.02
N ILE A 534 -27.67 43.46 10.32
CA ILE A 534 -26.42 44.03 10.80
C ILE A 534 -25.21 43.30 10.22
N LEU A 535 -25.29 41.96 10.13
CA LEU A 535 -24.19 41.12 9.70
C LEU A 535 -23.92 41.31 8.20
N ARG A 536 -24.99 41.45 7.41
CA ARG A 536 -24.89 41.80 6.01
C ARG A 536 -24.26 43.19 5.82
N SER A 537 -24.46 44.11 6.79
CA SER A 537 -23.82 45.42 6.77
C SER A 537 -22.32 45.26 6.90
N TYR A 538 -21.90 44.43 7.87
CA TYR A 538 -20.48 44.14 8.15
C TYR A 538 -19.82 43.46 6.94
N SER A 539 -20.63 42.72 6.17
CA SER A 539 -20.21 42.09 4.92
C SER A 539 -19.67 43.16 3.95
N ARG A 540 -20.49 44.19 3.64
CA ARG A 540 -20.14 45.25 2.68
C ARG A 540 -19.03 46.17 3.21
N LEU A 541 -18.95 46.37 4.54
CA LEU A 541 -17.87 47.11 5.19
C LEU A 541 -16.50 46.45 4.96
N ILE A 542 -16.41 45.15 5.23
CA ILE A 542 -15.16 44.40 5.14
C ILE A 542 -14.67 44.35 3.68
N LYS A 543 -15.64 44.33 2.76
CA LYS A 543 -15.41 44.30 1.32
C LYS A 543 -14.52 45.47 0.90
N GLU A 544 -14.93 46.69 1.27
CA GLU A 544 -14.29 47.93 0.84
C GLU A 544 -12.86 48.09 1.39
N LYS A 545 -12.51 47.48 2.54
CA LYS A 545 -11.09 47.22 2.84
C LYS A 545 -10.66 45.88 2.22
N ASN A 553 -12.73 40.27 14.18
CA ASN A 553 -12.52 39.42 15.39
C ASN A 553 -13.13 40.17 16.59
N LYS A 554 -12.31 40.95 17.30
CA LYS A 554 -12.76 41.84 18.37
C LYS A 554 -13.68 42.96 17.81
N ALA A 555 -13.50 43.29 16.51
CA ALA A 555 -14.15 44.40 15.81
C ALA A 555 -15.54 44.07 15.30
N SER A 556 -15.91 42.78 15.09
CA SER A 556 -17.28 42.38 14.69
C SER A 556 -18.23 42.77 15.81
N LYS A 557 -17.77 42.56 17.05
CA LYS A 557 -18.60 42.75 18.21
C LYS A 557 -18.65 44.24 18.54
N LYS A 558 -17.59 45.00 18.20
CA LYS A 558 -17.61 46.45 18.34
C LYS A 558 -18.71 47.07 17.45
N LYS A 559 -18.89 46.58 16.22
CA LYS A 559 -19.75 47.24 15.24
C LYS A 559 -21.23 46.80 15.35
N LEU A 560 -21.53 45.79 16.19
CA LEU A 560 -22.91 45.45 16.50
C LEU A 560 -23.39 46.35 17.62
N TYR A 561 -22.50 46.58 18.62
CA TYR A 561 -22.68 47.64 19.60
C TYR A 561 -23.24 48.89 18.92
N ASP A 562 -22.57 49.32 17.83
CA ASP A 562 -22.89 50.53 17.09
C ASP A 562 -24.25 50.40 16.42
N PHE A 563 -24.45 49.34 15.61
CA PHE A 563 -25.68 49.20 14.86
C PHE A 563 -26.84 48.90 15.83
N ILE A 564 -26.55 48.35 17.03
CA ILE A 564 -27.55 48.10 18.07
C ILE A 564 -27.93 49.37 18.84
N LYS A 565 -26.90 50.18 19.18
CA LYS A 565 -27.01 51.41 19.96
C LYS A 565 -28.02 52.38 19.34
N GLU A 566 -28.02 52.47 18.01
CA GLU A 566 -28.97 53.29 17.26
C GLU A 566 -30.40 52.83 17.52
N GLU A 567 -30.58 51.62 18.08
CA GLU A 567 -31.84 51.17 18.66
C GLU A 567 -31.68 51.11 20.17
N ASP B 46 58.96 20.39 -21.10
CA ASP B 46 59.11 18.91 -21.10
C ASP B 46 57.90 18.30 -20.37
N ASP B 47 57.85 18.52 -19.05
CA ASP B 47 56.75 18.12 -18.19
C ASP B 47 55.67 19.22 -18.15
N SER B 48 54.44 18.82 -17.76
CA SER B 48 53.32 19.75 -17.58
C SER B 48 53.55 20.73 -16.43
N TRP B 49 54.36 20.35 -15.44
CA TRP B 49 54.46 21.02 -14.15
C TRP B 49 55.85 21.59 -13.84
N ARG B 50 55.87 22.64 -13.00
CA ARG B 50 57.06 23.27 -12.47
C ARG B 50 56.99 23.26 -10.95
N GLY B 51 58.15 23.40 -10.28
CA GLY B 51 58.26 23.42 -8.83
C GLY B 51 58.63 22.03 -8.32
N VAL B 52 58.05 21.57 -7.19
CA VAL B 52 58.33 20.23 -6.66
C VAL B 52 57.36 19.23 -7.29
N SER B 53 57.68 17.93 -7.20
CA SER B 53 56.88 16.88 -7.84
C SER B 53 55.65 16.55 -6.99
N MET B 54 54.73 15.74 -7.54
CA MET B 54 53.53 15.37 -6.80
C MET B 54 53.91 14.41 -5.66
N GLU B 55 54.94 13.57 -5.85
CA GLU B 55 55.42 12.72 -4.77
C GLU B 55 55.83 13.60 -3.60
N ALA B 56 56.40 14.77 -3.91
CA ALA B 56 56.92 15.68 -2.90
C ALA B 56 55.78 16.27 -2.08
N ILE B 57 54.70 16.69 -2.79
CA ILE B 57 53.49 17.25 -2.18
C ILE B 57 52.88 16.29 -1.16
N HIS B 58 53.06 14.97 -1.38
CA HIS B 58 52.61 13.93 -0.47
C HIS B 58 53.69 13.50 0.52
N ARG B 59 54.81 14.25 0.60
CA ARG B 59 55.93 13.95 1.48
C ARG B 59 56.46 12.52 1.24
N ASN B 60 56.47 12.09 -0.03
CA ASN B 60 57.01 10.80 -0.43
C ASN B 60 56.25 9.61 0.13
N ARG B 61 55.08 9.86 0.74
CA ARG B 61 54.21 8.77 1.15
C ARG B 61 53.03 8.77 0.18
N GLN B 62 52.27 7.66 0.24
CA GLN B 62 51.06 7.50 -0.53
C GLN B 62 50.03 8.57 -0.14
N PRO B 63 49.15 9.03 -1.08
CA PRO B 63 48.10 9.98 -0.73
C PRO B 63 47.20 9.26 0.28
N PHE B 64 46.46 10.00 1.08
CA PHE B 64 45.45 9.42 1.95
C PHE B 64 46.04 8.96 3.28
N GLU B 65 47.36 9.04 3.48
CA GLU B 65 47.89 8.68 4.77
C GLU B 65 47.67 9.85 5.74
N LEU B 66 47.78 11.07 5.22
CA LEU B 66 47.43 12.27 5.95
C LEU B 66 45.97 12.62 5.74
N GLU B 67 45.23 12.80 6.86
CA GLU B 67 43.80 13.07 6.83
C GLU B 67 43.47 14.55 7.00
N ASN B 68 42.29 14.97 6.48
CA ASN B 68 41.85 16.36 6.52
C ASN B 68 40.93 16.68 7.70
N LEU B 69 40.42 15.66 8.41
CA LEU B 69 39.37 15.84 9.39
C LEU B 69 39.49 14.70 10.40
N PRO B 70 39.23 14.95 11.70
CA PRO B 70 39.15 13.84 12.65
C PRO B 70 37.99 12.90 12.34
N PRO B 71 38.02 11.67 12.89
CA PRO B 71 36.90 10.74 12.72
C PRO B 71 35.57 11.29 13.26
N VAL B 72 34.48 10.82 12.67
CA VAL B 72 33.16 11.20 13.13
C VAL B 72 33.00 10.66 14.55
N THR B 73 32.69 11.56 15.51
CA THR B 73 32.16 11.17 16.81
C THR B 73 31.09 12.20 17.19
N ALA B 74 30.00 11.72 17.84
CA ALA B 74 28.87 12.55 18.24
C ALA B 74 29.25 13.42 19.44
N GLY B 75 28.84 14.70 19.42
CA GLY B 75 29.23 15.65 20.44
C GLY B 75 28.24 16.81 20.48
N ASN B 76 28.45 17.73 21.43
CA ASN B 76 27.85 19.05 21.44
C ASN B 76 27.85 19.66 20.02
N LEU B 77 29.01 19.56 19.33
CA LEU B 77 29.33 20.30 18.11
C LEU B 77 29.44 19.38 16.88
N HIS B 78 28.97 18.13 16.97
CA HIS B 78 28.94 17.24 15.85
C HIS B 78 27.68 16.38 15.95
N ARG B 79 26.66 16.73 15.15
CA ARG B 79 25.44 15.97 15.06
C ARG B 79 25.59 14.89 13.96
N VAL B 80 25.13 13.68 14.26
CA VAL B 80 25.37 12.52 13.42
C VAL B 80 24.03 11.83 13.27
N MET B 81 23.58 11.67 12.02
CA MET B 81 22.19 11.33 11.70
C MET B 81 21.94 9.82 11.68
N TYR B 82 23.03 9.05 11.89
CA TYR B 82 23.05 7.59 11.88
C TYR B 82 23.73 7.09 13.15
N GLN B 83 23.56 5.78 13.39
CA GLN B 83 23.96 5.13 14.63
C GLN B 83 25.45 4.80 14.63
N LEU B 84 26.12 5.10 15.75
CA LEU B 84 27.55 4.85 15.88
C LEU B 84 27.81 3.69 16.84
N PRO B 85 28.79 2.78 16.57
CA PRO B 85 29.54 2.78 15.31
C PRO B 85 28.75 2.05 14.22
N ILE B 86 29.19 2.18 12.96
CA ILE B 86 28.47 1.63 11.83
C ILE B 86 28.75 0.13 11.80
N ARG B 87 27.71 -0.72 11.92
CA ARG B 87 27.87 -2.16 11.79
C ARG B 87 27.33 -2.58 10.41
N GLU B 88 26.02 -2.74 10.28
CA GLU B 88 25.40 -2.93 8.97
C GLU B 88 25.56 -1.68 8.10
N THR B 89 25.55 -1.87 6.77
CA THR B 89 25.44 -0.80 5.80
C THR B 89 24.21 -1.02 4.92
N PRO B 90 23.56 0.06 4.43
CA PRO B 90 23.99 1.43 4.73
C PRO B 90 23.73 1.75 6.20
N PRO B 91 24.33 2.80 6.77
CA PRO B 91 24.19 3.09 8.20
C PRO B 91 22.74 3.15 8.67
N ARG B 92 22.51 2.75 9.93
CA ARG B 92 21.17 2.68 10.44
C ARG B 92 20.82 4.07 10.97
N PRO B 93 19.66 4.66 10.59
CA PRO B 93 19.32 6.01 11.05
C PRO B 93 19.19 6.14 12.56
N TYR B 94 19.61 7.29 13.10
CA TYR B 94 19.47 7.60 14.51
C TYR B 94 18.06 8.15 14.76
N LYS B 95 17.46 7.74 15.91
CA LYS B 95 16.11 8.14 16.31
C LYS B 95 16.13 9.12 17.51
N SER B 96 15.59 10.33 17.30
CA SER B 96 15.30 11.29 18.35
C SER B 96 14.12 12.15 17.89
N PRO B 97 13.37 12.75 18.84
CA PRO B 97 12.20 13.58 18.50
C PRO B 97 12.48 14.66 17.46
N GLY B 98 11.54 14.73 16.49
CA GLY B 98 11.52 15.72 15.42
C GLY B 98 11.47 17.15 15.95
N LYS B 99 11.93 18.09 15.11
CA LYS B 99 11.91 19.49 15.46
C LYS B 99 11.44 20.28 14.25
N TRP B 100 10.51 21.19 14.56
CA TRP B 100 9.93 22.12 13.64
C TRP B 100 10.10 23.49 14.26
N ASP B 101 11.28 24.05 14.02
CA ASP B 101 11.68 25.26 14.69
C ASP B 101 12.76 25.95 13.85
N SER B 102 13.20 27.10 14.37
CA SER B 102 14.06 28.00 13.63
C SER B 102 15.51 27.51 13.63
N GLU B 103 15.82 26.40 14.31
CA GLU B 103 17.20 25.93 14.48
C GLU B 103 17.48 24.66 13.66
N HIS B 104 16.45 24.12 13.01
CA HIS B 104 16.54 22.86 12.30
C HIS B 104 15.84 22.98 10.94
N VAL B 105 16.24 22.06 10.04
CA VAL B 105 15.59 21.94 8.75
C VAL B 105 14.13 21.61 8.99
N ARG B 106 13.27 22.30 8.26
CA ARG B 106 11.82 22.06 8.20
C ARG B 106 11.58 21.02 7.13
N LEU B 107 11.40 19.79 7.64
CA LEU B 107 11.30 18.58 6.86
C LEU B 107 9.93 18.50 6.23
N PRO B 108 9.88 18.04 4.96
CA PRO B 108 8.63 17.99 4.23
C PRO B 108 7.59 17.07 4.85
N CYS B 109 8.09 16.08 5.59
CA CYS B 109 7.27 15.03 6.18
C CYS B 109 6.83 15.34 7.62
N ALA B 110 7.13 16.56 8.11
CA ALA B 110 6.78 16.94 9.47
C ALA B 110 5.25 16.97 9.61
N PRO B 111 4.67 16.38 10.68
CA PRO B 111 3.24 16.55 10.96
C PRO B 111 2.79 18.01 11.07
N GLU B 112 3.73 18.91 11.46
CA GLU B 112 3.46 20.33 11.64
C GLU B 112 3.37 21.08 10.31
N SER B 113 3.79 20.47 9.19
CA SER B 113 3.71 21.10 7.88
C SER B 113 2.28 21.00 7.37
N LYS B 114 1.57 22.15 7.36
CA LYS B 114 0.19 22.26 6.90
C LYS B 114 0.11 23.11 5.63
N TYR B 115 -0.94 22.96 4.85
CA TYR B 115 -0.96 23.65 3.56
C TYR B 115 -2.41 23.81 3.08
N PRO B 116 -2.81 25.01 2.60
CA PRO B 116 -4.07 25.19 1.88
C PRO B 116 -4.09 24.64 0.46
N ARG B 117 -5.17 23.97 0.09
CA ARG B 117 -5.40 23.49 -1.26
C ARG B 117 -6.71 24.11 -1.72
N GLU B 118 -6.73 24.68 -2.94
CA GLU B 118 -7.98 24.96 -3.63
C GLU B 118 -8.51 23.65 -4.21
N ASN B 119 -9.84 23.58 -4.42
CA ASN B 119 -10.46 22.32 -4.77
C ASN B 119 -11.13 22.41 -6.14
N PRO B 120 -11.50 21.24 -6.74
CA PRO B 120 -12.51 21.23 -7.82
C PRO B 120 -13.46 22.43 -7.71
N ASP B 121 -14.13 22.57 -6.54
CA ASP B 121 -15.31 23.38 -6.33
C ASP B 121 -15.01 24.81 -5.85
N GLY B 122 -13.72 25.22 -5.72
CA GLY B 122 -13.39 26.61 -5.43
C GLY B 122 -13.11 26.93 -3.95
N SER B 123 -13.43 26.00 -3.03
CA SER B 123 -13.21 26.17 -1.60
C SER B 123 -11.82 25.68 -1.19
N THR B 124 -11.47 25.95 0.07
CA THR B 124 -10.19 25.67 0.66
C THR B 124 -10.27 24.47 1.59
N THR B 125 -9.31 23.54 1.47
CA THR B 125 -9.04 22.58 2.53
C THR B 125 -7.60 22.80 3.02
N ILE B 126 -7.48 22.98 4.34
CA ILE B 126 -6.19 22.97 5.01
C ILE B 126 -5.83 21.53 5.37
N ASP B 127 -4.71 21.02 4.83
CA ASP B 127 -4.35 19.62 4.95
C ASP B 127 -2.89 19.55 5.41
N PHE B 128 -2.40 18.34 5.66
CA PHE B 128 -0.97 18.07 5.87
C PHE B 128 -0.27 18.00 4.52
N ARG B 129 0.73 18.88 4.33
CA ARG B 129 1.45 18.99 3.07
C ARG B 129 2.10 17.63 2.72
N TRP B 130 2.65 16.87 3.71
CA TRP B 130 3.23 15.57 3.41
C TRP B 130 2.21 14.60 2.75
N GLU B 131 0.97 14.64 3.24
CA GLU B 131 -0.12 13.82 2.72
C GLU B 131 -0.47 14.25 1.30
N MET B 132 -0.43 15.55 1.01
CA MET B 132 -0.69 16.08 -0.32
C MET B 132 0.41 15.69 -1.29
N ILE B 133 1.66 15.75 -0.82
CA ILE B 133 2.82 15.31 -1.59
C ILE B 133 2.69 13.83 -1.97
N GLU B 134 2.34 12.96 -1.01
CA GLU B 134 2.15 11.54 -1.28
C GLU B 134 1.07 11.35 -2.32
N ARG B 135 -0.10 11.98 -2.15
CA ARG B 135 -1.21 11.82 -3.08
C ARG B 135 -0.79 12.25 -4.49
N ALA B 136 -0.11 13.40 -4.62
CA ALA B 136 0.30 13.91 -5.92
C ALA B 136 1.27 12.98 -6.65
N LEU B 137 2.25 12.45 -5.92
CA LEU B 137 3.40 11.77 -6.51
C LEU B 137 3.12 10.29 -6.70
N LEU B 138 2.02 9.82 -6.11
CA LEU B 138 1.59 8.44 -6.33
C LEU B 138 0.47 8.36 -7.35
N GLN B 139 -0.06 9.50 -7.86
CA GLN B 139 -0.75 9.52 -9.15
C GLN B 139 0.19 9.00 -10.24
N PRO B 140 -0.36 8.39 -11.31
CA PRO B 140 0.42 8.18 -12.55
C PRO B 140 0.91 9.47 -13.17
N ILE B 141 2.18 9.43 -13.60
CA ILE B 141 2.86 10.57 -14.16
C ILE B 141 3.62 10.06 -15.37
N LYS B 142 3.15 10.45 -16.56
CA LYS B 142 3.57 9.83 -17.81
C LYS B 142 4.25 10.89 -18.68
N THR B 143 4.03 12.19 -18.39
CA THR B 143 4.55 13.28 -19.22
C THR B 143 5.15 14.39 -18.37
N CYS B 144 5.89 15.27 -19.04
CA CYS B 144 6.54 16.37 -18.36
C CYS B 144 5.50 17.33 -17.80
N GLU B 145 4.36 17.51 -18.48
CA GLU B 145 3.31 18.43 -18.04
C GLU B 145 2.71 17.94 -16.72
N GLU B 146 2.48 16.62 -16.60
CA GLU B 146 1.86 16.03 -15.42
C GLU B 146 2.81 16.04 -14.22
N LEU B 147 4.13 15.92 -14.49
CA LEU B 147 5.13 16.09 -13.45
C LEU B 147 5.11 17.51 -12.89
N GLN B 148 5.15 18.50 -13.79
CA GLN B 148 5.07 19.89 -13.36
C GLN B 148 3.79 20.11 -12.56
N ALA B 149 2.66 19.55 -12.99
CA ALA B 149 1.39 19.85 -12.31
C ALA B 149 1.39 19.23 -10.92
N ALA B 150 2.01 18.05 -10.79
CA ALA B 150 2.10 17.37 -9.50
C ALA B 150 2.95 18.18 -8.52
N ILE B 151 4.15 18.63 -8.94
CA ILE B 151 4.98 19.46 -8.09
C ILE B 151 4.29 20.77 -7.74
N ILE B 152 3.59 21.38 -8.70
CA ILE B 152 2.87 22.64 -8.46
C ILE B 152 1.71 22.44 -7.48
N SER B 153 1.15 21.23 -7.41
CA SER B 153 -0.03 20.97 -6.58
C SER B 153 0.25 21.14 -5.09
N TYR B 154 1.55 21.10 -4.68
CA TYR B 154 1.92 21.41 -3.30
C TYR B 154 2.81 22.66 -3.24
N ASN B 155 2.77 23.47 -4.31
CA ASN B 155 3.54 24.70 -4.43
C ASN B 155 2.72 25.72 -5.23
N THR B 156 1.45 25.91 -4.83
CA THR B 156 0.44 26.52 -5.70
C THR B 156 0.67 28.03 -5.87
N THR B 157 1.34 28.67 -4.90
CA THR B 157 1.77 30.06 -5.00
C THR B 157 2.57 30.33 -6.28
N TYR B 158 3.24 29.27 -6.75
CA TYR B 158 4.22 29.41 -7.82
C TYR B 158 3.62 28.87 -9.11
N ARG B 159 2.29 28.61 -9.12
CA ARG B 159 1.60 28.17 -10.34
C ARG B 159 2.00 29.01 -11.55
N ASP B 160 1.97 30.34 -11.43
CA ASP B 160 2.14 31.19 -12.59
C ASP B 160 3.52 31.81 -12.67
N GLN B 161 4.47 31.37 -11.82
CA GLN B 161 5.88 31.77 -11.91
C GLN B 161 6.75 30.64 -12.47
N TRP B 162 6.47 29.39 -12.08
CA TRP B 162 7.34 28.26 -12.38
C TRP B 162 6.88 27.65 -13.70
N HIS B 163 7.74 27.74 -14.70
CA HIS B 163 7.60 26.88 -15.85
C HIS B 163 8.93 26.17 -16.01
N PHE B 164 8.82 24.84 -16.08
CA PHE B 164 9.97 23.96 -16.00
C PHE B 164 10.50 23.72 -17.41
N ARG B 165 10.88 24.82 -18.07
CA ARG B 165 11.32 24.84 -19.45
C ARG B 165 12.52 23.94 -19.71
N ALA B 166 13.49 23.85 -18.79
CA ALA B 166 14.67 23.00 -19.02
C ALA B 166 14.27 21.52 -18.93
N LEU B 167 13.21 21.23 -18.16
CA LEU B 167 12.76 19.86 -18.02
C LEU B 167 11.98 19.44 -19.27
N HIS B 168 11.10 20.33 -19.74
CA HIS B 168 10.45 20.21 -21.05
C HIS B 168 11.50 20.05 -22.14
N GLN B 169 12.57 20.84 -22.14
CA GLN B 169 13.58 20.76 -23.19
C GLN B 169 14.28 19.40 -23.11
N LEU B 170 14.58 18.92 -21.91
CA LEU B 170 15.34 17.69 -21.79
C LEU B 170 14.48 16.50 -22.21
N LEU B 171 13.21 16.46 -21.77
CA LEU B 171 12.40 15.28 -21.91
C LEU B 171 11.65 15.24 -23.25
N ASP B 172 11.25 16.43 -23.73
CA ASP B 172 10.44 16.56 -24.93
C ASP B 172 11.37 16.67 -26.16
N GLU B 173 12.56 17.28 -26.06
CA GLU B 173 13.37 17.62 -27.22
C GLU B 173 14.74 16.92 -27.24
N GLU B 174 15.36 16.65 -26.08
CA GLU B 174 16.76 16.26 -26.04
C GLU B 174 16.93 14.74 -26.02
N LEU B 175 16.05 14.04 -25.29
CA LEU B 175 16.07 12.58 -25.27
C LEU B 175 15.14 12.08 -26.38
N ASP B 176 15.43 10.88 -26.93
CA ASP B 176 14.53 10.33 -27.93
C ASP B 176 13.37 9.68 -27.18
N GLU B 177 12.36 9.18 -27.91
CA GLU B 177 11.11 8.77 -27.28
C GLU B 177 11.32 7.67 -26.24
N SER B 178 12.38 6.86 -26.38
CA SER B 178 12.54 5.66 -25.57
C SER B 178 13.32 5.97 -24.28
N GLU B 179 14.26 6.92 -24.36
CA GLU B 179 14.97 7.42 -23.20
C GLU B 179 14.02 8.15 -22.27
N THR B 180 13.00 8.80 -22.86
CA THR B 180 11.94 9.51 -22.15
C THR B 180 10.95 8.55 -21.47
N ARG B 181 10.58 7.47 -22.16
CA ARG B 181 9.74 6.41 -21.62
C ARG B 181 10.46 5.82 -20.39
N VAL B 182 11.76 5.66 -20.50
CA VAL B 182 12.54 5.04 -19.43
C VAL B 182 12.61 5.98 -18.21
N PHE B 183 12.62 7.31 -18.46
CA PHE B 183 12.51 8.29 -17.40
C PHE B 183 11.22 8.05 -16.62
N PHE B 184 10.07 7.98 -17.28
CA PHE B 184 8.80 7.90 -16.58
C PHE B 184 8.45 6.49 -16.08
N GLU B 185 9.02 5.44 -16.68
CA GLU B 185 8.68 4.09 -16.30
C GLU B 185 9.64 3.61 -15.23
N ASP B 186 10.91 4.00 -15.30
CA ASP B 186 11.91 3.52 -14.35
C ASP B 186 12.34 4.62 -13.38
N LEU B 187 13.00 5.69 -13.89
CA LEU B 187 13.77 6.58 -13.04
C LEU B 187 12.87 7.40 -12.12
N LEU B 188 11.87 8.09 -12.70
CA LEU B 188 11.07 8.99 -11.88
C LEU B 188 10.39 8.20 -10.76
N PRO B 189 9.81 7.01 -10.99
CA PRO B 189 9.22 6.25 -9.89
C PRO B 189 10.22 5.88 -8.79
N ARG B 190 11.50 5.63 -9.13
CA ARG B 190 12.53 5.34 -8.15
C ARG B 190 12.88 6.57 -7.30
N ILE B 191 12.92 7.76 -7.93
CA ILE B 191 13.19 9.01 -7.24
C ILE B 191 12.04 9.30 -6.27
N ILE B 192 10.79 9.08 -6.71
CA ILE B 192 9.65 9.33 -5.85
C ILE B 192 9.65 8.39 -4.66
N ARG B 193 9.95 7.12 -4.92
CA ARG B 193 9.84 6.12 -3.87
C ARG B 193 10.90 6.39 -2.84
N LEU B 194 12.07 6.86 -3.29
CA LEU B 194 13.16 7.27 -2.38
C LEU B 194 12.77 8.51 -1.59
N ALA B 195 12.22 9.55 -2.25
CA ALA B 195 11.78 10.75 -1.56
C ALA B 195 10.78 10.39 -0.45
N LEU B 196 9.85 9.47 -0.75
CA LEU B 196 8.75 9.16 0.17
C LEU B 196 9.20 8.27 1.34
N ARG B 197 10.46 7.81 1.34
CA ARG B 197 11.03 7.10 2.48
C ARG B 197 11.73 8.02 3.48
N LEU B 198 11.53 9.32 3.38
CA LEU B 198 12.19 10.28 4.24
C LEU B 198 11.89 10.01 5.71
N PRO B 199 10.64 9.72 6.14
CA PRO B 199 10.37 9.44 7.55
C PRO B 199 11.12 8.20 8.07
N ASP B 200 11.47 7.28 7.14
CA ASP B 200 12.25 6.08 7.45
C ASP B 200 13.76 6.36 7.51
N LEU B 201 14.30 7.29 6.71
CA LEU B 201 15.75 7.47 6.57
C LEU B 201 16.28 8.61 7.40
N ILE B 202 15.43 9.60 7.67
CA ILE B 202 15.74 10.71 8.56
C ILE B 202 14.79 10.62 9.74
N GLN B 203 15.32 10.16 10.90
CA GLN B 203 14.49 9.81 12.04
C GLN B 203 14.93 10.62 13.25
N SER B 204 15.48 11.78 12.95
CA SER B 204 16.33 12.58 13.79
C SER B 204 16.23 13.98 13.21
N PRO B 205 16.13 15.08 14.01
CA PRO B 205 16.10 16.43 13.43
C PRO B 205 17.40 16.76 12.72
N VAL B 206 17.35 17.46 11.59
CA VAL B 206 18.56 17.90 10.89
C VAL B 206 18.86 19.35 11.28
N PRO B 207 19.93 19.62 12.05
CA PRO B 207 20.25 20.98 12.51
C PRO B 207 20.82 21.84 11.38
N LEU B 208 20.57 23.15 11.45
CA LEU B 208 21.14 24.12 10.54
C LEU B 208 22.52 24.48 11.05
N LEU B 209 23.47 24.68 10.14
CA LEU B 209 24.79 25.20 10.47
C LEU B 209 24.80 26.71 10.28
N LYS B 210 24.59 27.43 11.36
CA LYS B 210 24.44 28.88 11.31
C LYS B 210 25.74 29.63 11.55
N HIS B 211 25.70 30.95 11.19
CA HIS B 211 26.74 31.96 11.39
C HIS B 211 27.40 31.77 12.74
N HIS B 212 28.73 31.66 12.74
CA HIS B 212 29.58 31.96 13.89
C HIS B 212 29.55 30.80 14.88
N LYS B 213 29.16 29.62 14.41
CA LYS B 213 29.21 28.40 15.21
C LYS B 213 30.10 27.41 14.47
N ASN B 214 31.17 26.96 15.12
CA ASN B 214 31.89 25.78 14.69
C ASN B 214 31.02 24.55 15.00
N ALA B 215 30.56 23.87 13.93
CA ALA B 215 29.78 22.66 14.08
C ALA B 215 30.05 21.74 12.90
N SER B 216 29.76 20.45 13.09
CA SER B 216 29.81 19.46 12.04
C SER B 216 28.46 18.75 11.99
N LEU B 217 28.12 18.25 10.79
CA LEU B 217 26.96 17.41 10.60
C LEU B 217 27.38 16.26 9.70
N SER B 218 27.02 15.03 10.09
CA SER B 218 27.39 13.85 9.32
C SER B 218 26.11 13.06 9.01
N LEU B 219 25.99 12.67 7.73
CA LEU B 219 24.85 11.93 7.23
C LEU B 219 25.37 10.79 6.36
N SER B 220 24.54 9.74 6.21
CA SER B 220 24.88 8.72 5.25
C SER B 220 24.67 9.27 3.85
N GLN B 221 25.41 8.71 2.89
CA GLN B 221 25.13 8.93 1.48
C GLN B 221 23.69 8.56 1.10
N GLN B 222 23.17 7.53 1.76
CA GLN B 222 21.80 7.08 1.53
C GLN B 222 20.81 8.15 2.02
N GLN B 223 20.97 8.61 3.24
CA GLN B 223 20.16 9.72 3.74
C GLN B 223 20.24 10.92 2.80
N ILE B 224 21.43 11.22 2.25
CA ILE B 224 21.57 12.34 1.36
C ILE B 224 20.78 12.12 0.06
N SER B 225 20.78 10.89 -0.47
CA SER B 225 20.04 10.61 -1.72
C SER B 225 18.55 10.91 -1.54
N CYS B 226 18.06 10.65 -0.33
CA CYS B 226 16.67 10.84 0.02
C CYS B 226 16.34 12.34 0.12
N LEU B 227 17.19 13.11 0.81
CA LEU B 227 16.99 14.55 0.93
C LEU B 227 17.06 15.19 -0.47
N LEU B 228 17.98 14.72 -1.31
CA LEU B 228 18.08 15.28 -2.67
C LEU B 228 16.90 14.85 -3.55
N ALA B 229 16.34 13.66 -3.33
CA ALA B 229 15.16 13.27 -4.10
C ALA B 229 13.99 14.22 -3.80
N ASN B 230 13.82 14.56 -2.52
CA ASN B 230 12.86 15.58 -2.08
C ASN B 230 13.13 16.95 -2.72
N ALA B 231 14.39 17.37 -2.80
CA ALA B 231 14.74 18.63 -3.44
C ALA B 231 14.38 18.59 -4.92
N PHE B 232 14.63 17.46 -5.59
CA PHE B 232 14.31 17.29 -7.00
C PHE B 232 12.82 17.53 -7.24
N LEU B 233 12.01 17.08 -6.28
CA LEU B 233 10.55 17.15 -6.36
C LEU B 233 10.03 18.36 -5.60
N CYS B 234 10.94 19.24 -5.18
CA CYS B 234 10.62 20.55 -4.67
C CYS B 234 9.72 20.45 -3.43
N THR B 235 10.01 19.52 -2.51
CA THR B 235 9.12 19.27 -1.38
C THR B 235 9.50 20.08 -0.12
N PHE B 236 10.70 20.68 -0.05
CA PHE B 236 11.09 21.34 1.18
C PHE B 236 10.26 22.58 1.40
N PRO B 237 9.51 22.64 2.52
CA PRO B 237 8.72 23.82 2.87
C PRO B 237 9.56 24.98 3.41
N ARG B 238 9.09 26.17 3.01
CA ARG B 238 9.44 27.50 3.51
C ARG B 238 10.76 27.96 2.91
N ARG B 239 11.03 27.37 1.74
CA ARG B 239 12.34 27.46 1.10
C ARG B 239 12.21 27.95 -0.33
N ASN B 240 11.01 28.44 -0.67
CA ASN B 240 10.65 28.90 -1.99
C ASN B 240 10.47 30.42 -1.98
N THR B 241 9.91 31.00 -0.91
CA THR B 241 9.74 32.45 -0.84
C THR B 241 11.07 33.17 -1.19
N LEU B 242 11.03 34.11 -2.16
CA LEU B 242 12.18 34.94 -2.53
C LEU B 242 12.09 36.32 -1.85
N LYS B 243 11.10 36.50 -0.95
CA LYS B 243 10.85 37.76 -0.23
C LYS B 243 12.04 38.11 0.66
N ARG B 244 12.36 39.42 0.70
CA ARG B 244 13.61 39.98 1.22
C ARG B 244 13.88 39.57 2.69
N LYS B 245 12.87 39.74 3.59
CA LYS B 245 13.01 39.34 4.98
C LYS B 245 12.14 38.10 5.22
N SER B 246 12.79 36.93 5.24
CA SER B 246 12.11 35.69 5.59
C SER B 246 13.12 34.78 6.30
N GLU B 247 12.64 33.71 6.94
CA GLU B 247 13.46 32.92 7.85
C GLU B 247 14.77 32.43 7.20
N TYR B 248 14.69 32.07 5.90
CA TYR B 248 15.73 31.29 5.21
C TYR B 248 16.39 32.15 4.12
N SER B 249 16.35 33.48 4.29
CA SER B 249 16.86 34.36 3.25
C SER B 249 18.37 34.53 3.34
N THR B 250 18.98 34.13 4.46
CA THR B 250 20.42 34.01 4.55
C THR B 250 20.90 32.60 4.19
N PHE B 251 20.01 31.75 3.66
CA PHE B 251 20.39 30.40 3.26
C PHE B 251 20.28 30.23 1.75
N PRO B 252 21.01 29.27 1.16
CA PRO B 252 20.86 28.94 -0.27
C PRO B 252 19.50 28.35 -0.63
N ASP B 253 19.15 28.37 -1.92
CA ASP B 253 17.97 27.64 -2.36
C ASP B 253 18.37 26.16 -2.38
N ILE B 254 17.37 25.27 -2.27
CA ILE B 254 17.56 23.82 -2.21
C ILE B 254 16.60 23.11 -3.16
N ASN B 255 15.29 23.49 -3.16
CA ASN B 255 14.38 22.93 -4.16
C ASN B 255 14.97 23.22 -5.55
N PHE B 256 14.75 22.27 -6.49
CA PHE B 256 15.45 22.28 -7.77
C PHE B 256 14.71 23.13 -8.82
N ASN B 257 13.61 23.79 -8.43
CA ASN B 257 12.80 24.55 -9.38
C ASN B 257 13.64 25.53 -10.21
N ARG B 258 14.60 26.26 -9.63
CA ARG B 258 15.31 27.32 -10.32
C ARG B 258 16.18 26.75 -11.45
N LEU B 259 16.61 25.49 -11.29
CA LEU B 259 17.33 24.78 -12.35
C LEU B 259 16.40 24.49 -13.53
N TYR B 260 15.17 24.06 -13.21
CA TYR B 260 14.20 23.68 -14.22
C TYR B 260 13.72 24.91 -14.99
N GLN B 261 13.71 26.09 -14.34
CA GLN B 261 13.34 27.36 -14.94
C GLN B 261 14.44 27.95 -15.84
N SER B 262 15.67 27.44 -15.80
CA SER B 262 16.80 28.02 -16.55
C SER B 262 16.90 27.47 -17.99
N THR B 263 17.93 27.94 -18.70
CA THR B 263 18.08 27.79 -20.15
C THR B 263 19.52 27.51 -20.57
N GLY B 264 19.58 26.95 -21.77
CA GLY B 264 20.82 26.71 -22.46
C GLY B 264 21.31 25.26 -22.33
N PRO B 265 22.30 24.89 -23.17
CA PRO B 265 22.85 23.55 -23.14
C PRO B 265 23.51 23.15 -21.81
N ALA B 266 24.17 24.11 -21.12
CA ALA B 266 24.88 23.80 -19.89
C ALA B 266 23.89 23.29 -18.84
N VAL B 267 22.72 23.92 -18.77
CA VAL B 267 21.67 23.53 -17.84
C VAL B 267 21.18 22.10 -18.12
N LEU B 268 21.01 21.68 -19.39
CA LEU B 268 20.60 20.30 -19.67
C LEU B 268 21.66 19.31 -19.21
N GLU B 269 22.93 19.65 -19.39
CA GLU B 269 24.02 18.76 -19.03
C GLU B 269 24.08 18.60 -17.50
N LYS B 270 23.70 19.66 -16.76
CA LYS B 270 23.61 19.58 -15.31
C LYS B 270 22.46 18.62 -14.96
N LEU B 271 21.32 18.75 -15.62
CA LEU B 271 20.17 17.87 -15.40
C LEU B 271 20.53 16.42 -15.71
N LYS B 272 21.36 16.18 -16.73
CA LYS B 272 21.74 14.82 -17.07
C LYS B 272 22.59 14.23 -15.97
N CYS B 273 23.48 15.06 -15.37
CA CYS B 273 24.32 14.62 -14.25
C CYS B 273 23.51 14.18 -13.03
N ILE B 274 22.43 14.92 -12.79
CA ILE B 274 21.53 14.72 -11.66
C ILE B 274 20.71 13.45 -11.87
N MET B 275 20.11 13.27 -13.06
CA MET B 275 19.43 12.06 -13.46
C MET B 275 20.34 10.85 -13.20
N HIS B 276 21.57 10.93 -13.70
CA HIS B 276 22.56 9.87 -13.61
C HIS B 276 22.86 9.52 -12.16
N TYR B 277 23.01 10.55 -11.29
CA TYR B 277 23.20 10.36 -9.86
C TYR B 277 22.07 9.48 -9.30
N PHE B 278 20.84 9.78 -9.70
CA PHE B 278 19.72 9.04 -9.13
C PHE B 278 19.65 7.62 -9.70
N ARG B 279 20.09 7.42 -10.97
CA ARG B 279 20.23 6.06 -11.48
C ARG B 279 21.26 5.31 -10.64
N ARG B 280 22.35 5.97 -10.24
CA ARG B 280 23.41 5.28 -9.51
C ARG B 280 22.95 4.88 -8.11
N VAL B 281 22.17 5.73 -7.40
CA VAL B 281 22.01 5.60 -5.96
C VAL B 281 20.60 5.17 -5.54
N CYS B 282 19.61 5.32 -6.42
CA CYS B 282 18.30 4.78 -6.13
C CYS B 282 18.32 3.24 -6.22
N PRO B 283 17.66 2.55 -5.27
CA PRO B 283 17.46 1.11 -5.45
C PRO B 283 16.73 0.87 -6.77
N THR B 284 17.11 -0.23 -7.47
CA THR B 284 16.44 -0.69 -8.69
C THR B 284 15.26 -1.58 -8.27
N GLU B 285 14.40 -1.94 -9.24
CA GLU B 285 13.21 -2.70 -8.89
C GLU B 285 13.64 -4.03 -8.27
N ARG B 286 14.74 -4.63 -8.77
CA ARG B 286 15.27 -5.87 -8.21
C ARG B 286 15.69 -5.64 -6.75
N ASP B 287 16.80 -4.92 -6.54
CA ASP B 287 17.39 -4.88 -5.20
C ASP B 287 18.02 -3.51 -4.95
N ALA B 288 18.70 -3.41 -3.79
CA ALA B 288 19.24 -2.16 -3.29
C ALA B 288 20.75 -2.23 -3.09
N SER B 289 21.45 -3.04 -3.89
CA SER B 289 22.87 -3.29 -3.69
C SER B 289 23.72 -2.17 -4.30
N ASN B 290 23.13 -1.30 -5.12
CA ASN B 290 23.81 -0.18 -5.75
C ASN B 290 23.77 1.05 -4.83
N VAL B 291 22.94 1.01 -3.77
CA VAL B 291 22.80 2.10 -2.81
C VAL B 291 24.15 2.35 -2.14
N PRO B 292 24.63 3.61 -2.09
CA PRO B 292 25.91 3.89 -1.46
C PRO B 292 25.92 3.67 0.06
N THR B 293 27.10 3.24 0.53
CA THR B 293 27.23 2.55 1.79
C THR B 293 27.77 3.49 2.86
N GLY B 294 28.28 4.67 2.46
CA GLY B 294 29.15 5.43 3.34
C GLY B 294 28.53 6.70 3.90
N VAL B 295 29.41 7.68 4.14
CA VAL B 295 29.09 8.85 4.94
C VAL B 295 29.74 10.08 4.29
N VAL B 296 29.10 11.22 4.54
CA VAL B 296 29.60 12.56 4.23
C VAL B 296 29.46 13.44 5.46
N THR B 297 30.48 14.29 5.69
CA THR B 297 30.56 15.20 6.81
C THR B 297 30.70 16.64 6.30
N PHE B 298 29.94 17.55 6.93
CA PHE B 298 29.96 18.97 6.63
C PHE B 298 30.41 19.74 7.88
N VAL B 299 31.46 20.55 7.77
CA VAL B 299 32.02 21.25 8.92
C VAL B 299 32.04 22.74 8.63
N ARG B 300 31.25 23.52 9.38
CA ARG B 300 31.38 24.96 9.39
C ARG B 300 32.57 25.33 10.26
N ARG B 301 33.58 25.93 9.61
CA ARG B 301 34.70 26.51 10.34
C ARG B 301 34.42 27.99 10.50
N SER B 302 34.48 28.45 11.75
CA SER B 302 34.20 29.84 12.04
C SER B 302 35.31 30.37 12.95
N GLY B 303 36.13 31.27 12.40
CA GLY B 303 37.33 31.71 13.09
C GLY B 303 37.02 32.73 14.18
N LEU B 304 37.65 32.56 15.34
CA LEU B 304 37.54 33.49 16.46
C LEU B 304 38.60 34.60 16.29
N PRO B 305 38.46 35.77 16.95
CA PRO B 305 39.54 36.77 17.01
C PRO B 305 40.93 36.23 17.36
N GLU B 306 40.99 35.26 18.28
CA GLU B 306 42.23 34.57 18.59
C GLU B 306 42.89 33.90 17.36
N HIS B 307 42.17 33.61 16.28
CA HIS B 307 42.75 32.87 15.15
C HIS B 307 43.28 33.80 14.08
N LEU B 308 42.92 35.11 14.15
CA LEU B 308 43.31 36.10 13.16
C LEU B 308 44.82 36.24 13.17
N ILE B 309 45.41 35.99 12.00
CA ILE B 309 46.83 36.24 11.81
C ILE B 309 47.05 37.74 11.63
N ASP B 310 48.05 38.28 12.34
CA ASP B 310 48.72 39.53 11.99
C ASP B 310 49.81 39.18 10.97
N TRP B 311 49.58 39.60 9.72
CA TRP B 311 50.36 39.14 8.57
C TRP B 311 51.75 39.76 8.53
N SER B 312 51.94 40.92 9.21
CA SER B 312 53.22 41.59 9.35
C SER B 312 54.11 40.92 10.39
N GLN B 313 53.59 40.00 11.20
CA GLN B 313 54.38 39.26 12.19
C GLN B 313 54.71 37.84 11.73
N SER B 314 54.29 37.43 10.52
CA SER B 314 54.56 36.09 10.04
C SER B 314 55.98 35.98 9.51
N ALA B 315 56.80 35.22 10.23
CA ALA B 315 58.19 35.00 9.85
C ALA B 315 58.31 33.80 8.89
N ALA B 316 57.21 33.32 8.32
CA ALA B 316 57.25 32.05 7.59
C ALA B 316 57.97 32.30 6.26
N PRO B 317 59.03 31.51 5.95
CA PRO B 317 59.64 31.56 4.62
C PRO B 317 58.72 31.00 3.55
N LEU B 318 58.43 31.84 2.54
CA LEU B 318 57.61 31.53 1.36
C LEU B 318 58.24 30.47 0.47
N GLY B 319 59.57 30.35 0.45
CA GLY B 319 60.20 29.42 -0.48
C GLY B 319 60.24 28.00 0.07
N ASP B 320 59.98 27.90 1.39
CA ASP B 320 59.96 26.62 2.08
C ASP B 320 58.63 25.89 1.89
N VAL B 321 57.65 26.57 1.26
CA VAL B 321 56.43 25.95 0.79
C VAL B 321 56.74 25.03 -0.38
N PRO B 322 56.51 23.70 -0.26
CA PRO B 322 56.56 22.80 -1.42
C PRO B 322 55.47 23.18 -2.42
N LEU B 323 55.89 23.86 -3.51
CA LEU B 323 54.95 24.36 -4.50
C LEU B 323 55.04 23.55 -5.81
N HIS B 324 53.88 23.05 -6.27
CA HIS B 324 53.74 22.30 -7.52
C HIS B 324 52.71 22.99 -8.41
N VAL B 325 53.15 23.56 -9.54
CA VAL B 325 52.32 24.37 -10.41
C VAL B 325 52.16 23.63 -11.75
N ASP B 326 50.95 23.15 -12.06
CA ASP B 326 50.70 22.27 -13.19
C ASP B 326 49.80 23.00 -14.20
N ALA B 327 50.13 22.89 -15.48
CA ALA B 327 49.41 23.60 -16.52
C ALA B 327 48.44 22.65 -17.19
N GLU B 328 48.64 21.35 -16.92
CA GLU B 328 47.62 20.37 -17.24
C GLU B 328 46.96 19.94 -15.92
N GLY B 329 46.04 18.99 -16.04
CA GLY B 329 45.37 18.42 -14.86
C GLY B 329 44.26 19.30 -14.26
N THR B 330 43.46 18.63 -13.43
CA THR B 330 42.37 19.18 -12.63
C THR B 330 42.55 18.86 -11.15
N ILE B 331 41.98 19.71 -10.31
CA ILE B 331 41.91 19.52 -8.86
C ILE B 331 41.28 18.17 -8.48
N GLU B 332 40.17 17.79 -9.14
CA GLU B 332 39.43 16.62 -8.68
C GLU B 332 40.18 15.32 -8.99
N ASP B 333 41.06 15.34 -10.01
CA ASP B 333 41.75 14.16 -10.51
C ASP B 333 43.18 14.09 -9.97
N GLU B 334 43.95 15.14 -10.25
CA GLU B 334 45.36 15.20 -9.88
C GLU B 334 45.53 15.59 -8.40
N GLY B 335 44.52 16.24 -7.81
CA GLY B 335 44.58 16.67 -6.41
C GLY B 335 44.05 15.62 -5.43
N ILE B 336 44.07 14.34 -5.81
CA ILE B 336 43.59 13.25 -4.96
C ILE B 336 44.46 13.19 -3.70
N GLY B 337 43.82 13.13 -2.51
CA GLY B 337 44.46 13.07 -1.21
C GLY B 337 44.59 14.45 -0.56
N LEU B 338 44.34 15.53 -1.31
CA LEU B 338 44.64 16.87 -0.84
C LEU B 338 43.34 17.58 -0.49
N LEU B 339 43.47 18.71 0.22
CA LEU B 339 42.36 19.61 0.43
C LEU B 339 42.13 20.37 -0.88
N GLN B 340 41.09 19.92 -1.60
CA GLN B 340 40.65 20.49 -2.86
C GLN B 340 39.76 21.71 -2.61
N VAL B 341 39.96 22.77 -3.41
CA VAL B 341 39.24 24.02 -3.25
C VAL B 341 38.04 24.10 -4.20
N ASP B 342 36.98 24.70 -3.63
CA ASP B 342 35.75 25.05 -4.30
C ASP B 342 35.74 26.57 -4.29
N PHE B 343 35.73 27.17 -5.50
CA PHE B 343 35.71 28.61 -5.67
C PHE B 343 34.25 29.00 -5.49
N ALA B 344 33.89 29.15 -4.22
CA ALA B 344 32.51 29.18 -3.81
C ALA B 344 31.97 30.59 -3.89
N ASN B 345 30.63 30.66 -3.94
CA ASN B 345 29.82 31.84 -3.63
C ASN B 345 29.49 31.76 -2.13
N LYS B 346 29.16 32.89 -1.51
CA LYS B 346 28.91 32.88 -0.07
C LYS B 346 27.65 32.06 0.20
N TYR B 347 26.70 32.06 -0.76
CA TYR B 347 25.66 31.05 -0.85
C TYR B 347 26.23 29.77 -1.46
N LEU B 348 26.34 28.72 -0.64
CA LEU B 348 26.94 27.46 -1.09
C LEU B 348 26.28 26.99 -2.38
N GLY B 349 27.10 26.53 -3.31
CA GLY B 349 26.66 25.95 -4.57
C GLY B 349 26.52 26.99 -5.69
N GLY B 350 26.46 28.28 -5.33
CA GLY B 350 26.37 29.34 -6.32
C GLY B 350 25.09 29.20 -7.15
N GLY B 351 25.24 29.23 -8.47
CA GLY B 351 24.08 29.15 -9.33
C GLY B 351 23.89 27.76 -9.94
N VAL B 352 24.33 26.71 -9.24
CA VAL B 352 24.13 25.35 -9.75
C VAL B 352 22.63 25.09 -10.01
N LEU B 353 21.74 25.59 -9.14
CA LEU B 353 20.30 25.59 -9.42
C LEU B 353 19.93 26.93 -10.03
N GLY B 354 20.15 27.05 -11.35
CA GLY B 354 20.21 28.32 -12.05
C GLY B 354 21.13 28.22 -13.27
N HIS B 355 21.70 29.34 -13.71
CA HIS B 355 22.44 29.38 -14.98
C HIS B 355 23.92 29.02 -14.80
N GLY B 356 24.40 29.00 -13.56
CA GLY B 356 25.81 28.79 -13.26
C GLY B 356 26.35 27.44 -13.73
N CYS B 357 27.56 27.42 -14.29
CA CYS B 357 28.21 26.18 -14.69
C CYS B 357 29.72 26.35 -14.83
N VAL B 358 30.34 27.00 -13.85
CA VAL B 358 31.78 27.09 -13.76
C VAL B 358 32.24 26.22 -12.58
N GLN B 359 33.36 26.57 -11.93
CA GLN B 359 34.11 25.62 -11.11
C GLN B 359 33.22 25.01 -10.01
N GLU B 360 32.55 25.87 -9.22
CA GLU B 360 31.68 25.39 -8.15
C GLU B 360 30.56 24.51 -8.69
N GLU B 361 29.78 25.04 -9.66
CA GLU B 361 28.57 24.38 -10.13
C GLU B 361 28.87 23.00 -10.70
N ILE B 362 30.00 22.83 -11.40
CA ILE B 362 30.37 21.58 -12.04
C ILE B 362 30.62 20.53 -10.95
N ARG B 363 31.34 20.92 -9.89
CA ARG B 363 31.73 19.96 -8.88
C ARG B 363 30.50 19.47 -8.13
N PHE B 364 29.51 20.35 -8.00
CA PHE B 364 28.27 20.04 -7.31
C PHE B 364 27.34 19.14 -8.13
N VAL B 365 27.54 18.96 -9.45
CA VAL B 365 26.70 18.03 -10.24
C VAL B 365 27.41 16.70 -10.54
N ILE B 366 28.76 16.70 -10.51
CA ILE B 366 29.52 15.48 -10.67
C ILE B 366 29.68 14.78 -9.32
N CYS B 367 29.66 15.54 -8.21
CA CYS B 367 29.64 15.01 -6.84
C CYS B 367 28.42 15.56 -6.13
N PRO B 368 27.19 15.09 -6.53
CA PRO B 368 25.95 15.76 -6.16
C PRO B 368 25.59 15.72 -4.67
N GLU B 369 26.28 14.88 -3.90
CA GLU B 369 26.03 14.83 -2.46
C GLU B 369 26.34 16.20 -1.86
N LEU B 370 27.22 17.01 -2.49
CA LEU B 370 27.57 18.34 -1.99
C LEU B 370 26.32 19.22 -1.95
N LEU B 371 25.40 18.98 -2.87
CA LEU B 371 24.21 19.82 -2.99
C LEU B 371 23.45 19.87 -1.67
N VAL B 372 23.52 18.81 -0.86
CA VAL B 372 22.72 18.77 0.35
C VAL B 372 23.20 19.84 1.34
N GLY B 373 24.45 20.32 1.18
CA GLY B 373 24.95 21.41 2.01
C GLY B 373 24.06 22.65 1.95
N LYS B 374 23.40 22.86 0.80
CA LYS B 374 22.51 24.00 0.56
C LYS B 374 21.32 23.98 1.50
N LEU B 375 21.01 22.78 1.98
CA LEU B 375 19.81 22.61 2.78
C LEU B 375 20.06 23.18 4.17
N PHE B 376 21.30 23.15 4.69
CA PHE B 376 21.45 23.50 6.10
C PHE B 376 22.58 24.48 6.38
N THR B 377 23.19 25.04 5.32
CA THR B 377 24.39 25.88 5.49
C THR B 377 24.07 27.36 5.24
N GLU B 378 23.98 28.15 6.32
CA GLU B 378 23.82 29.60 6.27
C GLU B 378 24.96 30.18 5.45
N CYS B 379 24.73 31.32 4.77
CA CYS B 379 25.79 31.85 3.93
C CYS B 379 26.97 32.24 4.79
N LEU B 380 28.16 32.12 4.17
CA LEU B 380 29.45 32.30 4.83
C LEU B 380 29.71 33.79 5.07
N ARG B 381 30.10 34.08 6.33
CA ARG B 381 30.58 35.40 6.70
C ARG B 381 32.08 35.42 6.36
N PRO B 382 32.75 36.60 6.41
CA PRO B 382 34.15 36.73 5.95
C PRO B 382 35.21 35.84 6.59
N PHE B 383 35.04 35.46 7.86
CA PHE B 383 36.02 34.61 8.51
C PHE B 383 35.44 33.21 8.76
N GLU B 384 34.71 32.68 7.76
CA GLU B 384 34.18 31.32 7.83
C GLU B 384 34.41 30.55 6.53
N ALA B 385 34.37 29.21 6.64
CA ALA B 385 34.49 28.30 5.49
C ALA B 385 33.69 27.03 5.80
N LEU B 386 33.47 26.22 4.76
CA LEU B 386 32.78 24.95 4.92
C LEU B 386 33.61 23.84 4.27
N VAL B 387 33.94 22.81 5.09
CA VAL B 387 34.68 21.66 4.63
C VAL B 387 33.68 20.52 4.45
N MET B 388 33.84 19.80 3.34
CA MET B 388 32.90 18.79 2.94
C MET B 388 33.70 17.53 2.60
N LEU B 389 33.58 16.48 3.40
CA LEU B 389 34.42 15.29 3.25
C LEU B 389 33.52 14.08 3.03
N GLY B 390 33.74 13.34 1.93
CA GLY B 390 33.05 12.07 1.71
C GLY B 390 32.24 11.97 0.41
N ALA B 391 32.11 13.09 -0.30
CA ALA B 391 31.33 13.23 -1.52
C ALA B 391 31.91 12.36 -2.63
N GLU B 392 31.06 11.43 -3.09
CA GLU B 392 31.38 10.52 -4.16
C GLU B 392 31.11 11.20 -5.49
N ARG B 393 32.03 10.89 -6.44
CA ARG B 393 31.90 11.31 -7.82
C ARG B 393 31.22 10.24 -8.66
N TYR B 394 30.19 10.65 -9.41
CA TYR B 394 29.32 9.75 -10.13
C TYR B 394 29.38 10.02 -11.63
N SER B 395 29.83 11.23 -12.02
CA SER B 395 29.84 11.57 -13.44
C SER B 395 31.22 12.03 -13.92
N ASN B 396 31.45 11.74 -15.20
CA ASN B 396 32.54 12.32 -15.97
C ASN B 396 32.02 13.52 -16.75
N TYR B 397 32.95 14.38 -17.18
CA TYR B 397 32.54 15.56 -17.91
C TYR B 397 33.64 16.05 -18.86
N THR B 398 33.20 16.84 -19.84
CA THR B 398 34.06 17.58 -20.74
C THR B 398 33.63 19.05 -20.67
N GLY B 399 34.60 19.92 -20.97
CA GLY B 399 34.30 21.32 -21.16
C GLY B 399 34.29 22.04 -19.82
N TYR B 400 33.62 23.20 -19.88
CA TYR B 400 33.59 24.21 -18.83
C TYR B 400 32.61 25.28 -19.29
N ALA B 401 31.96 25.99 -18.37
CA ALA B 401 31.03 27.05 -18.69
C ALA B 401 30.02 26.53 -19.72
N GLY B 402 29.86 27.25 -20.85
CA GLY B 402 28.79 26.94 -21.80
C GLY B 402 28.98 25.63 -22.55
N SER B 403 30.24 25.11 -22.53
CA SER B 403 30.61 23.91 -23.27
C SER B 403 30.62 22.66 -22.38
N PHE B 404 30.19 22.82 -21.11
CA PHE B 404 30.16 21.73 -20.16
C PHE B 404 29.22 20.63 -20.65
N GLU B 405 29.70 19.39 -20.65
CA GLU B 405 28.87 18.25 -20.99
C GLU B 405 29.13 17.05 -20.07
N TRP B 406 28.02 16.34 -19.78
CA TRP B 406 28.09 15.04 -19.17
C TRP B 406 28.73 14.13 -20.22
N SER B 407 29.72 13.35 -19.80
CA SER B 407 30.39 12.45 -20.73
C SER B 407 30.57 11.04 -20.16
N GLY B 408 29.71 10.61 -19.24
CA GLY B 408 29.64 9.19 -18.92
C GLY B 408 29.77 8.92 -17.43
N ASN B 409 29.54 7.65 -17.06
CA ASN B 409 29.57 7.17 -15.69
C ASN B 409 30.99 7.34 -15.14
N PHE B 410 31.10 7.55 -13.82
CA PHE B 410 32.38 7.53 -13.13
C PHE B 410 32.23 6.62 -11.90
N GLU B 411 33.07 5.59 -11.80
CA GLU B 411 33.08 4.70 -10.65
C GLU B 411 34.17 5.16 -9.69
N ASP B 412 33.75 5.69 -8.52
CA ASP B 412 34.67 6.28 -7.57
C ASP B 412 35.31 5.12 -6.78
N SER B 413 36.63 5.03 -6.85
CA SER B 413 37.37 3.99 -6.14
C SER B 413 38.09 4.58 -4.92
N THR B 414 38.07 5.92 -4.74
CA THR B 414 38.68 6.65 -3.64
C THR B 414 38.40 5.94 -2.32
N PRO B 415 39.42 5.62 -1.48
CA PRO B 415 39.17 4.80 -0.29
C PRO B 415 38.42 5.57 0.78
N ARG B 416 37.69 4.80 1.59
CA ARG B 416 36.94 5.34 2.71
C ARG B 416 37.82 5.32 3.95
N ASP B 417 37.74 6.39 4.74
CA ASP B 417 38.38 6.49 6.04
C ASP B 417 37.64 5.58 7.06
N SER B 418 38.14 5.60 8.30
CA SER B 418 37.58 4.85 9.41
C SER B 418 36.10 5.18 9.64
N SER B 419 35.61 6.36 9.25
CA SER B 419 34.27 6.83 9.54
C SER B 419 33.27 6.49 8.43
N GLY B 420 33.77 5.88 7.34
CA GLY B 420 32.96 5.45 6.20
C GLY B 420 32.89 6.50 5.09
N ARG B 421 33.77 7.51 5.14
CA ARG B 421 33.78 8.65 4.21
C ARG B 421 34.84 8.44 3.15
N ARG B 422 34.44 8.52 1.89
CA ARG B 422 35.44 8.69 0.84
C ARG B 422 36.40 9.82 1.20
N GLN B 423 37.71 9.59 1.05
CA GLN B 423 38.70 10.58 1.43
C GLN B 423 38.88 11.67 0.37
N THR B 424 37.75 12.29 0.00
CA THR B 424 37.72 13.49 -0.82
C THR B 424 37.22 14.64 0.04
N ALA B 425 38.16 15.57 0.27
CA ALA B 425 37.95 16.72 1.12
C ALA B 425 37.97 17.97 0.25
N ILE B 426 36.90 18.76 0.36
CA ILE B 426 36.70 19.95 -0.44
C ILE B 426 36.43 21.10 0.51
N VAL B 427 37.03 22.27 0.25
CA VAL B 427 36.70 23.41 1.08
C VAL B 427 36.10 24.50 0.23
N ALA B 428 34.91 24.95 0.63
CA ALA B 428 34.27 26.11 0.04
C ALA B 428 34.79 27.40 0.72
N ILE B 429 35.47 28.23 -0.09
CA ILE B 429 35.83 29.60 0.25
C ILE B 429 35.41 30.55 -0.87
N ASP B 430 34.78 31.65 -0.48
CA ASP B 430 34.16 32.61 -1.38
C ASP B 430 35.06 33.83 -1.52
N ALA B 431 35.60 34.02 -2.73
CA ALA B 431 36.29 35.29 -3.02
C ALA B 431 35.29 36.46 -3.12
N LEU B 432 35.85 37.66 -3.04
CA LEU B 432 35.14 38.88 -3.37
C LEU B 432 35.06 39.01 -4.88
N HIS B 433 33.94 39.65 -5.27
CA HIS B 433 33.70 40.23 -6.59
C HIS B 433 34.03 41.74 -6.54
N PHE B 434 34.60 42.24 -7.65
CA PHE B 434 35.02 43.63 -7.80
C PHE B 434 34.38 44.25 -9.04
N ALA B 435 33.71 45.41 -8.80
CA ALA B 435 33.31 46.33 -9.85
C ALA B 435 34.52 46.76 -10.69
N GLN B 436 35.64 47.08 -10.00
CA GLN B 436 36.88 47.55 -10.61
C GLN B 436 38.04 46.67 -10.13
N SER B 437 38.85 46.13 -11.04
CA SER B 437 40.03 45.33 -10.67
C SER B 437 40.96 46.04 -9.68
N HIS B 438 41.12 47.37 -9.83
CA HIS B 438 42.08 48.14 -9.04
C HIS B 438 41.70 48.08 -7.55
N HIS B 439 40.39 47.92 -7.26
CA HIS B 439 39.84 47.91 -5.91
C HIS B 439 40.43 46.81 -5.03
N GLN B 440 40.98 45.74 -5.64
CA GLN B 440 41.31 44.51 -4.92
C GLN B 440 42.66 44.63 -4.22
N TYR B 441 43.34 45.72 -4.55
CA TYR B 441 44.67 46.00 -4.07
C TYR B 441 44.59 46.91 -2.85
N ARG B 442 43.38 47.41 -2.48
CA ARG B 442 43.20 47.94 -1.14
C ARG B 442 43.72 46.95 -0.08
N GLU B 443 44.36 47.48 0.98
CA GLU B 443 45.04 46.68 1.99
C GLU B 443 44.02 45.80 2.73
N ASP B 444 42.82 46.35 2.97
CA ASP B 444 41.81 45.71 3.81
C ASP B 444 41.19 44.51 3.07
N LEU B 445 41.13 44.58 1.73
CA LEU B 445 40.54 43.56 0.87
C LEU B 445 41.57 42.52 0.43
N MET B 446 42.84 42.78 0.68
CA MET B 446 43.86 41.76 0.51
C MET B 446 43.90 40.93 1.79
N GLU B 447 43.70 41.63 2.91
CA GLU B 447 43.68 41.02 4.22
C GLU B 447 42.43 40.13 4.33
N ARG B 448 41.31 40.60 3.79
CA ARG B 448 40.05 39.87 3.81
C ARG B 448 40.22 38.50 3.13
N GLU B 449 40.87 38.49 1.97
CA GLU B 449 41.08 37.29 1.16
C GLU B 449 42.15 36.38 1.77
N LEU B 450 43.13 36.99 2.43
CA LEU B 450 44.11 36.22 3.16
C LEU B 450 43.39 35.45 4.27
N ASN B 451 42.51 36.16 5.00
CA ASN B 451 41.84 35.59 6.15
C ASN B 451 40.78 34.58 5.71
N LYS B 452 40.15 34.80 4.53
CA LYS B 452 39.18 33.85 4.01
C LYS B 452 39.88 32.54 3.67
N ALA B 453 40.98 32.62 2.93
CA ALA B 453 41.72 31.42 2.59
C ALA B 453 42.30 30.78 3.86
N TYR B 454 42.74 31.62 4.83
CA TYR B 454 43.30 31.09 6.07
C TYR B 454 42.31 30.13 6.74
N ILE B 455 41.05 30.58 6.91
CA ILE B 455 40.08 29.81 7.67
C ILE B 455 39.63 28.59 6.86
N GLY B 456 39.71 28.68 5.52
CA GLY B 456 39.46 27.52 4.67
C GLY B 456 40.53 26.44 4.82
N PHE B 457 41.78 26.88 5.03
CA PHE B 457 42.94 26.01 4.92
C PHE B 457 43.47 25.57 6.30
N VAL B 458 42.91 26.07 7.41
CA VAL B 458 43.38 25.64 8.71
C VAL B 458 43.18 24.14 8.83
N HIS B 459 44.00 23.59 9.73
CA HIS B 459 44.03 22.18 9.94
C HIS B 459 43.41 21.87 11.31
N TRP B 460 43.93 22.43 12.40
CA TRP B 460 43.34 22.22 13.73
C TRP B 460 43.31 20.74 14.11
N MET B 461 44.34 20.00 13.72
CA MET B 461 44.59 18.64 14.17
C MET B 461 46.06 18.55 14.56
N VAL B 462 46.39 17.62 15.44
CA VAL B 462 47.78 17.44 15.84
C VAL B 462 48.61 16.74 14.74
N THR B 463 47.99 15.98 13.83
CA THR B 463 48.66 15.28 12.75
C THR B 463 49.03 16.30 11.67
N PRO B 464 50.00 16.01 10.77
CA PRO B 464 50.40 16.99 9.76
C PRO B 464 49.34 17.15 8.67
N PRO B 465 49.14 18.41 8.21
CA PRO B 465 48.19 18.70 7.15
C PRO B 465 48.72 18.26 5.79
N PRO B 466 47.86 17.59 4.99
CA PRO B 466 48.13 17.39 3.56
C PRO B 466 48.15 18.72 2.81
N GLY B 467 48.58 18.65 1.56
CA GLY B 467 48.64 19.86 0.76
C GLY B 467 47.24 20.31 0.39
N VAL B 468 47.19 21.51 -0.19
CA VAL B 468 46.02 22.11 -0.79
C VAL B 468 46.13 21.99 -2.31
N ALA B 469 45.03 21.69 -3.01
CA ALA B 469 44.96 21.74 -4.46
C ALA B 469 43.98 22.84 -4.86
N THR B 470 44.49 23.88 -5.58
CA THR B 470 43.71 25.08 -5.89
C THR B 470 44.14 25.60 -7.26
N GLY B 471 43.86 26.88 -7.51
CA GLY B 471 43.98 27.52 -8.82
C GLY B 471 43.54 28.99 -8.74
N ASN B 472 43.07 29.55 -9.88
CA ASN B 472 42.86 30.99 -10.03
C ASN B 472 41.55 31.39 -9.35
N TRP B 473 41.59 31.35 -7.99
CA TRP B 473 40.43 31.53 -7.13
C TRP B 473 39.85 32.93 -7.25
N GLY B 474 38.59 33.06 -7.74
CA GLY B 474 37.84 34.31 -7.70
C GLY B 474 38.25 35.33 -8.78
N CYS B 475 38.87 34.76 -9.82
CA CYS B 475 39.35 35.44 -11.01
C CYS B 475 38.34 35.18 -12.14
N GLY B 476 38.75 35.37 -13.39
CA GLY B 476 37.78 35.46 -14.46
C GLY B 476 36.80 36.61 -14.20
N ALA B 477 35.51 36.43 -14.53
CA ALA B 477 34.57 37.53 -14.72
C ALA B 477 34.26 38.25 -13.39
N PHE B 478 34.69 37.67 -12.27
CA PHE B 478 34.38 38.18 -10.93
C PHE B 478 35.42 39.24 -10.52
N GLY B 479 36.51 39.38 -11.29
CA GLY B 479 37.36 40.56 -11.23
C GLY B 479 38.70 40.38 -10.51
N GLY B 480 38.96 39.20 -9.92
CA GLY B 480 40.20 39.00 -9.20
C GLY B 480 41.41 38.80 -10.11
N ASP B 481 42.59 39.22 -9.63
CA ASP B 481 43.84 39.13 -10.36
C ASP B 481 44.51 37.80 -10.02
N SER B 482 44.67 36.93 -11.03
CA SER B 482 45.35 35.64 -10.92
C SER B 482 46.68 35.75 -10.16
N TYR B 483 47.45 36.80 -10.48
CA TYR B 483 48.83 36.94 -10.04
C TYR B 483 48.85 37.19 -8.54
N LEU B 484 47.90 37.99 -8.06
CA LEU B 484 47.81 38.34 -6.66
C LEU B 484 47.23 37.19 -5.85
N LYS B 485 46.14 36.56 -6.37
CA LYS B 485 45.41 35.48 -5.70
C LYS B 485 46.32 34.27 -5.51
N ALA B 486 47.26 34.04 -6.45
CA ALA B 486 48.27 33.00 -6.28
C ALA B 486 49.22 33.28 -5.10
N LEU B 487 49.61 34.55 -4.88
CA LEU B 487 50.56 34.88 -3.81
C LEU B 487 49.87 34.82 -2.46
N LEU B 488 48.61 35.27 -2.41
CA LEU B 488 47.85 35.27 -1.18
C LEU B 488 47.70 33.83 -0.69
N GLN B 489 47.55 32.90 -1.63
CA GLN B 489 47.36 31.49 -1.28
C GLN B 489 48.69 30.89 -0.84
N LEU B 490 49.81 31.37 -1.39
CA LEU B 490 51.14 30.93 -0.98
C LEU B 490 51.44 31.38 0.44
N MET B 491 51.10 32.64 0.72
CA MET B 491 51.29 33.21 2.04
C MET B 491 50.58 32.35 3.09
N VAL B 492 49.33 32.00 2.78
CA VAL B 492 48.49 31.25 3.69
C VAL B 492 49.06 29.86 3.89
N CYS B 493 49.59 29.24 2.82
CA CYS B 493 50.14 27.91 2.95
C CYS B 493 51.45 27.90 3.75
N ALA B 494 52.28 28.93 3.52
CA ALA B 494 53.54 29.07 4.23
C ALA B 494 53.27 29.12 5.74
N GLN B 495 52.34 30.02 6.10
CA GLN B 495 51.91 30.27 7.46
C GLN B 495 51.34 29.02 8.14
N LEU B 496 50.59 28.18 7.39
CA LEU B 496 49.92 27.01 7.98
C LEU B 496 50.75 25.75 7.80
N GLY B 497 51.79 25.81 6.97
CA GLY B 497 52.71 24.68 6.87
C GLY B 497 52.21 23.60 5.90
N ARG B 498 51.52 24.03 4.83
CA ARG B 498 50.87 23.11 3.92
C ARG B 498 51.56 23.21 2.57
N PRO B 499 51.86 22.07 1.93
CA PRO B 499 52.16 22.05 0.50
C PRO B 499 51.05 22.70 -0.32
N LEU B 500 51.40 23.17 -1.53
CA LEU B 500 50.45 23.88 -2.37
C LEU B 500 50.58 23.38 -3.81
N ALA B 501 49.52 22.73 -4.31
CA ALA B 501 49.44 22.23 -5.68
C ALA B 501 48.49 23.12 -6.47
N TYR B 502 49.01 23.87 -7.45
CA TYR B 502 48.26 24.97 -8.06
C TYR B 502 48.04 24.64 -9.55
N TYR B 503 46.78 24.76 -10.04
CA TYR B 503 46.41 24.39 -11.42
C TYR B 503 46.05 25.65 -12.22
N THR B 504 46.65 25.73 -13.44
CA THR B 504 46.59 26.91 -14.27
C THR B 504 45.70 26.66 -15.48
N PHE B 505 45.38 25.37 -15.75
CA PHE B 505 44.37 24.97 -16.73
C PHE B 505 44.75 25.49 -18.11
N GLY B 506 45.85 24.96 -18.62
CA GLY B 506 46.28 25.20 -19.99
C GLY B 506 47.21 26.41 -20.14
N ASN B 507 47.41 27.19 -19.05
CA ASN B 507 48.10 28.47 -19.14
C ASN B 507 49.55 28.30 -18.65
N VAL B 508 50.45 28.07 -19.62
CA VAL B 508 51.87 27.83 -19.39
C VAL B 508 52.58 29.12 -18.96
N GLU B 509 52.10 30.26 -19.50
CA GLU B 509 52.66 31.58 -19.21
C GLU B 509 52.57 31.83 -17.71
N PHE B 510 51.36 31.69 -17.16
CA PHE B 510 51.12 31.94 -15.74
C PHE B 510 51.89 30.95 -14.86
N ARG B 511 51.92 29.66 -15.27
CA ARG B 511 52.68 28.63 -14.56
C ARG B 511 54.09 29.12 -14.29
N ASP B 512 54.71 29.68 -15.34
CA ASP B 512 56.13 30.06 -15.30
C ASP B 512 56.31 31.30 -14.42
N ASP B 513 55.48 32.33 -14.60
CA ASP B 513 55.59 33.58 -13.84
C ASP B 513 55.54 33.35 -12.34
N PHE B 514 54.69 32.37 -11.95
CA PHE B 514 54.48 31.99 -10.56
C PHE B 514 55.63 31.11 -10.03
N HIS B 515 56.06 30.09 -10.83
CA HIS B 515 57.22 29.27 -10.47
C HIS B 515 58.46 30.15 -10.24
N GLU B 516 58.71 31.07 -11.19
CA GLU B 516 59.90 31.89 -11.19
C GLU B 516 59.89 32.82 -9.98
N MET B 517 58.69 33.26 -9.56
CA MET B 517 58.56 34.16 -8.43
C MET B 517 58.72 33.41 -7.09
N TRP B 518 58.44 32.11 -7.09
CA TRP B 518 58.70 31.29 -5.92
C TRP B 518 60.20 31.00 -5.79
N LEU B 519 60.92 30.96 -6.93
CA LEU B 519 62.38 30.78 -6.94
C LEU B 519 63.08 32.02 -6.40
N LEU B 520 62.64 33.22 -6.80
CA LEU B 520 63.15 34.47 -6.23
C LEU B 520 62.94 34.53 -4.71
N PHE B 521 61.84 33.93 -4.21
CA PHE B 521 61.57 33.91 -2.78
C PHE B 521 62.49 32.93 -2.07
N ARG B 522 62.79 31.81 -2.75
CA ARG B 522 63.46 30.69 -2.14
C ARG B 522 64.91 31.08 -1.81
N ASN B 523 65.59 31.72 -2.79
CA ASN B 523 67.01 31.99 -2.63
C ASN B 523 67.26 33.39 -2.05
N ASP B 524 66.25 34.29 -2.01
CA ASP B 524 66.30 35.48 -1.15
C ASP B 524 65.81 35.21 0.28
N GLY B 525 65.31 33.98 0.55
CA GLY B 525 64.60 33.63 1.77
C GLY B 525 63.53 34.67 2.15
N THR B 526 62.73 35.12 1.17
CA THR B 526 61.63 36.04 1.44
C THR B 526 60.59 35.38 2.38
N THR B 527 59.90 36.26 3.11
CA THR B 527 59.13 35.90 4.29
C THR B 527 57.73 36.48 4.09
N VAL B 528 56.74 35.90 4.79
CA VAL B 528 55.37 36.33 4.61
C VAL B 528 55.23 37.82 4.93
N GLN B 529 55.71 38.25 6.11
CA GLN B 529 55.57 39.63 6.59
C GLN B 529 56.24 40.63 5.65
N GLN B 530 57.28 40.14 4.95
CA GLN B 530 58.15 40.93 4.09
C GLN B 530 57.48 41.12 2.75
N LEU B 531 56.79 40.07 2.30
CA LEU B 531 56.01 40.16 1.08
C LEU B 531 54.76 41.00 1.35
N TRP B 532 54.26 40.91 2.57
CA TRP B 532 53.11 41.71 2.97
C TRP B 532 53.47 43.19 2.87
N SER B 533 54.68 43.53 3.37
CA SER B 533 55.20 44.89 3.37
C SER B 533 55.27 45.46 1.93
N ILE B 534 55.85 44.68 1.00
CA ILE B 534 55.90 45.00 -0.42
C ILE B 534 54.49 45.19 -0.99
N LEU B 535 53.55 44.30 -0.61
CA LEU B 535 52.21 44.28 -1.18
C LEU B 535 51.43 45.51 -0.73
N ARG B 536 51.60 45.90 0.54
CA ARG B 536 51.05 47.14 1.07
C ARG B 536 51.62 48.36 0.34
N SER B 537 52.90 48.29 -0.13
CA SER B 537 53.52 49.35 -0.91
C SER B 537 52.76 49.53 -2.21
N TYR B 538 52.49 48.39 -2.88
CA TYR B 538 51.77 48.38 -4.15
C TYR B 538 50.34 48.92 -3.98
N SER B 539 49.77 48.71 -2.79
CA SER B 539 48.47 49.23 -2.40
C SER B 539 48.44 50.76 -2.53
N ARG B 540 49.39 51.47 -1.89
CA ARG B 540 49.45 52.93 -1.84
C ARG B 540 49.86 53.52 -3.20
N LEU B 541 50.67 52.76 -3.98
CA LEU B 541 51.00 53.11 -5.37
C LEU B 541 49.75 53.17 -6.25
N ILE B 542 48.94 52.10 -6.24
CA ILE B 542 47.77 51.94 -7.10
C ILE B 542 46.73 53.01 -6.76
N LYS B 543 46.69 53.42 -5.48
CA LYS B 543 45.81 54.47 -4.98
C LYS B 543 45.97 55.75 -5.81
N GLU B 544 47.21 56.24 -5.90
CA GLU B 544 47.58 57.50 -6.54
C GLU B 544 47.30 57.50 -8.06
N LYS B 545 47.38 56.35 -8.76
CA LYS B 545 46.83 56.21 -10.11
C LYS B 545 45.33 55.87 -10.01
N ASN B 553 48.20 43.22 -12.91
CA ASN B 553 48.18 41.85 -13.50
C ASN B 553 49.63 41.40 -13.71
N LYS B 554 50.13 41.66 -14.93
CA LYS B 554 51.52 41.45 -15.29
C LYS B 554 52.46 42.35 -14.47
N ALA B 555 51.94 43.53 -14.04
CA ALA B 555 52.68 44.62 -13.40
C ALA B 555 52.87 44.43 -11.89
N SER B 556 52.02 43.63 -11.20
CA SER B 556 52.18 43.33 -9.77
C SER B 556 53.48 42.57 -9.60
N LYS B 557 53.72 41.66 -10.54
CA LYS B 557 54.85 40.74 -10.47
C LYS B 557 56.11 41.50 -10.87
N LYS B 558 55.97 42.49 -11.78
CA LYS B 558 57.10 43.35 -12.14
C LYS B 558 57.62 44.11 -10.93
N LYS B 559 56.75 44.63 -10.05
CA LYS B 559 57.15 45.57 -9.02
C LYS B 559 57.63 44.88 -7.73
N LEU B 560 57.46 43.54 -7.64
CA LEU B 560 58.03 42.77 -6.53
C LEU B 560 59.46 42.44 -6.91
N TYR B 561 59.68 42.04 -8.18
CA TYR B 561 61.01 41.97 -8.76
C TYR B 561 61.86 43.14 -8.27
N ASP B 562 61.32 44.37 -8.42
CA ASP B 562 62.00 45.63 -8.12
C ASP B 562 62.23 45.74 -6.62
N PHE B 563 61.17 45.61 -5.80
CA PHE B 563 61.32 45.79 -4.36
C PHE B 563 62.15 44.61 -3.78
N ILE B 564 62.19 43.44 -4.47
CA ILE B 564 62.98 42.27 -4.06
C ILE B 564 64.46 42.42 -4.45
N LYS B 565 64.71 42.95 -5.65
CA LYS B 565 66.04 43.16 -6.23
C LYS B 565 66.94 43.99 -5.30
N GLU B 566 66.37 44.99 -4.62
CA GLU B 566 67.08 45.77 -3.60
C GLU B 566 67.58 44.87 -2.46
N GLU B 567 67.02 43.65 -2.36
CA GLU B 567 67.55 42.57 -1.54
C GLU B 567 68.04 41.45 -2.48
N ASP C 46 -30.51 -22.98 -39.06
CA ASP C 46 -31.49 -24.08 -38.84
C ASP C 46 -31.29 -24.65 -37.43
N ASP C 47 -30.16 -25.34 -37.25
CA ASP C 47 -29.85 -26.18 -36.10
C ASP C 47 -29.03 -25.39 -35.08
N SER C 48 -28.89 -25.94 -33.86
CA SER C 48 -28.02 -25.38 -32.82
C SER C 48 -26.53 -25.47 -33.21
N TRP C 49 -26.16 -26.45 -34.06
CA TRP C 49 -24.78 -26.82 -34.31
C TRP C 49 -24.30 -26.61 -35.75
N ARG C 50 -22.98 -26.43 -35.89
CA ARG C 50 -22.30 -26.32 -37.18
C ARG C 50 -21.18 -27.36 -37.22
N GLY C 51 -20.72 -27.70 -38.44
CA GLY C 51 -19.67 -28.68 -38.66
C GLY C 51 -20.28 -30.05 -38.99
N VAL C 52 -19.70 -31.15 -38.50
CA VAL C 52 -20.24 -32.48 -38.77
C VAL C 52 -21.26 -32.83 -37.69
N SER C 53 -22.10 -33.85 -37.99
CA SER C 53 -23.19 -34.22 -37.09
C SER C 53 -22.66 -35.04 -35.93
N MET C 54 -23.50 -35.28 -34.93
CA MET C 54 -23.08 -36.07 -33.78
C MET C 54 -22.91 -37.53 -34.20
N GLU C 55 -23.72 -38.02 -35.15
CA GLU C 55 -23.51 -39.36 -35.68
C GLU C 55 -22.11 -39.46 -36.27
N ALA C 56 -21.63 -38.38 -36.87
CA ALA C 56 -20.33 -38.37 -37.51
C ALA C 56 -19.21 -38.48 -36.50
N ILE C 57 -19.35 -37.72 -35.39
CA ILE C 57 -18.42 -37.72 -34.25
C ILE C 57 -18.26 -39.15 -33.69
N HIS C 58 -19.32 -39.97 -33.80
CA HIS C 58 -19.29 -41.36 -33.37
C HIS C 58 -18.97 -42.33 -34.50
N ARG C 59 -18.49 -41.80 -35.66
CA ARG C 59 -18.19 -42.60 -36.84
C ARG C 59 -19.39 -43.46 -37.28
N ASN C 60 -20.62 -42.92 -37.11
CA ASN C 60 -21.85 -43.55 -37.57
C ASN C 60 -22.14 -44.86 -36.82
N ARG C 61 -21.39 -45.15 -35.75
CA ARG C 61 -21.75 -46.23 -34.85
C ARG C 61 -22.31 -45.63 -33.56
N GLN C 62 -22.96 -46.45 -32.72
CA GLN C 62 -23.61 -45.96 -31.51
C GLN C 62 -22.55 -45.47 -30.49
N PRO C 63 -22.86 -44.46 -29.63
CA PRO C 63 -21.89 -44.02 -28.62
C PRO C 63 -21.63 -45.23 -27.70
N PHE C 64 -20.48 -45.24 -27.05
CA PHE C 64 -20.16 -46.28 -26.07
C PHE C 64 -19.57 -47.52 -26.72
N GLU C 65 -19.44 -47.58 -28.04
CA GLU C 65 -18.80 -48.75 -28.62
C GLU C 65 -17.29 -48.55 -28.53
N LEU C 66 -16.85 -47.29 -28.68
CA LEU C 66 -15.46 -46.91 -28.45
C LEU C 66 -15.27 -46.48 -27.00
N GLU C 67 -14.24 -47.08 -26.37
CA GLU C 67 -13.93 -46.89 -24.96
C GLU C 67 -12.71 -45.99 -24.77
N ASN C 68 -12.63 -45.33 -23.60
CA ASN C 68 -11.63 -44.30 -23.34
C ASN C 68 -10.44 -44.84 -22.50
N LEU C 69 -10.61 -46.05 -21.96
CA LEU C 69 -9.68 -46.65 -21.03
C LEU C 69 -9.78 -48.16 -21.20
N PRO C 70 -8.68 -48.90 -21.08
CA PRO C 70 -8.75 -50.36 -21.10
C PRO C 70 -9.46 -50.87 -19.85
N PRO C 71 -9.88 -52.15 -19.87
CA PRO C 71 -10.49 -52.77 -18.71
C PRO C 71 -9.57 -52.76 -17.49
N VAL C 72 -10.22 -52.78 -16.33
CA VAL C 72 -9.50 -52.87 -15.07
C VAL C 72 -8.76 -54.22 -15.03
N THR C 73 -7.46 -54.19 -14.73
CA THR C 73 -6.72 -55.40 -14.34
C THR C 73 -5.79 -55.03 -13.18
N ALA C 74 -5.47 -55.94 -12.26
CA ALA C 74 -4.58 -55.58 -11.16
C ALA C 74 -3.12 -55.71 -11.62
N GLY C 75 -2.25 -54.83 -11.15
CA GLY C 75 -0.85 -54.88 -11.54
C GLY C 75 0.01 -54.01 -10.61
N ASN C 76 1.32 -54.07 -10.85
CA ASN C 76 2.29 -53.06 -10.46
C ASN C 76 1.71 -51.64 -10.52
N LEU C 77 1.06 -51.27 -11.66
CA LEU C 77 0.68 -49.89 -11.97
C LEU C 77 -0.85 -49.68 -11.98
N HIS C 78 -1.61 -50.65 -11.48
CA HIS C 78 -3.04 -50.48 -11.34
C HIS C 78 -3.49 -51.18 -10.06
N ARG C 79 -3.76 -50.41 -9.00
CA ARG C 79 -4.19 -50.91 -7.72
C ARG C 79 -5.73 -50.96 -7.72
N VAL C 80 -6.29 -52.07 -7.22
CA VAL C 80 -7.70 -52.35 -7.32
C VAL C 80 -8.17 -52.74 -5.93
N MET C 81 -9.17 -52.01 -5.39
CA MET C 81 -9.51 -52.08 -3.98
C MET C 81 -10.55 -53.17 -3.68
N TYR C 82 -11.04 -53.81 -4.75
CA TYR C 82 -12.03 -54.87 -4.73
C TYR C 82 -11.49 -56.08 -5.51
N GLN C 83 -12.13 -57.23 -5.30
CA GLN C 83 -11.66 -58.51 -5.84
C GLN C 83 -12.09 -58.71 -7.29
N LEU C 84 -11.16 -59.20 -8.11
CA LEU C 84 -11.42 -59.40 -9.52
C LEU C 84 -11.57 -60.92 -9.86
N PRO C 85 -12.48 -61.29 -10.77
CA PRO C 85 -13.49 -60.38 -11.35
C PRO C 85 -14.67 -60.21 -10.39
N ILE C 86 -15.54 -59.24 -10.66
CA ILE C 86 -16.70 -58.94 -9.85
C ILE C 86 -17.74 -60.02 -10.12
N ARG C 87 -18.12 -60.79 -9.10
CA ARG C 87 -19.24 -61.73 -9.20
C ARG C 87 -20.44 -61.11 -8.47
N GLU C 88 -20.45 -61.21 -7.13
CA GLU C 88 -21.37 -60.48 -6.25
C GLU C 88 -21.27 -58.97 -6.48
N THR C 89 -22.37 -58.23 -6.31
CA THR C 89 -22.34 -56.79 -6.15
C THR C 89 -23.02 -56.41 -4.84
N PRO C 90 -22.56 -55.33 -4.16
CA PRO C 90 -21.45 -54.51 -4.67
C PRO C 90 -20.15 -55.31 -4.58
N PRO C 91 -19.07 -54.91 -5.28
CA PRO C 91 -17.83 -55.69 -5.28
C PRO C 91 -17.30 -56.05 -3.90
N ARG C 92 -16.64 -57.20 -3.74
CA ARG C 92 -16.17 -57.57 -2.41
C ARG C 92 -14.79 -56.92 -2.23
N PRO C 93 -14.56 -56.25 -1.08
CA PRO C 93 -13.23 -55.64 -0.82
C PRO C 93 -12.05 -56.60 -0.87
N TYR C 94 -10.93 -56.09 -1.41
CA TYR C 94 -9.69 -56.85 -1.47
C TYR C 94 -8.91 -56.62 -0.19
N LYS C 95 -8.28 -57.73 0.28
CA LYS C 95 -7.54 -57.77 1.55
C LYS C 95 -6.04 -57.89 1.28
N SER C 96 -5.29 -56.88 1.75
CA SER C 96 -3.83 -56.91 1.79
C SER C 96 -3.40 -56.03 2.95
N PRO C 97 -2.16 -56.22 3.48
CA PRO C 97 -1.68 -55.49 4.65
C PRO C 97 -1.81 -53.97 4.53
N GLY C 98 -2.34 -53.35 5.61
CA GLY C 98 -2.46 -51.91 5.73
C GLY C 98 -1.11 -51.22 5.69
N LYS C 99 -1.09 -49.92 5.33
CA LYS C 99 0.10 -49.11 5.31
C LYS C 99 -0.22 -47.75 5.90
N TRP C 100 0.67 -47.29 6.79
CA TRP C 100 0.66 -45.94 7.36
C TRP C 100 2.02 -45.34 7.04
N ASP C 101 2.12 -44.74 5.86
CA ASP C 101 3.40 -44.29 5.37
C ASP C 101 3.20 -43.14 4.37
N SER C 102 4.32 -42.65 3.82
CA SER C 102 4.34 -41.48 2.97
C SER C 102 3.85 -41.82 1.56
N GLU C 103 3.58 -43.11 1.26
CA GLU C 103 3.21 -43.52 -0.10
C GLU C 103 1.71 -43.86 -0.23
N HIS C 104 0.98 -43.81 0.89
CA HIS C 104 -0.41 -44.24 0.95
C HIS C 104 -1.23 -43.25 1.75
N VAL C 105 -2.55 -43.29 1.52
CA VAL C 105 -3.50 -42.51 2.29
C VAL C 105 -3.39 -42.95 3.75
N ARG C 106 -3.35 -41.94 4.63
CA ARG C 106 -3.44 -42.12 6.06
C ARG C 106 -4.90 -42.16 6.47
N LEU C 107 -5.34 -43.41 6.67
CA LEU C 107 -6.73 -43.73 6.91
C LEU C 107 -7.07 -43.42 8.36
N PRO C 108 -8.26 -42.84 8.63
CA PRO C 108 -8.67 -42.46 9.97
C PRO C 108 -8.77 -43.67 10.92
N CYS C 109 -8.97 -44.87 10.34
CA CYS C 109 -9.17 -46.09 11.10
C CYS C 109 -7.86 -46.85 11.32
N ALA C 110 -6.70 -46.29 10.92
CA ALA C 110 -5.41 -46.95 11.15
C ALA C 110 -5.16 -47.03 12.66
N PRO C 111 -4.73 -48.19 13.22
CA PRO C 111 -4.33 -48.23 14.62
C PRO C 111 -3.16 -47.30 14.95
N GLU C 112 -2.36 -46.92 13.95
CA GLU C 112 -1.25 -45.99 14.10
C GLU C 112 -1.72 -44.53 14.25
N SER C 113 -3.00 -44.23 13.93
CA SER C 113 -3.55 -42.88 14.11
C SER C 113 -3.85 -42.69 15.60
N LYS C 114 -3.03 -41.88 16.26
CA LYS C 114 -3.10 -41.72 17.70
C LYS C 114 -3.37 -40.25 18.01
N TYR C 115 -3.92 -40.04 19.21
CA TYR C 115 -4.21 -38.71 19.71
CA TYR C 115 -4.26 -38.70 19.71
C TYR C 115 -3.73 -38.63 21.15
N PRO C 116 -2.88 -37.64 21.52
CA PRO C 116 -2.52 -37.43 22.93
C PRO C 116 -3.60 -36.68 23.72
N ARG C 117 -3.84 -37.13 24.94
CA ARG C 117 -4.84 -36.57 25.85
C ARG C 117 -4.12 -36.22 27.15
N GLU C 118 -4.37 -35.05 27.75
CA GLU C 118 -4.09 -34.86 29.17
C GLU C 118 -5.23 -35.48 29.99
N ASN C 119 -4.96 -35.78 31.27
CA ASN C 119 -5.89 -36.58 32.04
C ASN C 119 -6.41 -35.81 33.26
N PRO C 120 -7.46 -36.34 33.96
CA PRO C 120 -7.69 -35.99 35.35
C PRO C 120 -6.44 -35.40 36.02
N ASP C 121 -5.36 -36.20 36.10
CA ASP C 121 -4.23 -35.93 37.00
C ASP C 121 -3.08 -35.16 36.34
N GLY C 122 -3.17 -34.79 35.06
CA GLY C 122 -2.13 -33.99 34.42
C GLY C 122 -1.06 -34.78 33.63
N SER C 123 -1.16 -36.12 33.59
CA SER C 123 -0.29 -36.97 32.77
C SER C 123 -0.87 -37.20 31.38
N THR C 124 -0.10 -37.84 30.50
CA THR C 124 -0.45 -37.99 29.10
C THR C 124 -0.83 -39.43 28.75
N THR C 125 -1.99 -39.64 28.08
CA THR C 125 -2.28 -40.92 27.44
C THR C 125 -2.44 -40.73 25.95
N ILE C 126 -1.66 -41.53 25.22
CA ILE C 126 -1.76 -41.64 23.79
C ILE C 126 -2.82 -42.69 23.46
N ASP C 127 -3.89 -42.29 22.76
CA ASP C 127 -5.09 -43.10 22.56
C ASP C 127 -5.35 -43.23 21.04
N PHE C 128 -6.24 -44.14 20.66
CA PHE C 128 -6.65 -44.37 19.28
C PHE C 128 -7.68 -43.33 18.81
N ARG C 129 -7.31 -42.59 17.74
CA ARG C 129 -8.16 -41.55 17.19
C ARG C 129 -9.43 -42.20 16.64
N TRP C 130 -9.31 -43.40 16.02
CA TRP C 130 -10.49 -44.05 15.44
C TRP C 130 -11.53 -44.35 16.54
N GLU C 131 -11.06 -44.75 17.72
CA GLU C 131 -11.92 -44.98 18.87
C GLU C 131 -12.58 -43.68 19.35
N MET C 132 -11.86 -42.54 19.33
CA MET C 132 -12.43 -41.25 19.71
CA MET C 132 -12.51 -41.30 19.77
C MET C 132 -13.52 -40.84 18.73
N ILE C 133 -13.24 -41.08 17.43
CA ILE C 133 -14.17 -40.72 16.37
C ILE C 133 -15.47 -41.51 16.54
N GLU C 134 -15.36 -42.84 16.77
CA GLU C 134 -16.52 -43.69 17.05
C GLU C 134 -17.32 -43.14 18.23
N ARG C 135 -16.66 -42.86 19.37
CA ARG C 135 -17.34 -42.38 20.56
C ARG C 135 -18.12 -41.09 20.25
N ALA C 136 -17.49 -40.14 19.55
CA ALA C 136 -18.11 -38.85 19.29
C ALA C 136 -19.34 -38.95 18.40
N LEU C 137 -19.29 -39.81 17.37
CA LEU C 137 -20.30 -39.84 16.32
C LEU C 137 -21.46 -40.75 16.71
N LEU C 138 -21.26 -41.55 17.76
CA LEU C 138 -22.32 -42.41 18.28
C LEU C 138 -23.03 -41.77 19.47
N GLN C 139 -22.59 -40.60 19.96
CA GLN C 139 -23.44 -39.72 20.78
C GLN C 139 -24.65 -39.32 19.95
N PRO C 140 -25.84 -39.09 20.55
CA PRO C 140 -26.96 -38.54 19.78
C PRO C 140 -26.67 -37.09 19.38
N ILE C 141 -27.09 -36.74 18.15
CA ILE C 141 -26.79 -35.46 17.53
C ILE C 141 -28.08 -34.93 16.92
N LYS C 142 -28.59 -33.84 17.49
CA LYS C 142 -29.96 -33.41 17.21
C LYS C 142 -29.94 -32.02 16.55
N THR C 143 -28.82 -31.30 16.68
CA THR C 143 -28.73 -29.92 16.21
C THR C 143 -27.42 -29.68 15.46
N CYS C 144 -27.40 -28.55 14.76
CA CYS C 144 -26.23 -28.19 13.98
C CYS C 144 -25.02 -27.94 14.89
N GLU C 145 -25.26 -27.35 16.08
CA GLU C 145 -24.19 -27.05 17.02
C GLU C 145 -23.51 -28.32 17.53
N GLU C 146 -24.31 -29.36 17.80
CA GLU C 146 -23.83 -30.62 18.35
C GLU C 146 -23.05 -31.42 17.30
N LEU C 147 -23.46 -31.31 16.03
CA LEU C 147 -22.70 -31.89 14.93
C LEU C 147 -21.30 -31.25 14.82
N GLN C 148 -21.26 -29.91 14.81
CA GLN C 148 -20.00 -29.20 14.85
C GLN C 148 -19.14 -29.64 16.03
N ALA C 149 -19.74 -29.75 17.22
CA ALA C 149 -18.94 -30.02 18.40
C ALA C 149 -18.37 -31.44 18.34
N ALA C 150 -19.13 -32.36 17.74
CA ALA C 150 -18.69 -33.75 17.59
C ALA C 150 -17.49 -33.84 16.66
N ILE C 151 -17.59 -33.20 15.49
CA ILE C 151 -16.49 -33.20 14.55
C ILE C 151 -15.27 -32.50 15.14
N ILE C 152 -15.48 -31.40 15.90
CA ILE C 152 -14.38 -30.67 16.53
C ILE C 152 -13.71 -31.49 17.63
N SER C 153 -14.45 -32.43 18.25
CA SER C 153 -13.95 -33.21 19.36
C SER C 153 -12.80 -34.14 18.93
N TYR C 154 -12.62 -34.41 17.62
CA TYR C 154 -11.42 -35.11 17.14
C TYR C 154 -10.57 -34.23 16.22
N ASN C 155 -10.80 -32.91 16.29
CA ASN C 155 -10.09 -31.95 15.48
C ASN C 155 -9.85 -30.69 16.35
N THR C 156 -9.28 -30.89 17.55
CA THR C 156 -9.41 -29.91 18.63
C THR C 156 -8.49 -28.71 18.40
N THR C 157 -7.41 -28.89 17.63
CA THR C 157 -6.57 -27.79 17.14
C THR C 157 -7.39 -26.68 16.45
N TYR C 158 -8.52 -27.08 15.85
CA TYR C 158 -9.27 -26.21 14.96
C TYR C 158 -10.50 -25.68 15.69
N ARG C 159 -10.57 -25.92 17.00
CA ARG C 159 -11.68 -25.48 17.85
C ARG C 159 -12.14 -24.07 17.51
N ASP C 160 -11.22 -23.11 17.48
CA ASP C 160 -11.63 -21.72 17.43
C ASP C 160 -11.41 -21.13 16.04
N GLN C 161 -11.07 -21.97 15.03
CA GLN C 161 -10.93 -21.56 13.63
C GLN C 161 -12.11 -22.03 12.76
N TRP C 162 -12.66 -23.22 13.01
CA TRP C 162 -13.73 -23.77 12.20
C TRP C 162 -15.07 -23.31 12.74
N HIS C 163 -15.86 -22.66 11.92
CA HIS C 163 -17.28 -22.50 12.20
C HIS C 163 -18.04 -22.90 10.93
N PHE C 164 -18.99 -23.83 11.08
CA PHE C 164 -19.66 -24.48 9.96
C PHE C 164 -20.91 -23.70 9.55
N ARG C 165 -20.69 -22.42 9.25
CA ARG C 165 -21.74 -21.45 8.96
C ARG C 165 -22.66 -21.86 7.81
N ALA C 166 -22.14 -22.54 6.77
CA ALA C 166 -22.98 -22.92 5.64
C ALA C 166 -23.93 -24.04 6.07
N LEU C 167 -23.48 -24.84 7.04
CA LEU C 167 -24.27 -25.95 7.53
C LEU C 167 -25.41 -25.41 8.40
N HIS C 168 -25.07 -24.46 9.32
CA HIS C 168 -26.05 -23.68 10.07
C HIS C 168 -27.07 -23.03 9.12
N GLN C 169 -26.61 -22.40 8.04
CA GLN C 169 -27.54 -21.68 7.18
C GLN C 169 -28.45 -22.67 6.45
N LEU C 170 -27.92 -23.82 6.02
CA LEU C 170 -28.74 -24.78 5.30
C LEU C 170 -29.77 -25.41 6.25
N LEU C 171 -29.38 -25.81 7.45
CA LEU C 171 -30.24 -26.62 8.32
C LEU C 171 -31.20 -25.74 9.13
N ASP C 172 -30.76 -24.54 9.55
CA ASP C 172 -31.53 -23.68 10.42
C ASP C 172 -32.42 -22.76 9.57
N GLU C 173 -31.95 -22.29 8.42
CA GLU C 173 -32.63 -21.22 7.70
C GLU C 173 -33.13 -21.60 6.30
N GLU C 174 -32.53 -22.58 5.64
CA GLU C 174 -32.91 -22.92 4.27
C GLU C 174 -33.96 -24.02 4.23
N LEU C 175 -33.84 -25.00 5.11
CA LEU C 175 -34.83 -26.05 5.29
C LEU C 175 -35.85 -25.61 6.35
N ASP C 176 -37.10 -26.07 6.20
CA ASP C 176 -38.11 -25.88 7.23
C ASP C 176 -37.90 -26.92 8.31
N GLU C 177 -38.69 -26.86 9.39
CA GLU C 177 -38.47 -27.65 10.60
C GLU C 177 -38.36 -29.14 10.29
N SER C 178 -39.09 -29.60 9.25
CA SER C 178 -39.31 -31.03 9.08
C SER C 178 -38.25 -31.63 8.17
N GLU C 179 -37.75 -30.84 7.22
CA GLU C 179 -36.63 -31.21 6.38
C GLU C 179 -35.34 -31.35 7.22
N THR C 180 -35.25 -30.51 8.27
CA THR C 180 -34.17 -30.50 9.24
C THR C 180 -34.25 -31.71 10.18
N ARG C 181 -35.46 -32.05 10.63
CA ARG C 181 -35.71 -33.21 11.47
C ARG C 181 -35.30 -34.46 10.69
N VAL C 182 -35.60 -34.47 9.38
CA VAL C 182 -35.27 -35.61 8.54
C VAL C 182 -33.75 -35.74 8.42
N PHE C 183 -33.03 -34.60 8.38
CA PHE C 183 -31.58 -34.62 8.34
C PHE C 183 -31.04 -35.34 9.58
N PHE C 184 -31.49 -34.96 10.78
CA PHE C 184 -30.93 -35.53 12.00
C PHE C 184 -31.48 -36.91 12.35
N GLU C 185 -32.70 -37.23 11.89
CA GLU C 185 -33.31 -38.51 12.25
C GLU C 185 -32.96 -39.58 11.23
N ASP C 186 -32.86 -39.21 9.95
CA ASP C 186 -32.59 -40.18 8.90
C ASP C 186 -31.17 -40.02 8.33
N LEU C 187 -30.87 -38.91 7.65
CA LEU C 187 -29.69 -38.82 6.80
C LEU C 187 -28.37 -38.86 7.57
N LEU C 188 -28.21 -38.00 8.58
CA LEU C 188 -26.96 -37.95 9.31
C LEU C 188 -26.64 -39.30 9.94
N PRO C 189 -27.60 -40.02 10.56
CA PRO C 189 -27.28 -41.36 11.09
C PRO C 189 -26.79 -42.34 10.01
N ARG C 190 -27.30 -42.23 8.78
CA ARG C 190 -26.88 -43.08 7.69
C ARG C 190 -25.44 -42.75 7.25
N ILE C 191 -25.10 -41.45 7.23
CA ILE C 191 -23.77 -41.01 6.86
C ILE C 191 -22.77 -41.51 7.92
N ILE C 192 -23.12 -41.42 9.21
CA ILE C 192 -22.23 -41.91 10.26
C ILE C 192 -22.01 -43.41 10.17
N ARG C 193 -23.11 -44.14 9.96
CA ARG C 193 -23.08 -45.59 9.94
C ARG C 193 -22.17 -46.03 8.79
N LEU C 194 -22.28 -45.34 7.65
CA LEU C 194 -21.45 -45.61 6.49
C LEU C 194 -19.98 -45.24 6.73
N ALA C 195 -19.71 -44.08 7.33
CA ALA C 195 -18.34 -43.70 7.65
C ALA C 195 -17.68 -44.72 8.54
N LEU C 196 -18.42 -45.22 9.54
CA LEU C 196 -17.85 -46.13 10.54
C LEU C 196 -17.64 -47.55 10.00
N ARG C 197 -18.07 -47.83 8.75
CA ARG C 197 -17.80 -49.10 8.10
C ARG C 197 -16.49 -49.12 7.29
N LEU C 198 -15.65 -48.09 7.48
CA LEU C 198 -14.43 -47.96 6.68
C LEU C 198 -13.53 -49.19 6.79
N PRO C 199 -13.29 -49.75 8.00
CA PRO C 199 -12.42 -50.91 8.09
C PRO C 199 -13.02 -52.18 7.47
N ASP C 200 -14.36 -52.21 7.25
CA ASP C 200 -15.01 -53.30 6.54
C ASP C 200 -14.89 -53.15 5.01
N LEU C 201 -14.94 -51.90 4.49
CA LEU C 201 -15.08 -51.65 3.06
C LEU C 201 -13.72 -51.40 2.40
N ILE C 202 -12.75 -50.92 3.17
CA ILE C 202 -11.40 -50.67 2.70
C ILE C 202 -10.49 -51.58 3.51
N GLN C 203 -10.00 -52.66 2.87
CA GLN C 203 -9.29 -53.72 3.58
C GLN C 203 -7.90 -53.92 2.98
N SER C 204 -7.42 -52.82 2.42
CA SER C 204 -6.41 -52.77 1.39
C SER C 204 -5.84 -51.35 1.48
N PRO C 205 -4.51 -51.09 1.42
CA PRO C 205 -4.02 -49.73 1.52
C PRO C 205 -4.50 -48.92 0.31
N VAL C 206 -4.78 -47.63 0.49
CA VAL C 206 -5.09 -46.75 -0.63
C VAL C 206 -3.81 -46.01 -1.04
N PRO C 207 -3.24 -46.31 -2.23
CA PRO C 207 -2.02 -45.64 -2.69
C PRO C 207 -2.28 -44.21 -3.10
N LEU C 208 -1.30 -43.34 -2.92
CA LEU C 208 -1.35 -41.99 -3.46
C LEU C 208 -0.90 -42.06 -4.92
N LEU C 209 -1.55 -41.30 -5.81
CA LEU C 209 -1.07 -41.10 -7.17
C LEU C 209 -0.17 -39.86 -7.24
N LYS C 210 1.13 -40.09 -7.14
CA LYS C 210 2.08 -38.97 -7.04
C LYS C 210 2.64 -38.53 -8.39
N HIS C 211 3.24 -37.31 -8.40
CA HIS C 211 4.00 -36.69 -9.49
C HIS C 211 4.82 -37.74 -10.23
N HIS C 212 4.58 -37.77 -11.54
CA HIS C 212 5.52 -38.32 -12.51
C HIS C 212 5.43 -39.83 -12.54
N LYS C 213 4.34 -40.39 -12.03
CA LYS C 213 4.11 -41.83 -12.10
C LYS C 213 2.78 -42.08 -12.81
N ASN C 214 2.87 -42.80 -13.93
CA ASN C 214 1.70 -43.32 -14.61
C ASN C 214 1.14 -44.48 -13.80
N ALA C 215 -0.07 -44.30 -13.27
CA ALA C 215 -0.65 -45.26 -12.34
C ALA C 215 -2.17 -45.13 -12.39
N SER C 216 -2.86 -46.21 -12.00
CA SER C 216 -4.32 -46.24 -11.96
C SER C 216 -4.73 -46.73 -10.59
N LEU C 217 -5.89 -46.27 -10.13
CA LEU C 217 -6.50 -46.80 -8.93
C LEU C 217 -7.98 -47.01 -9.19
N SER C 218 -8.50 -48.19 -8.85
CA SER C 218 -9.91 -48.52 -9.07
C SER C 218 -10.56 -48.90 -7.75
N LEU C 219 -11.70 -48.26 -7.47
CA LEU C 219 -12.46 -48.49 -6.25
C LEU C 219 -13.92 -48.74 -6.61
N SER C 220 -14.65 -49.43 -5.73
CA SER C 220 -16.09 -49.49 -5.91
C SER C 220 -16.71 -48.13 -5.57
N GLN C 221 -17.85 -47.84 -6.20
CA GLN C 221 -18.70 -46.74 -5.81
C GLN C 221 -19.09 -46.81 -4.34
N GLN C 222 -19.27 -48.03 -3.83
CA GLN C 222 -19.62 -48.24 -2.43
C GLN C 222 -18.45 -47.83 -1.53
N GLN C 223 -17.25 -48.33 -1.83
CA GLN C 223 -16.06 -47.89 -1.11
C GLN C 223 -15.92 -46.37 -1.14
N ILE C 224 -16.26 -45.72 -2.27
CA ILE C 224 -16.14 -44.29 -2.40
C ILE C 224 -17.12 -43.59 -1.49
N SER C 225 -18.35 -44.09 -1.38
CA SER C 225 -19.36 -43.46 -0.56
C SER C 225 -18.89 -43.42 0.91
N CYS C 226 -18.18 -44.47 1.30
CA CYS C 226 -17.64 -44.60 2.65
C CYS C 226 -16.50 -43.60 2.90
N LEU C 227 -15.54 -43.50 1.95
CA LEU C 227 -14.46 -42.54 2.05
C LEU C 227 -15.02 -41.12 2.11
N LEU C 228 -16.04 -40.84 1.30
CA LEU C 228 -16.63 -39.51 1.27
C LEU C 228 -17.46 -39.25 2.53
N ALA C 229 -18.06 -40.27 3.15
CA ALA C 229 -18.76 -40.05 4.40
C ALA C 229 -17.77 -39.61 5.47
N ASN C 230 -16.60 -40.24 5.51
CA ASN C 230 -15.50 -39.82 6.38
C ASN C 230 -15.07 -38.38 6.10
N ALA C 231 -14.95 -38.01 4.83
CA ALA C 231 -14.62 -36.64 4.46
C ALA C 231 -15.69 -35.66 4.95
N PHE C 232 -16.99 -36.03 4.79
CA PHE C 232 -18.10 -35.20 5.22
C PHE C 232 -17.98 -34.90 6.71
N LEU C 233 -17.49 -35.91 7.47
CA LEU C 233 -17.33 -35.84 8.93
C LEU C 233 -15.93 -35.44 9.32
N CYS C 234 -15.12 -35.05 8.32
CA CYS C 234 -13.80 -34.46 8.55
C CYS C 234 -12.89 -35.38 9.36
N THR C 235 -12.86 -36.69 9.06
CA THR C 235 -12.09 -37.66 9.84
C THR C 235 -10.66 -37.89 9.34
N PHE C 236 -10.32 -37.46 8.13
CA PHE C 236 -9.02 -37.80 7.58
C PHE C 236 -7.94 -37.04 8.34
N PRO C 237 -6.99 -37.81 8.94
CA PRO C 237 -5.85 -37.24 9.64
C PRO C 237 -4.79 -36.67 8.69
N ARG C 238 -4.25 -35.54 9.15
CA ARG C 238 -3.02 -34.90 8.68
C ARG C 238 -3.31 -34.07 7.44
N ARG C 239 -4.58 -33.70 7.31
CA ARG C 239 -5.13 -33.22 6.05
C ARG C 239 -5.82 -31.88 6.26
N ASN C 240 -5.61 -31.26 7.44
CA ASN C 240 -6.29 -30.03 7.83
C ASN C 240 -5.33 -28.86 7.99
N THR C 241 -4.04 -29.10 8.29
CA THR C 241 -3.11 -28.00 8.49
C THR C 241 -3.11 -27.05 7.27
N LEU C 242 -3.28 -25.74 7.52
CA LEU C 242 -3.15 -24.69 6.52
C LEU C 242 -1.72 -24.11 6.49
N LYS C 243 -0.77 -24.67 7.26
CA LYS C 243 0.61 -24.21 7.31
C LYS C 243 1.28 -24.46 5.95
N ARG C 244 2.10 -23.51 5.48
CA ARG C 244 2.43 -23.37 4.05
C ARG C 244 3.25 -24.56 3.54
N LYS C 245 4.28 -25.00 4.28
CA LYS C 245 5.04 -26.19 3.95
C LYS C 245 4.66 -27.29 4.92
N SER C 246 3.86 -28.24 4.45
CA SER C 246 3.42 -29.35 5.28
C SER C 246 3.36 -30.64 4.43
N GLU C 247 3.19 -31.79 5.10
CA GLU C 247 3.27 -33.10 4.47
C GLU C 247 2.42 -33.20 3.19
N TYR C 248 1.20 -32.64 3.22
CA TYR C 248 0.16 -32.90 2.23
C TYR C 248 -0.13 -31.59 1.50
N SER C 249 0.84 -30.69 1.36
CA SER C 249 0.54 -29.37 0.80
C SER C 249 0.57 -29.40 -0.73
N THR C 250 1.11 -30.48 -1.32
CA THR C 250 0.92 -30.70 -2.75
C THR C 250 -0.33 -31.52 -3.04
N PHE C 251 -1.15 -31.80 -2.02
CA PHE C 251 -2.41 -32.52 -2.19
C PHE C 251 -3.61 -31.60 -1.95
N PRO C 252 -4.75 -31.91 -2.59
CA PRO C 252 -5.98 -31.13 -2.35
C PRO C 252 -6.51 -31.33 -0.95
N ASP C 253 -7.36 -30.41 -0.48
CA ASP C 253 -8.12 -30.66 0.73
C ASP C 253 -9.17 -31.73 0.42
N ILE C 254 -9.56 -32.50 1.46
CA ILE C 254 -10.47 -33.63 1.33
C ILE C 254 -11.57 -33.53 2.40
N ASN C 255 -11.20 -33.28 3.66
CA ASN C 255 -12.20 -33.02 4.68
C ASN C 255 -13.06 -31.84 4.22
N PHE C 256 -14.35 -31.89 4.54
CA PHE C 256 -15.34 -30.99 3.97
C PHE C 256 -15.46 -29.69 4.77
N ASN C 257 -14.64 -29.51 5.79
CA ASN C 257 -14.72 -28.31 6.63
C ASN C 257 -14.73 -27.02 5.81
N ARG C 258 -13.90 -26.90 4.76
CA ARG C 258 -13.72 -25.63 4.05
C ARG C 258 -15.00 -25.24 3.30
N LEU C 259 -15.79 -26.25 2.91
CA LEU C 259 -17.11 -26.03 2.31
C LEU C 259 -18.07 -25.45 3.34
N TYR C 260 -18.03 -26.02 4.56
CA TYR C 260 -18.93 -25.63 5.65
C TYR C 260 -18.61 -24.20 6.10
N GLN C 261 -17.34 -23.77 5.98
CA GLN C 261 -16.87 -22.45 6.38
C GLN C 261 -17.27 -21.39 5.35
N SER C 262 -17.71 -21.76 4.14
CA SER C 262 -17.99 -20.81 3.06
C SER C 262 -19.40 -20.21 3.15
N THR C 263 -19.69 -19.24 2.23
CA THR C 263 -20.97 -18.51 2.24
C THR C 263 -21.56 -18.32 0.84
N GLY C 264 -22.87 -18.03 0.86
CA GLY C 264 -23.55 -17.53 -0.34
C GLY C 264 -24.37 -18.63 -1.01
N PRO C 265 -25.27 -18.30 -1.95
CA PRO C 265 -26.26 -19.29 -2.41
C PRO C 265 -25.67 -20.48 -3.17
N ALA C 266 -24.63 -20.26 -3.97
CA ALA C 266 -24.04 -21.38 -4.70
C ALA C 266 -23.41 -22.42 -3.75
N VAL C 267 -22.85 -21.99 -2.61
CA VAL C 267 -22.31 -22.92 -1.62
C VAL C 267 -23.42 -23.79 -1.03
N LEU C 268 -24.60 -23.22 -0.71
CA LEU C 268 -25.71 -24.02 -0.19
C LEU C 268 -26.18 -25.06 -1.22
N GLU C 269 -26.16 -24.67 -2.50
CA GLU C 269 -26.60 -25.55 -3.58
C GLU C 269 -25.64 -26.72 -3.71
N LYS C 270 -24.35 -26.51 -3.42
CA LYS C 270 -23.38 -27.58 -3.44
C LYS C 270 -23.67 -28.50 -2.26
N LEU C 271 -23.96 -27.93 -1.09
CA LEU C 271 -24.35 -28.74 0.06
C LEU C 271 -25.60 -29.58 -0.22
N LYS C 272 -26.57 -29.03 -0.93
CA LYS C 272 -27.76 -29.80 -1.25
C LYS C 272 -27.42 -30.98 -2.18
N CYS C 273 -26.50 -30.78 -3.14
CA CYS C 273 -26.05 -31.84 -4.03
C CYS C 273 -25.38 -33.01 -3.28
N ILE C 274 -24.62 -32.65 -2.24
CA ILE C 274 -23.89 -33.61 -1.43
C ILE C 274 -24.83 -34.40 -0.54
N MET C 275 -25.76 -33.69 0.13
CA MET C 275 -26.83 -34.32 0.90
C MET C 275 -27.54 -35.37 0.04
N HIS C 276 -27.94 -34.93 -1.16
CA HIS C 276 -28.68 -35.74 -2.10
C HIS C 276 -27.91 -37.01 -2.48
N TYR C 277 -26.59 -36.86 -2.76
CA TYR C 277 -25.71 -38.00 -3.05
C TYR C 277 -25.82 -39.04 -1.93
N PHE C 278 -25.78 -38.58 -0.67
CA PHE C 278 -25.78 -39.51 0.44
C PHE C 278 -27.16 -40.16 0.61
N ARG C 279 -28.26 -39.42 0.35
CA ARG C 279 -29.59 -40.04 0.31
C ARG C 279 -29.60 -41.14 -0.76
N ARG C 280 -28.97 -40.90 -1.93
CA ARG C 280 -29.03 -41.88 -3.01
C ARG C 280 -28.21 -43.15 -2.71
N VAL C 281 -27.04 -43.03 -2.04
CA VAL C 281 -26.09 -44.14 -1.98
C VAL C 281 -25.96 -44.76 -0.59
N CYS C 282 -26.40 -44.06 0.47
CA CYS C 282 -26.39 -44.68 1.79
C CYS C 282 -27.49 -45.74 1.90
N PRO C 283 -27.19 -46.90 2.52
CA PRO C 283 -28.27 -47.85 2.82
C PRO C 283 -29.29 -47.16 3.73
N THR C 284 -30.59 -47.48 3.60
CA THR C 284 -31.58 -47.12 4.63
C THR C 284 -31.57 -48.20 5.74
N GLU C 285 -32.18 -47.92 6.89
CA GLU C 285 -32.14 -48.92 7.96
C GLU C 285 -32.84 -50.20 7.48
N ARG C 286 -33.90 -50.05 6.64
CA ARG C 286 -34.58 -51.19 6.03
C ARG C 286 -33.60 -52.02 5.20
N ASP C 287 -33.17 -51.54 4.02
CA ASP C 287 -32.28 -52.38 3.21
C ASP C 287 -31.21 -51.55 2.49
N ALA C 288 -30.37 -52.26 1.74
CA ALA C 288 -29.19 -51.72 1.10
C ALA C 288 -29.22 -51.89 -0.43
N SER C 289 -30.42 -51.94 -1.01
CA SER C 289 -30.56 -52.23 -2.44
C SER C 289 -30.36 -50.95 -3.28
N ASN C 290 -30.30 -49.77 -2.64
CA ASN C 290 -30.07 -48.51 -3.35
C ASN C 290 -28.55 -48.23 -3.51
N VAL C 291 -27.72 -49.02 -2.82
CA VAL C 291 -26.26 -48.89 -2.82
C VAL C 291 -25.75 -49.15 -4.24
N PRO C 292 -24.92 -48.23 -4.81
CA PRO C 292 -24.36 -48.43 -6.14
C PRO C 292 -23.39 -49.61 -6.28
N THR C 293 -23.43 -50.19 -7.47
CA THR C 293 -22.99 -51.56 -7.71
C THR C 293 -21.65 -51.59 -8.43
N GLY C 294 -21.20 -50.43 -8.88
CA GLY C 294 -20.10 -50.42 -9.85
C GLY C 294 -18.79 -49.88 -9.31
N VAL C 295 -18.03 -49.32 -10.23
CA VAL C 295 -16.61 -49.04 -10.08
C VAL C 295 -16.31 -47.70 -10.73
N VAL C 296 -15.28 -47.04 -10.15
CA VAL C 296 -14.65 -45.84 -10.67
C VAL C 296 -13.14 -46.04 -10.71
N THR C 297 -12.54 -45.59 -11.81
CA THR C 297 -11.11 -45.70 -12.05
C THR C 297 -10.48 -44.30 -12.20
N PHE C 298 -9.33 -44.11 -11.56
CA PHE C 298 -8.56 -42.87 -11.59
C PHE C 298 -7.19 -43.16 -12.20
N VAL C 299 -6.86 -42.47 -13.29
CA VAL C 299 -5.61 -42.72 -14.00
C VAL C 299 -4.79 -41.43 -14.05
N ARG C 300 -3.64 -41.39 -13.37
CA ARG C 300 -2.67 -40.33 -13.59
C ARG C 300 -1.90 -40.62 -14.90
N ARG C 301 -2.08 -39.73 -15.86
CA ARG C 301 -1.27 -39.74 -17.07
C ARG C 301 -0.11 -38.77 -16.85
N SER C 302 1.11 -39.27 -17.00
CA SER C 302 2.30 -38.44 -16.79
C SER C 302 3.22 -38.64 -17.99
N GLY C 303 3.32 -37.60 -18.81
CA GLY C 303 4.07 -37.68 -20.04
C GLY C 303 5.58 -37.60 -19.79
N LEU C 304 6.33 -38.45 -20.50
CA LEU C 304 7.79 -38.43 -20.47
C LEU C 304 8.29 -37.45 -21.55
N PRO C 305 9.53 -36.96 -21.49
CA PRO C 305 10.09 -36.13 -22.57
C PRO C 305 9.93 -36.70 -23.98
N GLU C 306 10.13 -38.02 -24.11
CA GLU C 306 9.78 -38.83 -25.28
C GLU C 306 8.44 -38.48 -25.92
N HIS C 307 7.42 -38.07 -25.12
CA HIS C 307 6.05 -38.00 -25.63
C HIS C 307 5.70 -36.62 -26.13
N LEU C 308 6.61 -35.64 -25.91
CA LEU C 308 6.40 -34.27 -26.36
C LEU C 308 6.37 -34.26 -27.88
N ILE C 309 5.29 -33.71 -28.43
CA ILE C 309 5.21 -33.39 -29.85
C ILE C 309 6.05 -32.14 -30.12
N ASP C 310 6.85 -32.20 -31.21
CA ASP C 310 7.36 -31.00 -31.87
C ASP C 310 6.30 -30.55 -32.87
N TRP C 311 5.68 -29.40 -32.56
CA TRP C 311 4.46 -28.95 -33.21
C TRP C 311 4.71 -28.45 -34.64
N SER C 312 5.96 -28.03 -34.93
CA SER C 312 6.38 -27.58 -36.26
C SER C 312 6.60 -28.76 -37.22
N GLN C 313 6.63 -30.01 -36.72
CA GLN C 313 6.81 -31.20 -37.56
C GLN C 313 5.49 -31.93 -37.81
N SER C 314 4.37 -31.46 -37.24
CA SER C 314 3.08 -32.12 -37.41
C SER C 314 2.48 -31.78 -38.78
N ALA C 315 2.39 -32.81 -39.62
CA ALA C 315 1.77 -32.67 -40.93
C ALA C 315 0.26 -32.94 -40.86
N ALA C 316 -0.35 -32.91 -39.67
CA ALA C 316 -1.74 -33.34 -39.57
C ALA C 316 -2.67 -32.29 -40.17
N PRO C 317 -3.54 -32.68 -41.14
CA PRO C 317 -4.53 -31.74 -41.67
C PRO C 317 -5.63 -31.47 -40.63
N LEU C 318 -5.77 -30.17 -40.33
CA LEU C 318 -6.73 -29.62 -39.38
C LEU C 318 -8.18 -29.82 -39.85
N GLY C 319 -8.41 -29.84 -41.17
CA GLY C 319 -9.76 -29.91 -41.71
C GLY C 319 -10.32 -31.33 -41.69
N ASP C 320 -9.42 -32.31 -41.53
CA ASP C 320 -9.78 -33.72 -41.52
C ASP C 320 -10.25 -34.15 -40.14
N VAL C 321 -10.13 -33.25 -39.13
CA VAL C 321 -10.73 -33.43 -37.82
C VAL C 321 -12.23 -33.27 -37.96
N PRO C 322 -13.04 -34.33 -37.67
CA PRO C 322 -14.49 -34.19 -37.57
C PRO C 322 -14.83 -33.24 -36.43
N LEU C 323 -15.24 -32.01 -36.77
CA LEU C 323 -15.53 -30.97 -35.81
C LEU C 323 -17.04 -30.70 -35.74
N HIS C 324 -17.58 -30.74 -34.50
CA HIS C 324 -18.98 -30.45 -34.21
C HIS C 324 -19.05 -29.34 -33.16
N VAL C 325 -19.56 -28.17 -33.53
CA VAL C 325 -19.54 -26.98 -32.68
C VAL C 325 -20.98 -26.60 -32.39
N ASP C 326 -21.40 -26.77 -31.12
CA ASP C 326 -22.81 -26.61 -30.74
C ASP C 326 -22.95 -25.40 -29.81
N ALA C 327 -23.99 -24.59 -30.04
CA ALA C 327 -24.19 -23.37 -29.27
C ALA C 327 -25.23 -23.62 -28.19
N GLU C 328 -25.94 -24.74 -28.32
CA GLU C 328 -26.73 -25.24 -27.22
C GLU C 328 -26.02 -26.48 -26.68
N GLY C 329 -26.61 -27.06 -25.64
CA GLY C 329 -26.05 -28.28 -25.08
C GLY C 329 -24.85 -28.05 -24.13
N THR C 330 -24.60 -29.14 -23.39
CA THR C 330 -23.54 -29.28 -22.39
C THR C 330 -22.73 -30.54 -22.67
N ILE C 331 -21.49 -30.54 -22.17
CA ILE C 331 -20.58 -31.66 -22.25
C ILE C 331 -21.18 -32.91 -21.57
N GLU C 332 -21.79 -32.74 -20.39
CA GLU C 332 -22.22 -33.91 -19.63
C GLU C 332 -23.42 -34.62 -20.26
N ASP C 333 -24.22 -33.90 -21.07
CA ASP C 333 -25.46 -34.42 -21.65
C ASP C 333 -25.26 -34.83 -23.10
N GLU C 334 -24.80 -33.87 -23.93
CA GLU C 334 -24.62 -34.08 -25.37
C GLU C 334 -23.31 -34.79 -25.66
N GLY C 335 -22.34 -34.73 -24.75
CA GLY C 335 -21.02 -35.34 -24.94
C GLY C 335 -20.98 -36.78 -24.44
N ILE C 336 -22.15 -37.44 -24.32
CA ILE C 336 -22.23 -38.83 -23.92
C ILE C 336 -21.44 -39.70 -24.92
N GLY C 337 -20.58 -40.58 -24.38
CA GLY C 337 -19.73 -41.49 -25.14
C GLY C 337 -18.29 -40.97 -25.30
N LEU C 338 -18.08 -39.67 -25.05
CA LEU C 338 -16.87 -39.02 -25.46
C LEU C 338 -16.00 -38.75 -24.23
N LEU C 339 -14.73 -38.43 -24.50
CA LEU C 339 -13.85 -37.93 -23.47
C LEU C 339 -14.24 -36.51 -23.14
N GLN C 340 -14.93 -36.35 -22.01
CA GLN C 340 -15.42 -35.08 -21.53
C GLN C 340 -14.32 -34.38 -20.73
N VAL C 341 -14.16 -33.07 -20.94
CA VAL C 341 -13.13 -32.28 -20.29
C VAL C 341 -13.67 -31.57 -19.04
N ASP C 342 -12.77 -31.57 -18.04
CA ASP C 342 -12.91 -30.86 -16.78
C ASP C 342 -11.86 -29.75 -16.85
N PHE C 343 -12.33 -28.49 -16.79
CA PHE C 343 -11.48 -27.30 -16.81
C PHE C 343 -10.94 -27.16 -15.41
N ALA C 344 -9.91 -27.95 -15.13
CA ALA C 344 -9.49 -28.26 -13.78
C ALA C 344 -8.51 -27.18 -13.28
N ASN C 345 -8.34 -27.21 -11.94
CA ASN C 345 -7.26 -26.59 -11.21
C ASN C 345 -6.21 -27.67 -11.03
N LYS C 346 -4.95 -27.27 -10.82
CA LYS C 346 -3.88 -28.26 -10.74
C LYS C 346 -4.11 -29.09 -9.47
N TYR C 347 -4.67 -28.46 -8.42
CA TYR C 347 -5.26 -29.19 -7.32
C TYR C 347 -6.67 -29.70 -7.72
N LEU C 348 -6.81 -31.02 -7.89
CA LEU C 348 -8.04 -31.61 -8.39
C LEU C 348 -9.24 -31.08 -7.60
N GLY C 349 -10.29 -30.70 -8.34
CA GLY C 349 -11.53 -30.26 -7.71
C GLY C 349 -11.62 -28.76 -7.49
N GLY C 350 -10.49 -28.05 -7.55
CA GLY C 350 -10.48 -26.60 -7.43
C GLY C 350 -11.03 -26.13 -6.08
N GLY C 351 -12.01 -25.23 -6.09
CA GLY C 351 -12.60 -24.73 -4.86
C GLY C 351 -13.94 -25.41 -4.53
N VAL C 352 -14.18 -26.65 -4.99
CA VAL C 352 -15.43 -27.31 -4.70
C VAL C 352 -15.69 -27.38 -3.19
N LEU C 353 -14.65 -27.63 -2.37
CA LEU C 353 -14.73 -27.45 -0.92
C LEU C 353 -14.21 -26.05 -0.56
N GLY C 354 -15.11 -25.08 -0.67
CA GLY C 354 -14.82 -23.67 -0.72
C GLY C 354 -15.93 -22.97 -1.52
N HIS C 355 -15.60 -21.81 -2.13
CA HIS C 355 -16.57 -20.94 -2.77
C HIS C 355 -16.68 -21.24 -4.27
N GLY C 356 -15.86 -22.14 -4.79
CA GLY C 356 -15.81 -22.40 -6.22
C GLY C 356 -17.12 -22.97 -6.73
N CYS C 357 -17.57 -22.51 -7.92
CA CYS C 357 -18.83 -23.00 -8.45
CA CYS C 357 -18.90 -22.79 -8.42
C CYS C 357 -18.96 -22.75 -9.95
N VAL C 358 -17.84 -23.01 -10.66
CA VAL C 358 -17.81 -22.98 -12.11
C VAL C 358 -17.61 -24.40 -12.61
N GLN C 359 -17.04 -24.58 -13.81
CA GLN C 359 -17.22 -25.82 -14.56
C GLN C 359 -16.77 -27.04 -13.74
N GLU C 360 -15.55 -27.01 -13.19
CA GLU C 360 -15.04 -28.13 -12.42
C GLU C 360 -15.90 -28.42 -11.19
N GLU C 361 -16.13 -27.40 -10.35
CA GLU C 361 -16.81 -27.59 -9.07
C GLU C 361 -18.20 -28.19 -9.28
N ILE C 362 -18.91 -27.76 -10.33
CA ILE C 362 -20.27 -28.22 -10.59
C ILE C 362 -20.26 -29.72 -10.89
N ARG C 363 -19.30 -30.15 -11.70
CA ARG C 363 -19.26 -31.55 -12.12
C ARG C 363 -18.95 -32.46 -10.94
N PHE C 364 -18.15 -31.94 -10.00
CA PHE C 364 -17.76 -32.67 -8.80
C PHE C 364 -18.88 -32.78 -7.77
N VAL C 365 -19.97 -32.00 -7.87
CA VAL C 365 -21.09 -32.12 -6.92
C VAL C 365 -22.27 -32.87 -7.54
N ILE C 366 -22.39 -32.83 -8.88
CA ILE C 366 -23.44 -33.60 -9.54
C ILE C 366 -22.97 -35.04 -9.80
N CYS C 367 -21.64 -35.26 -9.91
CA CYS C 367 -21.02 -36.58 -9.97
C CYS C 367 -20.00 -36.72 -8.83
N PRO C 368 -20.47 -36.81 -7.57
CA PRO C 368 -19.62 -36.60 -6.39
C PRO C 368 -18.56 -37.67 -6.13
N GLU C 369 -18.63 -38.79 -6.83
CA GLU C 369 -17.60 -39.80 -6.72
C GLU C 369 -16.25 -39.24 -7.18
N LEU C 370 -16.25 -38.19 -8.01
CA LEU C 370 -15.02 -37.54 -8.44
C LEU C 370 -14.28 -36.97 -7.24
N LEU C 371 -15.04 -36.56 -6.21
CA LEU C 371 -14.46 -35.89 -5.05
C LEU C 371 -13.35 -36.75 -4.46
N VAL C 372 -13.47 -38.08 -4.55
CA VAL C 372 -12.54 -38.92 -3.83
C VAL C 372 -11.15 -38.81 -4.43
N GLY C 373 -11.04 -38.34 -5.67
CA GLY C 373 -9.75 -38.10 -6.29
C GLY C 373 -8.86 -37.16 -5.45
N LYS C 374 -9.48 -36.23 -4.71
CA LYS C 374 -8.81 -35.27 -3.86
C LYS C 374 -8.04 -35.96 -2.75
N LEU C 375 -8.50 -37.15 -2.41
CA LEU C 375 -7.91 -37.87 -1.29
C LEU C 375 -6.52 -38.35 -1.68
N PHE C 376 -6.26 -38.68 -2.96
CA PHE C 376 -5.03 -39.40 -3.24
C PHE C 376 -4.29 -38.86 -4.48
N THR C 377 -4.77 -37.73 -5.04
CA THR C 377 -4.19 -37.22 -6.29
C THR C 377 -3.34 -35.97 -6.02
N GLU C 378 -2.00 -36.14 -6.09
CA GLU C 378 -1.05 -35.04 -5.99
C GLU C 378 -1.38 -34.03 -7.09
N CYS C 379 -1.06 -32.74 -6.86
CA CYS C 379 -1.38 -31.75 -7.88
C CYS C 379 -0.60 -32.04 -9.16
N LEU C 380 -1.22 -31.66 -10.27
CA LEU C 380 -0.72 -31.90 -11.61
C LEU C 380 0.45 -30.97 -11.92
N ARG C 381 1.52 -31.60 -12.46
CA ARG C 381 2.63 -30.88 -13.05
C ARG C 381 2.21 -30.55 -14.50
N PRO C 382 2.98 -29.74 -15.25
CA PRO C 382 2.56 -29.27 -16.58
C PRO C 382 2.35 -30.34 -17.64
N PHE C 383 3.04 -31.50 -17.55
CA PHE C 383 2.82 -32.52 -18.56
C PHE C 383 2.07 -33.73 -17.97
N GLU C 384 1.09 -33.45 -17.12
CA GLU C 384 0.26 -34.50 -16.53
C GLU C 384 -1.24 -34.18 -16.61
N ALA C 385 -2.05 -35.24 -16.51
CA ALA C 385 -3.51 -35.16 -16.50
C ALA C 385 -4.05 -36.30 -15.66
N LEU C 386 -5.35 -36.21 -15.33
CA LEU C 386 -6.01 -37.26 -14.56
C LEU C 386 -7.32 -37.61 -15.25
N VAL C 387 -7.46 -38.89 -15.63
CA VAL C 387 -8.68 -39.41 -16.21
C VAL C 387 -9.47 -40.10 -15.10
N MET C 388 -10.76 -39.86 -15.12
CA MET C 388 -11.68 -40.39 -14.13
C MET C 388 -12.83 -41.03 -14.88
N LEU C 389 -12.98 -42.35 -14.77
CA LEU C 389 -14.00 -43.06 -15.53
C LEU C 389 -14.90 -43.79 -14.55
N GLY C 390 -16.23 -43.58 -14.63
CA GLY C 390 -17.16 -44.39 -13.87
C GLY C 390 -18.08 -43.63 -12.90
N ALA C 391 -17.85 -42.30 -12.81
CA ALA C 391 -18.57 -41.42 -11.89
C ALA C 391 -20.01 -41.27 -12.33
N GLU C 392 -20.92 -41.65 -11.42
CA GLU C 392 -22.35 -41.59 -11.62
C GLU C 392 -22.84 -40.19 -11.30
N ARG C 393 -23.82 -39.77 -12.11
CA ARG C 393 -24.52 -38.52 -11.90
C ARG C 393 -25.79 -38.76 -11.08
N TYR C 394 -25.94 -37.95 -10.03
CA TYR C 394 -26.98 -38.13 -9.05
C TYR C 394 -27.86 -36.90 -9.02
N SER C 395 -27.39 -35.75 -9.56
CA SER C 395 -28.13 -34.50 -9.45
C SER C 395 -28.27 -33.80 -10.80
N ASN C 396 -29.42 -33.10 -10.94
CA ASN C 396 -29.63 -32.11 -11.98
C ASN C 396 -29.30 -30.74 -11.43
N TYR C 397 -29.07 -29.80 -12.34
CA TYR C 397 -28.76 -28.44 -11.93
C TYR C 397 -29.22 -27.44 -12.99
N THR C 398 -29.33 -26.19 -12.54
CA THR C 398 -29.54 -25.04 -13.39
C THR C 398 -28.47 -24.01 -13.01
N GLY C 399 -28.15 -23.18 -14.00
CA GLY C 399 -27.28 -22.05 -13.81
C GLY C 399 -25.82 -22.47 -13.85
N TYR C 400 -25.03 -21.57 -13.27
CA TYR C 400 -23.58 -21.55 -13.38
C TYR C 400 -23.12 -20.44 -12.45
N ALA C 401 -21.89 -20.57 -11.92
CA ALA C 401 -21.35 -19.56 -11.02
C ALA C 401 -22.36 -19.25 -9.92
N GLY C 402 -22.70 -17.98 -9.68
CA GLY C 402 -23.51 -17.60 -8.52
C GLY C 402 -24.97 -18.06 -8.58
N SER C 403 -25.41 -18.42 -9.80
CA SER C 403 -26.80 -18.77 -10.09
C SER C 403 -26.98 -20.29 -10.13
N PHE C 404 -25.92 -21.03 -9.79
CA PHE C 404 -25.93 -22.49 -9.75
C PHE C 404 -26.96 -22.94 -8.72
N GLU C 405 -27.83 -23.88 -9.14
CA GLU C 405 -28.80 -24.48 -8.24
C GLU C 405 -28.95 -25.97 -8.50
N TRP C 406 -29.10 -26.72 -7.40
CA TRP C 406 -29.63 -28.06 -7.44
C TRP C 406 -31.08 -27.95 -7.91
N SER C 407 -31.43 -28.77 -8.91
CA SER C 407 -32.76 -28.76 -9.46
C SER C 407 -33.29 -30.18 -9.58
N GLY C 408 -32.85 -31.13 -8.74
CA GLY C 408 -33.57 -32.38 -8.59
C GLY C 408 -32.72 -33.61 -8.83
N ASN C 409 -33.32 -34.78 -8.54
CA ASN C 409 -32.71 -36.08 -8.70
C ASN C 409 -32.34 -36.31 -10.16
N PHE C 410 -31.29 -37.10 -10.40
CA PHE C 410 -30.93 -37.55 -11.73
C PHE C 410 -30.67 -39.05 -11.65
N GLU C 411 -31.38 -39.79 -12.51
CA GLU C 411 -31.20 -41.23 -12.66
C GLU C 411 -30.28 -41.47 -13.84
N ASP C 412 -29.05 -41.93 -13.57
CA ASP C 412 -28.03 -42.06 -14.60
C ASP C 412 -28.34 -43.33 -15.38
N SER C 413 -28.52 -43.15 -16.71
CA SER C 413 -28.93 -44.16 -17.66
C SER C 413 -27.71 -44.74 -18.39
N THR C 414 -26.52 -44.19 -18.05
CA THR C 414 -25.27 -44.48 -18.73
C THR C 414 -24.90 -45.94 -18.53
N PRO C 415 -24.66 -46.75 -19.59
CA PRO C 415 -24.29 -48.15 -19.38
C PRO C 415 -22.89 -48.32 -18.79
N ARG C 416 -22.73 -49.43 -18.09
CA ARG C 416 -21.47 -49.88 -17.51
C ARG C 416 -20.69 -50.69 -18.53
N ASP C 417 -19.36 -50.48 -18.54
CA ASP C 417 -18.43 -51.27 -19.29
C ASP C 417 -18.23 -52.65 -18.64
N SER C 418 -17.35 -53.46 -19.24
CA SER C 418 -17.01 -54.78 -18.78
C SER C 418 -16.49 -54.76 -17.35
N SER C 419 -15.90 -53.65 -16.87
CA SER C 419 -15.21 -53.59 -15.58
C SER C 419 -16.13 -53.08 -14.46
N GLY C 420 -17.38 -52.76 -14.81
CA GLY C 420 -18.39 -52.34 -13.86
C GLY C 420 -18.51 -50.81 -13.74
N ARG C 421 -17.91 -50.09 -14.70
CA ARG C 421 -17.80 -48.64 -14.65
C ARG C 421 -18.83 -48.01 -15.59
N ARG C 422 -19.60 -47.06 -15.10
CA ARG C 422 -20.31 -46.20 -16.00
C ARG C 422 -19.37 -45.63 -17.05
N GLN C 423 -19.78 -45.68 -18.32
CA GLN C 423 -18.96 -45.16 -19.41
C GLN C 423 -19.05 -43.65 -19.50
N THR C 424 -18.74 -42.99 -18.38
CA THR C 424 -18.52 -41.54 -18.33
C THR C 424 -17.06 -41.32 -18.00
N ALA C 425 -16.35 -40.78 -18.99
CA ALA C 425 -14.93 -40.54 -18.93
C ALA C 425 -14.71 -39.03 -18.93
N ILE C 426 -14.00 -38.57 -17.89
CA ILE C 426 -13.70 -37.15 -17.70
C ILE C 426 -12.20 -36.98 -17.56
N VAL C 427 -11.63 -36.01 -18.27
CA VAL C 427 -10.21 -35.74 -18.09
C VAL C 427 -10.02 -34.35 -17.45
N ALA C 428 -9.29 -34.35 -16.31
CA ALA C 428 -8.90 -33.11 -15.67
C ALA C 428 -7.59 -32.59 -16.30
N ILE C 429 -7.68 -31.41 -16.94
CA ILE C 429 -6.53 -30.64 -17.42
C ILE C 429 -6.68 -29.19 -16.96
N ASP C 430 -5.59 -28.66 -16.39
CA ASP C 430 -5.54 -27.34 -15.80
C ASP C 430 -4.95 -26.32 -16.79
N ALA C 431 -5.77 -25.38 -17.25
CA ALA C 431 -5.27 -24.22 -17.98
C ALA C 431 -4.48 -23.30 -17.05
N LEU C 432 -3.67 -22.44 -17.69
CA LEU C 432 -3.08 -21.30 -17.01
C LEU C 432 -4.12 -20.20 -16.84
N HIS C 433 -3.97 -19.50 -15.69
CA HIS C 433 -4.64 -18.25 -15.40
C HIS C 433 -3.72 -17.06 -15.77
N PHE C 434 -4.35 -16.04 -16.36
CA PHE C 434 -3.65 -14.82 -16.75
C PHE C 434 -4.32 -13.59 -16.13
N ALA C 435 -3.56 -12.85 -15.31
CA ALA C 435 -3.90 -11.47 -14.96
C ALA C 435 -3.86 -10.61 -16.24
N GLN C 436 -2.96 -10.91 -17.18
CA GLN C 436 -2.80 -10.18 -18.44
C GLN C 436 -3.01 -11.05 -19.69
N SER C 437 -4.11 -10.81 -20.44
CA SER C 437 -4.46 -11.60 -21.60
C SER C 437 -3.35 -11.69 -22.65
N HIS C 438 -2.59 -10.60 -22.85
CA HIS C 438 -1.56 -10.53 -23.89
C HIS C 438 -0.49 -11.60 -23.66
N HIS C 439 -0.26 -11.95 -22.38
CA HIS C 439 0.79 -12.88 -21.97
C HIS C 439 0.63 -14.29 -22.55
N GLN C 440 -0.59 -14.65 -22.99
CA GLN C 440 -0.93 -16.03 -23.31
C GLN C 440 -0.46 -16.39 -24.70
N TYR C 441 -0.04 -15.35 -25.44
CA TYR C 441 0.39 -15.45 -26.82
C TYR C 441 1.90 -15.62 -26.90
N ARG C 442 2.60 -15.53 -25.75
CA ARG C 442 3.98 -16.00 -25.69
C ARG C 442 4.05 -17.43 -26.23
N GLU C 443 5.15 -17.72 -26.97
CA GLU C 443 5.33 -18.97 -27.68
C GLU C 443 5.33 -20.17 -26.70
N ASP C 444 5.97 -19.95 -25.54
CA ASP C 444 6.24 -21.00 -24.57
C ASP C 444 4.93 -21.40 -23.86
N LEU C 445 3.99 -20.45 -23.70
CA LEU C 445 2.73 -20.64 -23.00
C LEU C 445 1.62 -21.09 -23.94
N MET C 446 1.88 -21.06 -25.25
CA MET C 446 0.97 -21.68 -26.22
C MET C 446 1.34 -23.15 -26.30
N GLU C 447 2.66 -23.39 -26.23
CA GLU C 447 3.22 -24.71 -26.25
C GLU C 447 2.80 -25.48 -24.99
N ARG C 448 2.82 -24.77 -23.85
CA ARG C 448 2.49 -25.34 -22.56
C ARG C 448 1.05 -25.89 -22.59
N GLU C 449 0.13 -25.12 -23.16
CA GLU C 449 -1.27 -25.47 -23.23
C GLU C 449 -1.54 -26.53 -24.29
N LEU C 450 -0.77 -26.51 -25.36
CA LEU C 450 -0.82 -27.57 -26.35
C LEU C 450 -0.46 -28.89 -25.67
N ASN C 451 0.63 -28.86 -24.87
CA ASN C 451 1.16 -30.07 -24.26
C ASN C 451 0.27 -30.53 -23.12
N LYS C 452 -0.36 -29.59 -22.40
CA LYS C 452 -1.28 -29.94 -21.32
C LYS C 452 -2.50 -30.66 -21.92
N ALA C 453 -3.08 -30.09 -22.98
CA ALA C 453 -4.21 -30.74 -23.64
C ALA C 453 -3.78 -32.05 -24.29
N TYR C 454 -2.54 -32.11 -24.80
CA TYR C 454 -2.05 -33.31 -25.47
C TYR C 454 -2.13 -34.48 -24.50
N ILE C 455 -1.59 -34.28 -23.28
CA ILE C 455 -1.48 -35.40 -22.35
C ILE C 455 -2.88 -35.75 -21.80
N GLY C 456 -3.80 -34.78 -21.79
CA GLY C 456 -5.17 -35.07 -21.41
C GLY C 456 -5.88 -35.93 -22.45
N PHE C 457 -5.54 -35.67 -23.73
CA PHE C 457 -6.27 -36.23 -24.87
C PHE C 457 -5.62 -37.47 -25.50
N VAL C 458 -4.44 -37.89 -25.05
CA VAL C 458 -3.83 -39.10 -25.61
C VAL C 458 -4.76 -40.28 -25.34
N HIS C 459 -4.57 -41.30 -26.18
CA HIS C 459 -5.42 -42.46 -26.15
C HIS C 459 -4.62 -43.67 -25.62
N TRP C 460 -3.54 -44.05 -26.32
CA TRP C 460 -2.67 -45.12 -25.84
C TRP C 460 -3.41 -46.43 -25.70
N MET C 461 -4.31 -46.71 -26.64
CA MET C 461 -4.97 -47.99 -26.74
C MET C 461 -4.96 -48.45 -28.20
N VAL C 462 -5.12 -49.75 -28.39
CA VAL C 462 -5.16 -50.36 -29.72
C VAL C 462 -6.48 -50.05 -30.45
N THR C 463 -7.58 -49.84 -29.70
CA THR C 463 -8.88 -49.51 -30.25
C THR C 463 -8.85 -48.04 -30.68
N PRO C 464 -9.73 -47.60 -31.60
CA PRO C 464 -9.79 -46.20 -32.00
C PRO C 464 -10.33 -45.29 -30.90
N PRO C 465 -9.78 -44.06 -30.79
CA PRO C 465 -10.25 -43.09 -29.81
C PRO C 465 -11.59 -42.48 -30.18
N PRO C 466 -12.53 -42.41 -29.21
CA PRO C 466 -13.70 -41.57 -29.34
C PRO C 466 -13.33 -40.10 -29.34
N GLY C 467 -14.34 -39.31 -29.66
CA GLY C 467 -14.17 -37.87 -29.72
C GLY C 467 -13.95 -37.32 -28.34
N VAL C 468 -13.52 -36.06 -28.30
CA VAL C 468 -13.39 -35.24 -27.11
C VAL C 468 -14.58 -34.30 -27.07
N ALA C 469 -15.17 -34.06 -25.90
CA ALA C 469 -16.19 -33.02 -25.71
C ALA C 469 -15.62 -31.95 -24.78
N THR C 470 -15.51 -30.72 -25.28
CA THR C 470 -14.84 -29.64 -24.56
C THR C 470 -15.54 -28.32 -24.86
N GLY C 471 -14.83 -27.21 -24.55
CA GLY C 471 -15.33 -25.86 -24.73
C GLY C 471 -14.24 -24.84 -24.41
N ASN C 472 -14.65 -23.65 -23.94
CA ASN C 472 -13.76 -22.48 -23.84
C ASN C 472 -12.87 -22.65 -22.60
N TRP C 473 -11.96 -23.62 -22.66
CA TRP C 473 -11.14 -24.08 -21.54
C TRP C 473 -10.21 -22.97 -21.02
N GLY C 474 -10.42 -22.55 -19.76
CA GLY C 474 -9.55 -21.60 -19.08
C GLY C 474 -9.74 -20.15 -19.53
N CYS C 475 -10.92 -19.89 -20.11
CA CYS C 475 -11.31 -18.58 -20.64
C CYS C 475 -12.29 -17.92 -19.68
N GLY C 476 -13.04 -16.92 -20.16
CA GLY C 476 -13.81 -16.07 -19.25
C GLY C 476 -12.89 -15.41 -18.23
N ALA C 477 -13.32 -15.38 -16.95
CA ALA C 477 -12.66 -14.63 -15.89
C ALA C 477 -11.23 -15.14 -15.59
N PHE C 478 -10.84 -16.30 -16.12
CA PHE C 478 -9.54 -16.90 -15.81
C PHE C 478 -8.49 -16.41 -16.82
N GLY C 479 -8.90 -15.66 -17.85
CA GLY C 479 -7.97 -14.85 -18.63
C GLY C 479 -7.70 -15.33 -20.06
N GLY C 480 -8.15 -16.53 -20.40
CA GLY C 480 -7.85 -17.11 -21.69
C GLY C 480 -8.68 -16.54 -22.83
N ASP C 481 -8.11 -16.59 -24.03
CA ASP C 481 -8.79 -16.21 -25.24
C ASP C 481 -9.47 -17.44 -25.84
N SER C 482 -10.81 -17.40 -25.89
CA SER C 482 -11.62 -18.46 -26.51
C SER C 482 -11.11 -18.84 -27.90
N TYR C 483 -10.71 -17.84 -28.69
CA TYR C 483 -10.40 -18.02 -30.10
C TYR C 483 -9.11 -18.82 -30.25
N LEU C 484 -8.16 -18.57 -29.35
CA LEU C 484 -6.89 -19.28 -29.35
C LEU C 484 -7.04 -20.68 -28.77
N LYS C 485 -7.76 -20.81 -27.63
CA LYS C 485 -7.92 -22.07 -26.92
C LYS C 485 -8.68 -23.08 -27.79
N ALA C 486 -9.58 -22.60 -28.65
CA ALA C 486 -10.25 -23.45 -29.63
C ALA C 486 -9.28 -24.04 -30.66
N LEU C 487 -8.28 -23.25 -31.10
CA LEU C 487 -7.38 -23.72 -32.15
C LEU C 487 -6.36 -24.69 -31.56
N LEU C 488 -5.92 -24.39 -30.33
CA LEU C 488 -4.97 -25.26 -29.65
C LEU C 488 -5.58 -26.64 -29.49
N GLN C 489 -6.88 -26.68 -29.21
CA GLN C 489 -7.57 -27.94 -28.97
C GLN C 489 -7.75 -28.68 -30.29
N LEU C 490 -7.95 -27.93 -31.39
CA LEU C 490 -8.09 -28.51 -32.71
C LEU C 490 -6.78 -29.16 -33.14
N MET C 491 -5.68 -28.42 -32.91
CA MET C 491 -4.36 -28.91 -33.27
C MET C 491 -4.11 -30.25 -32.60
N VAL C 492 -4.42 -30.32 -31.29
CA VAL C 492 -4.16 -31.50 -30.49
C VAL C 492 -5.02 -32.66 -31.00
N CYS C 493 -6.26 -32.38 -31.38
CA CYS C 493 -7.15 -33.45 -31.84
C CYS C 493 -6.74 -33.94 -33.22
N ALA C 494 -6.30 -33.01 -34.10
CA ALA C 494 -5.83 -33.36 -35.45
C ALA C 494 -4.65 -34.34 -35.35
N GLN C 495 -3.68 -33.94 -34.52
CA GLN C 495 -2.47 -34.68 -34.23
C GLN C 495 -2.77 -36.07 -33.65
N LEU C 496 -3.79 -36.21 -32.78
CA LEU C 496 -4.07 -37.47 -32.11
C LEU C 496 -5.14 -38.25 -32.87
N GLY C 497 -5.83 -37.62 -33.83
CA GLY C 497 -6.79 -38.33 -34.66
C GLY C 497 -8.15 -38.51 -33.96
N ARG C 498 -8.56 -37.51 -33.17
CA ARG C 498 -9.77 -37.58 -32.37
C ARG C 498 -10.77 -36.58 -32.94
N PRO C 499 -12.04 -37.00 -33.11
CA PRO C 499 -13.12 -36.05 -33.31
C PRO C 499 -13.17 -35.03 -32.17
N LEU C 500 -13.75 -33.86 -32.45
CA LEU C 500 -13.78 -32.77 -31.48
C LEU C 500 -15.19 -32.18 -31.47
N ALA C 501 -15.90 -32.32 -30.34
CA ALA C 501 -17.21 -31.76 -30.11
C ALA C 501 -17.08 -30.58 -29.15
N TYR C 502 -17.32 -29.35 -29.62
CA TYR C 502 -16.94 -28.14 -28.92
C TYR C 502 -18.21 -27.38 -28.55
N TYR C 503 -18.37 -26.97 -27.26
CA TYR C 503 -19.59 -26.31 -26.79
C TYR C 503 -19.28 -24.85 -26.43
N THR C 504 -20.18 -23.97 -26.91
CA THR C 504 -19.97 -22.52 -26.83
C THR C 504 -20.92 -21.90 -25.81
N PHE C 505 -21.95 -22.68 -25.38
CA PHE C 505 -22.83 -22.35 -24.27
C PHE C 505 -23.54 -21.03 -24.55
N GLY C 506 -24.37 -21.04 -25.59
CA GLY C 506 -25.22 -19.92 -25.93
C GLY C 506 -24.60 -18.93 -26.91
N ASN C 507 -23.29 -19.04 -27.22
CA ASN C 507 -22.59 -18.05 -28.03
C ASN C 507 -22.52 -18.51 -29.51
N VAL C 508 -23.48 -18.02 -30.31
CA VAL C 508 -23.65 -18.36 -31.72
C VAL C 508 -22.56 -17.69 -32.57
N GLU C 509 -22.13 -16.50 -32.15
CA GLU C 509 -21.11 -15.71 -32.84
C GLU C 509 -19.81 -16.54 -32.89
N PHE C 510 -19.37 -17.02 -31.72
CA PHE C 510 -18.14 -17.80 -31.64
C PHE C 510 -18.25 -19.11 -32.42
N ARG C 511 -19.41 -19.80 -32.31
CA ARG C 511 -19.68 -21.03 -33.06
C ARG C 511 -19.33 -20.82 -34.52
N ASP C 512 -19.78 -19.68 -35.09
CA ASP C 512 -19.65 -19.42 -36.51
C ASP C 512 -18.20 -19.10 -36.87
N ASP C 513 -17.53 -18.22 -36.09
CA ASP C 513 -16.16 -17.82 -36.37
C ASP C 513 -15.21 -19.01 -36.43
N PHE C 514 -15.49 -20.00 -35.56
CA PHE C 514 -14.69 -21.21 -35.43
C PHE C 514 -15.05 -22.20 -36.56
N HIS C 515 -16.36 -22.40 -36.85
CA HIS C 515 -16.79 -23.25 -37.97
C HIS C 515 -16.19 -22.75 -39.28
N GLU C 516 -16.29 -21.43 -39.51
CA GLU C 516 -15.85 -20.81 -40.75
C GLU C 516 -14.34 -20.97 -40.92
N MET C 517 -13.61 -20.94 -39.79
CA MET C 517 -12.17 -21.04 -39.80
C MET C 517 -11.74 -22.49 -40.02
N TRP C 518 -12.59 -23.45 -39.66
CA TRP C 518 -12.33 -24.86 -39.97
C TRP C 518 -12.56 -25.15 -41.45
N LEU C 519 -13.50 -24.40 -42.08
CA LEU C 519 -13.78 -24.51 -43.51
C LEU C 519 -12.60 -23.95 -44.33
N LEU C 520 -12.04 -22.80 -43.93
CA LEU C 520 -10.84 -22.25 -44.55
C LEU C 520 -9.66 -23.23 -44.45
N PHE C 521 -9.58 -24.02 -43.37
CA PHE C 521 -8.52 -25.00 -43.20
C PHE C 521 -8.76 -26.20 -44.12
N ARG C 522 -10.04 -26.55 -44.31
CA ARG C 522 -10.41 -27.82 -44.92
C ARG C 522 -10.05 -27.76 -46.41
N ASN C 523 -10.39 -26.66 -47.07
CA ASN C 523 -10.22 -26.55 -48.52
C ASN C 523 -8.87 -25.92 -48.88
N ASP C 524 -8.14 -25.30 -47.93
CA ASP C 524 -6.72 -24.99 -48.10
C ASP C 524 -5.81 -26.16 -47.70
N GLY C 525 -6.39 -27.25 -47.15
CA GLY C 525 -5.65 -28.33 -46.51
C GLY C 525 -4.58 -27.81 -45.53
N THR C 526 -4.93 -26.82 -44.70
CA THR C 526 -4.02 -26.31 -43.69
C THR C 526 -3.66 -27.41 -42.69
N THR C 527 -2.46 -27.23 -42.10
CA THR C 527 -1.77 -28.29 -41.41
C THR C 527 -1.38 -27.77 -40.02
N VAL C 528 -1.14 -28.68 -39.08
CA VAL C 528 -0.83 -28.27 -37.71
C VAL C 528 0.41 -27.37 -37.68
N GLN C 529 1.52 -27.84 -38.31
CA GLN C 529 2.80 -27.14 -38.27
C GLN C 529 2.69 -25.76 -38.92
N GLN C 530 1.74 -25.63 -39.87
CA GLN C 530 1.55 -24.44 -40.70
C GLN C 530 0.76 -23.42 -39.90
N LEU C 531 -0.20 -23.91 -39.11
CA LEU C 531 -0.96 -23.06 -38.22
C LEU C 531 -0.06 -22.65 -37.04
N TRP C 532 0.83 -23.55 -36.63
CA TRP C 532 1.79 -23.24 -35.59
C TRP C 532 2.67 -22.08 -36.02
N SER C 533 3.12 -22.13 -37.29
CA SER C 533 4.01 -21.12 -37.87
C SER C 533 3.35 -19.74 -37.83
N ILE C 534 2.08 -19.68 -38.27
CA ILE C 534 1.28 -18.45 -38.22
C ILE C 534 1.14 -17.94 -36.78
N LEU C 535 0.92 -18.88 -35.83
CA LEU C 535 0.66 -18.56 -34.43
C LEU C 535 1.92 -17.98 -33.78
N ARG C 536 3.09 -18.56 -34.10
CA ARG C 536 4.39 -18.02 -33.70
C ARG C 536 4.60 -16.59 -34.22
N SER C 537 4.07 -16.30 -35.43
CA SER C 537 4.15 -14.97 -36.03
C SER C 537 3.38 -13.97 -35.16
N TYR C 538 2.15 -14.37 -34.77
CA TYR C 538 1.28 -13.54 -33.96
C TYR C 538 1.87 -13.31 -32.57
N SER C 539 2.70 -14.27 -32.11
CA SER C 539 3.47 -14.15 -30.88
C SER C 539 4.34 -12.89 -30.92
N ARG C 540 5.21 -12.77 -31.96
CA ARG C 540 6.16 -11.67 -32.08
C ARG C 540 5.48 -10.34 -32.44
N LEU C 541 4.33 -10.40 -33.14
CA LEU C 541 3.49 -9.22 -33.38
C LEU C 541 2.97 -8.58 -32.09
N ILE C 542 2.37 -9.40 -31.21
CA ILE C 542 1.74 -8.94 -29.97
C ILE C 542 2.82 -8.36 -29.04
N LYS C 543 4.03 -8.94 -29.10
CA LYS C 543 5.18 -8.54 -28.31
C LYS C 543 5.47 -7.05 -28.54
N GLU C 544 5.70 -6.69 -29.82
CA GLU C 544 6.23 -5.37 -30.16
C GLU C 544 5.09 -4.34 -30.10
N LYS C 545 3.82 -4.77 -30.27
CA LYS C 545 2.67 -4.06 -29.73
C LYS C 545 2.44 -4.47 -28.27
N ASN C 553 -8.46 -11.37 -29.48
CA ASN C 553 -9.77 -12.10 -29.45
C ASN C 553 -10.26 -12.26 -30.89
N LYS C 554 -11.06 -11.30 -31.35
CA LYS C 554 -11.55 -11.23 -32.72
C LYS C 554 -10.40 -11.06 -33.72
N ALA C 555 -9.25 -10.48 -33.28
CA ALA C 555 -8.11 -10.11 -34.12
C ALA C 555 -7.13 -11.25 -34.40
N SER C 556 -7.09 -12.33 -33.57
CA SER C 556 -6.27 -13.52 -33.85
C SER C 556 -6.77 -14.16 -35.13
N LYS C 557 -8.10 -14.19 -35.28
CA LYS C 557 -8.75 -14.88 -36.37
C LYS C 557 -8.68 -14.00 -37.62
N LYS C 558 -8.62 -12.66 -37.43
CA LYS C 558 -8.40 -11.74 -38.55
C LYS C 558 -7.03 -12.02 -39.19
N LYS C 559 -5.98 -12.25 -38.41
CA LYS C 559 -4.62 -12.29 -38.92
C LYS C 559 -4.21 -13.68 -39.45
N LEU C 560 -5.07 -14.70 -39.27
CA LEU C 560 -4.89 -15.99 -39.92
C LEU C 560 -5.46 -15.92 -41.33
N TYR C 561 -6.64 -15.30 -41.45
CA TYR C 561 -7.19 -14.88 -42.74
C TYR C 561 -6.07 -14.36 -43.64
N ASP C 562 -5.27 -13.41 -43.09
CA ASP C 562 -4.20 -12.72 -43.79
C ASP C 562 -3.10 -13.70 -44.15
N PHE C 563 -2.55 -14.42 -43.15
CA PHE C 563 -1.41 -15.29 -43.39
C PHE C 563 -1.87 -16.50 -44.24
N ILE C 564 -3.17 -16.83 -44.23
CA ILE C 564 -3.75 -17.92 -45.03
C ILE C 564 -3.96 -17.50 -46.49
N LYS C 565 -4.49 -16.27 -46.67
CA LYS C 565 -4.84 -15.67 -47.96
C LYS C 565 -3.63 -15.67 -48.91
N GLU C 566 -2.43 -15.40 -48.38
CA GLU C 566 -1.20 -15.41 -49.15
C GLU C 566 -0.95 -16.81 -49.73
N GLU C 567 -1.63 -17.82 -49.17
CA GLU C 567 -1.72 -19.16 -49.76
C GLU C 567 -3.16 -19.38 -50.25
N4 LQX D . -13.80 17.30 23.21
N5 LQX D . -8.59 23.26 26.96
C1 LQX D . -11.21 22.65 29.31
C2 LQX D . -10.19 22.59 28.21
C3 LQX D . -9.92 21.55 27.30
C4 LQX D . -8.87 21.99 26.52
C5 LQX D . -8.11 21.36 25.35
N1 LQX D . -8.84 21.63 24.08
C6 LQX D . -8.35 22.61 23.23
O1 LQX D . -7.31 23.16 23.49
N2 LQX D . -9.07 22.94 22.08
C7 LQX D . -8.48 23.96 21.15
C8 LQX D . -8.36 25.28 21.82
C9 LQX D . -7.57 25.62 22.84
N3 LQX D . -7.84 26.87 23.35
C10 LQX D . -8.82 27.55 22.73
C11 LQX D . -9.28 28.91 23.06
S1 LQX D . -9.40 26.58 21.53
C12 LQX D . -10.31 22.36 21.78
O2 LQX D . -10.92 22.68 20.77
C13 LQX D . -10.80 21.32 22.71
C14 LQX D . -12.02 20.66 22.46
C15 LQX D . -12.46 19.69 23.32
S2 LQX D . -14.03 18.91 23.06
O3 LQX D . -14.50 19.30 21.77
O4 LQX D . -14.86 19.22 24.19
C16 LQX D . -13.34 16.48 22.11
C17 LQX D . -11.84 16.57 21.83
C18 LQX D . -14.29 16.15 20.98
C19 LQX D . -14.01 15.13 22.03
C20 LQX D . -11.73 19.38 24.49
C21 LQX D . -10.54 20.00 24.74
C22 LQX D . -10.05 20.98 23.84
C23 LQX D . -7.61 24.25 26.49
N6 LQX D . -9.42 23.65 27.99
C1 GOL E . -17.76 -6.12 -11.30
O1 GOL E . -17.31 -6.90 -10.20
C2 GOL E . -18.49 -4.87 -10.85
O2 GOL E . -17.51 -3.87 -10.53
C3 GOL E . -19.39 -5.08 -9.65
O3 GOL E . -20.45 -4.11 -9.56
C1 GOL F . -40.65 18.24 10.08
O1 GOL F . -41.42 17.75 11.18
C2 GOL F . -40.95 17.57 8.74
O2 GOL F . -40.11 18.10 7.70
C3 GOL F . -40.81 16.06 8.73
O3 GOL F . -39.52 15.68 8.24
S SO4 G . -7.74 -1.37 -4.28
O1 SO4 G . -6.49 -0.90 -4.84
O2 SO4 G . -7.57 -2.44 -3.20
O3 SO4 G . -8.37 -0.16 -3.79
O4 SO4 G . -8.56 -1.92 -5.33
S SO4 H . -10.60 5.95 -0.77
O1 SO4 H . -9.20 5.78 -0.26
O2 SO4 H . -10.59 5.36 -2.15
O3 SO4 H . -10.94 7.40 -0.73
O4 SO4 H . -11.65 5.22 0.04
S SO4 I . -39.01 30.01 17.16
O1 SO4 I . -38.20 31.15 17.56
O2 SO4 I . -38.47 28.81 17.74
O3 SO4 I . -40.35 30.20 17.62
O4 SO4 I . -39.01 29.90 15.71
CL CL J . -2.79 -18.09 -0.95
N4 LQX K . 37.64 20.98 -11.68
N5 LQX K . 41.37 23.38 -19.10
C1 LQX K . 43.45 20.72 -18.02
C2 LQX K . 42.33 21.68 -18.26
C3 LQX K . 40.99 21.66 -17.78
C4 LQX K . 40.38 22.78 -18.32
C5 LQX K . 38.96 23.33 -18.27
N1 LQX K . 38.79 24.31 -17.17
C6 LQX K . 38.68 25.67 -17.43
O1 LQX K . 38.65 26.05 -18.59
N2 LQX K . 38.61 26.58 -16.36
C7 LQX K . 38.59 28.04 -16.64
C8 LQX K . 39.92 28.48 -17.21
C9 LQX K . 40.45 28.22 -18.42
N3 LQX K . 41.71 28.71 -18.63
C10 LQX K . 42.24 29.37 -17.62
C11 LQX K . 43.59 30.00 -17.68
S1 LQX K . 41.11 29.34 -16.39
C12 LQX K . 38.62 26.17 -15.02
O2 LQX K . 38.56 27.01 -14.13
C13 LQX K . 38.64 24.72 -14.78
C14 LQX K . 38.60 24.20 -13.50
C15 LQX K . 38.68 22.83 -13.31
S2 LQX K . 38.76 22.17 -11.68
O3 LQX K . 38.43 23.24 -10.79
O4 LQX K . 40.05 21.54 -11.53
C16 LQX K . 36.30 21.27 -11.23
C17 LQX K . 35.46 22.01 -12.25
C18 LQX K . 36.02 21.51 -9.76
C19 LQX K . 35.67 20.19 -10.39
C20 LQX K . 38.74 21.93 -14.39
C21 LQX K . 38.73 22.42 -15.66
C22 LQX K . 38.72 23.82 -15.86
C23 LQX K . 41.34 24.56 -19.97
N6 LQX K . 42.56 22.71 -19.06
C1 GOL L . 7.02 27.84 13.48
O1 GOL L . 8.06 27.57 14.43
C2 GOL L . 6.58 29.29 13.51
O2 GOL L . 7.72 30.12 13.27
C3 GOL L . 5.51 29.70 12.52
O3 GOL L . 4.62 28.63 12.21
C1 GOL M . 43.32 25.31 17.53
O1 GOL M . 43.45 23.96 17.06
C2 GOL M . 41.99 25.57 18.21
O2 GOL M . 41.96 26.96 18.54
C3 GOL M . 40.77 25.15 17.38
O3 GOL M . 39.52 25.61 17.88
S SO4 N . 6.77 27.86 0.74
O1 SO4 N . 7.39 29.20 0.42
O2 SO4 N . 7.82 26.92 1.00
O3 SO4 N . 5.90 27.89 1.91
O4 SO4 N . 6.02 27.30 -0.38
CL CL O . -4.62 16.76 -2.52
N4 LQX P . -21.07 -28.79 -17.85
N5 LQX P . -25.17 -21.76 -20.74
C1 LQX P . -26.15 -24.56 -22.74
C2 LQX P . -25.68 -23.63 -21.67
C3 LQX P . -25.29 -23.92 -20.36
C4 LQX P . -24.99 -22.72 -19.76
C5 LQX P . -24.44 -22.40 -18.39
N1 LQX P . -22.95 -22.53 -18.53
C6 LQX P . -22.20 -21.37 -18.65
O1 LQX P . -22.71 -20.28 -18.52
N2 LQX P . -20.82 -21.50 -18.87
C7 LQX P . -20.00 -20.27 -18.92
C8 LQX P . -20.22 -19.49 -20.17
C9 LQX P . -21.31 -18.89 -20.66
N3 LQX P . -21.09 -18.25 -21.87
C10 LQX P . -19.84 -18.35 -22.34
C11 LQX P . -19.32 -17.78 -23.62
S1 LQX P . -18.95 -19.24 -21.24
C12 LQX P . -20.15 -22.72 -18.97
O2 LQX P . -18.94 -22.73 -19.15
C13 LQX P . -20.98 -23.92 -18.88
C14 LQX P . -20.40 -25.20 -18.98
C15 LQX P . -21.20 -26.31 -18.89
S2 LQX P . -20.51 -27.91 -19.09
O3 LQX P . -19.09 -27.77 -19.11
O4 LQX P . -21.08 -28.58 -20.23
C16 LQX P . -20.63 -28.64 -16.48
C17 LQX P . -20.80 -27.27 -15.86
C18 LQX P . -19.47 -29.51 -16.12
C19 LQX P . -20.83 -29.80 -15.56
C20 LQX P . -22.59 -26.20 -18.65
C21 LQX P . -23.16 -24.97 -18.50
C22 LQX P . -22.37 -23.79 -18.64
C23 LQX P . -25.01 -20.31 -20.69
N6 LQX P . -25.58 -22.33 -21.92
C1 GOL Q . 5.07 -42.84 9.12
O1 GOL Q . 5.87 -42.62 7.95
C2 GOL Q . 5.44 -41.87 10.23
O2 GOL Q . 5.26 -40.51 9.80
C3 GOL Q . 4.62 -42.12 11.50
O3 GOL Q . 4.26 -40.92 12.15
S SO4 R . -4.05 -32.11 11.27
O1 SO4 R . -3.55 -33.42 11.74
O2 SO4 R . -3.53 -31.00 12.01
O3 SO4 R . -5.48 -32.07 11.49
O4 SO4 R . -3.66 -31.92 9.86
S SO4 S . -3.90 -30.17 2.81
O1 SO4 S . -3.41 -29.32 1.73
O2 SO4 S . -2.86 -30.38 3.82
O3 SO4 S . -4.98 -29.44 3.45
O4 SO4 S . -4.36 -31.48 2.24
CL CL T . 3.65 -36.88 0.71
#